data_8CFH
#
_entry.id   8CFH
#
_cell.length_a   175.240
_cell.length_b   104.120
_cell.length_c   107.170
_cell.angle_alpha   90.00
_cell.angle_beta   100.44
_cell.angle_gamma   90.00
#
_symmetry.space_group_name_H-M   'C 1 2 1'
#
loop_
_entity.id
_entity.type
_entity.pdbx_description
1 polymer Adenosylhomocysteinase
2 non-polymer NICOTINAMIDE-ADENINE-DINUCLEOTIDE
3 non-polymer ADENINE
4 non-polymer 'POTASSIUM ION'
5 non-polymer 'PHOSPHATE ION'
6 non-polymer (3S)-3-hydroxy-2-methyl-2,3-dihydro-1H-isoindol-1-one
7 non-polymer 'DIMETHYL SULFOXIDE'
8 water water
#
_entity_poly.entity_id   1
_entity_poly.type   'polypeptide(L)'
_entity_poly.pdbx_seq_one_letter_code
;SNAMSAVMTPAGFTDYKVADITLAAWGRRELIIAESEMPALMGLRRKYAGQQPLKGAKILGCIHMTIQTGVLIETLVALG
AEVRWSSCNIFSTQDQAAAAIAAAGIPVFAWKGETEEEYEWCIEQTILKDGQPWDANMVLDDGGDLTEILHKKYPQMLER
IHGITEETTTGVHRLLDMLKNGTLKVPAINVNDSVTKSKNDNKYGCRHSLNDAIKRGTDHLLSGKQALVIGYGDVGKGSS
QSLRQEGMIVKVAEVDPICAMQACMDGFEVVSPYKNGINDGTEASIDAALLGKIDLIVTTTGNVNVCDANMLKALKKRAV
VCNIGHFDNEIDTAFMRKNWAWEEVKPQVHKIHRTGKDGFDAHNDDYLILLAEGRLVNLGNATGHPSRIMDGSFANQVLA
QIHLFEQKYADLPAAEKAKRLSVEVLPKKLDEEVALEMVKGFGGVVTQLTPKQAEYIGVSVEGPFKPDTYRY
;
_entity_poly.pdbx_strand_id   A,B,C,D
#
loop_
_chem_comp.id
_chem_comp.type
_chem_comp.name
_chem_comp.formula
ADE non-polymer ADENINE 'C5 H5 N5'
DMS non-polymer 'DIMETHYL SULFOXIDE' 'C2 H6 O S'
K non-polymer 'POTASSIUM ION' 'K 1'
NAD non-polymer NICOTINAMIDE-ADENINE-DINUCLEOTIDE 'C21 H27 N7 O14 P2'
PO4 non-polymer 'PHOSPHATE ION' 'O4 P -3'
R8V non-polymer (3S)-3-hydroxy-2-methyl-2,3-dihydro-1H-isoindol-1-one 'C9 H9 N O2'
#
# COMPACT_ATOMS: atom_id res chain seq x y z
N ALA A 11 16.26 -50.32 -6.84
CA ALA A 11 17.06 -51.40 -7.40
C ALA A 11 17.13 -51.30 -8.93
N GLY A 12 18.25 -50.79 -9.43
CA GLY A 12 18.53 -50.79 -10.85
C GLY A 12 17.71 -49.84 -11.69
N PHE A 13 17.10 -48.82 -11.08
CA PHE A 13 16.30 -47.86 -11.83
C PHE A 13 17.23 -46.93 -12.60
N THR A 14 17.10 -46.91 -13.92
CA THR A 14 17.92 -46.03 -14.76
C THR A 14 17.09 -45.19 -15.73
N ASP A 15 15.77 -45.23 -15.63
CA ASP A 15 14.88 -44.63 -16.64
C ASP A 15 14.61 -43.17 -16.31
N TYR A 16 15.67 -42.36 -16.40
CA TYR A 16 15.61 -40.94 -16.04
C TYR A 16 16.87 -40.24 -16.53
N LYS A 17 16.85 -38.91 -16.50
CA LYS A 17 18.05 -38.13 -16.75
C LYS A 17 17.90 -36.81 -16.00
N VAL A 18 18.78 -36.58 -15.03
CA VAL A 18 18.77 -35.38 -14.20
C VAL A 18 20.20 -34.89 -14.05
N ALA A 19 20.35 -33.67 -13.49
CA ALA A 19 21.67 -33.06 -13.36
C ALA A 19 22.54 -33.84 -12.38
N ASP A 20 21.97 -34.24 -11.23
CA ASP A 20 22.81 -34.78 -10.16
C ASP A 20 21.90 -35.53 -9.19
N ILE A 21 21.93 -36.87 -9.28
CA ILE A 21 21.02 -37.68 -8.48
C ILE A 21 21.33 -37.55 -7.00
N THR A 22 22.54 -37.11 -6.63
CA THR A 22 22.87 -37.02 -5.21
C THR A 22 22.19 -35.84 -4.53
N LEU A 23 21.47 -35.00 -5.28
CA LEU A 23 20.68 -33.93 -4.70
C LEU A 23 19.35 -34.42 -4.16
N ALA A 24 19.08 -35.72 -4.23
CA ALA A 24 17.74 -36.23 -3.96
C ALA A 24 17.36 -36.03 -2.49
N ALA A 25 18.29 -36.28 -1.57
CA ALA A 25 17.96 -36.10 -0.16
C ALA A 25 17.52 -34.68 0.13
N TRP A 26 18.23 -33.70 -0.45
CA TRP A 26 17.87 -32.31 -0.30
C TRP A 26 16.48 -32.06 -0.88
N GLY A 27 16.23 -32.57 -2.10
CA GLY A 27 14.92 -32.40 -2.70
C GLY A 27 13.81 -33.00 -1.86
N ARG A 28 14.06 -34.18 -1.27
CA ARG A 28 13.06 -34.80 -0.41
C ARG A 28 12.78 -33.95 0.82
N ARG A 29 13.82 -33.36 1.43
CA ARG A 29 13.58 -32.45 2.54
C ARG A 29 12.64 -31.33 2.13
N GLU A 30 12.84 -30.78 0.93
CA GLU A 30 12.02 -29.64 0.51
C GLU A 30 10.63 -30.09 0.10
N LEU A 31 10.50 -31.32 -0.40
CA LEU A 31 9.18 -31.85 -0.70
C LEU A 31 8.34 -32.01 0.55
N ILE A 32 8.95 -32.51 1.63
CA ILE A 32 8.25 -32.69 2.89
C ILE A 32 7.78 -31.33 3.44
N ILE A 33 8.61 -30.29 3.30
CA ILE A 33 8.16 -28.96 3.66
C ILE A 33 7.02 -28.50 2.75
N ALA A 34 7.16 -28.69 1.43
CA ALA A 34 6.13 -28.22 0.50
C ALA A 34 4.80 -28.91 0.77
N GLU A 35 4.84 -30.19 1.15
CA GLU A 35 3.58 -30.87 1.45
C GLU A 35 2.80 -30.13 2.54
N SER A 36 3.48 -29.57 3.54
CA SER A 36 2.77 -28.84 4.59
C SER A 36 2.23 -27.49 4.12
N GLU A 37 2.69 -27.01 2.96
CA GLU A 37 2.26 -25.76 2.37
C GLU A 37 1.18 -25.96 1.31
N MET A 38 0.74 -27.20 1.07
CA MET A 38 -0.16 -27.50 -0.05
C MET A 38 -1.34 -28.32 0.46
N PRO A 39 -2.18 -27.71 1.31
CA PRO A 39 -3.25 -28.49 1.94
C PRO A 39 -4.32 -28.96 0.96
N ALA A 40 -4.62 -28.20 -0.09
CA ALA A 40 -5.66 -28.68 -0.99
C ALA A 40 -5.17 -29.91 -1.74
N LEU A 41 -3.94 -29.85 -2.23
CA LEU A 41 -3.37 -30.98 -2.95
C LEU A 41 -3.20 -32.20 -2.03
N MET A 42 -2.65 -31.98 -0.83
N MET A 42 -2.68 -31.99 -0.82
CA MET A 42 -2.51 -33.07 0.13
CA MET A 42 -2.51 -33.12 0.08
C MET A 42 -3.87 -33.64 0.51
C MET A 42 -3.86 -33.64 0.59
N GLY A 43 -4.87 -32.78 0.68
CA GLY A 43 -6.20 -33.26 1.03
C GLY A 43 -6.77 -34.17 -0.05
N LEU A 44 -6.47 -33.87 -1.32
CA LEU A 44 -6.88 -34.77 -2.41
C LEU A 44 -6.13 -36.10 -2.32
N ARG A 45 -4.84 -36.03 -1.97
CA ARG A 45 -4.08 -37.25 -1.80
C ARG A 45 -4.69 -38.13 -0.71
N ARG A 46 -5.10 -37.53 0.41
CA ARG A 46 -5.71 -38.33 1.48
C ARG A 46 -7.11 -38.81 1.09
N LYS A 47 -7.87 -37.97 0.40
CA LYS A 47 -9.26 -38.31 0.10
C LYS A 47 -9.34 -39.46 -0.90
N TYR A 48 -8.48 -39.46 -1.92
CA TYR A 48 -8.63 -40.36 -3.05
C TYR A 48 -7.66 -41.54 -3.06
N ALA A 49 -6.73 -41.62 -2.10
CA ALA A 49 -5.68 -42.62 -2.18
C ALA A 49 -6.23 -44.04 -2.10
N GLY A 50 -7.20 -44.27 -1.21
CA GLY A 50 -7.77 -45.60 -1.08
C GLY A 50 -8.62 -45.98 -2.27
N GLN A 51 -9.23 -45.00 -2.94
CA GLN A 51 -10.07 -45.27 -4.11
CA GLN A 51 -10.06 -45.28 -4.10
C GLN A 51 -9.24 -45.50 -5.36
N GLN A 52 -7.99 -45.03 -5.40
CA GLN A 52 -7.11 -45.24 -6.56
C GLN A 52 -7.80 -44.82 -7.87
N PRO A 53 -8.32 -43.60 -7.94
CA PRO A 53 -9.07 -43.21 -9.15
C PRO A 53 -8.21 -43.11 -10.41
N LEU A 54 -6.90 -43.02 -10.27
CA LEU A 54 -6.01 -42.99 -11.43
C LEU A 54 -5.32 -44.32 -11.68
N LYS A 55 -5.81 -45.40 -11.08
CA LYS A 55 -5.26 -46.72 -11.38
C LYS A 55 -5.45 -47.02 -12.86
N GLY A 56 -4.36 -47.37 -13.55
CA GLY A 56 -4.41 -47.58 -14.98
C GLY A 56 -4.09 -46.36 -15.81
N ALA A 57 -4.04 -45.18 -15.21
CA ALA A 57 -3.68 -43.97 -15.95
C ALA A 57 -2.19 -43.96 -16.23
N LYS A 58 -1.83 -43.52 -17.43
CA LYS A 58 -0.44 -43.42 -17.83
C LYS A 58 -0.26 -42.02 -18.39
N ILE A 59 0.31 -41.12 -17.58
CA ILE A 59 0.27 -39.68 -17.84
C ILE A 59 1.63 -39.24 -18.37
N LEU A 60 1.62 -38.65 -19.56
CA LEU A 60 2.77 -37.87 -20.04
C LEU A 60 2.65 -36.47 -19.45
N GLY A 61 3.65 -36.05 -18.66
CA GLY A 61 3.62 -34.76 -17.98
C GLY A 61 4.70 -33.85 -18.52
N CYS A 62 4.33 -32.61 -18.85
CA CYS A 62 5.32 -31.63 -19.29
C CYS A 62 5.06 -30.31 -18.58
N ILE A 63 5.78 -30.07 -17.49
CA ILE A 63 5.62 -28.85 -16.69
C ILE A 63 6.84 -28.68 -15.81
N HIS A 64 7.27 -27.42 -15.66
CA HIS A 64 8.39 -26.99 -14.83
C HIS A 64 8.68 -27.96 -13.72
N MET A 65 9.86 -28.60 -13.74
CA MET A 65 10.18 -29.66 -12.77
C MET A 65 10.71 -29.02 -11.48
N THR A 66 9.77 -28.39 -10.76
CA THR A 66 10.01 -27.72 -9.48
C THR A 66 9.63 -28.64 -8.32
N ILE A 67 9.93 -28.17 -7.11
CA ILE A 67 9.46 -28.86 -5.90
C ILE A 67 7.94 -28.95 -5.90
N GLN A 68 7.25 -27.89 -6.34
CA GLN A 68 5.80 -27.91 -6.35
C GLN A 68 5.29 -28.98 -7.30
N THR A 69 5.91 -29.06 -8.48
CA THR A 69 5.55 -30.12 -9.42
C THR A 69 5.85 -31.50 -8.85
N GLY A 70 6.89 -31.63 -8.04
CA GLY A 70 7.14 -32.89 -7.38
C GLY A 70 5.96 -33.34 -6.54
N VAL A 71 5.36 -32.42 -5.77
CA VAL A 71 4.22 -32.78 -4.94
C VAL A 71 3.04 -33.20 -5.80
N LEU A 72 2.85 -32.49 -6.92
CA LEU A 72 1.84 -32.86 -7.91
C LEU A 72 2.10 -34.28 -8.46
N ILE A 73 3.33 -34.54 -8.90
CA ILE A 73 3.66 -35.84 -9.48
C ILE A 73 3.37 -36.94 -8.47
N GLU A 74 3.82 -36.74 -7.23
CA GLU A 74 3.66 -37.83 -6.27
C GLU A 74 2.21 -37.99 -5.82
N THR A 75 1.39 -36.94 -5.96
CA THR A 75 -0.05 -37.09 -5.72
C THR A 75 -0.69 -37.95 -6.81
N LEU A 76 -0.36 -37.66 -8.07
CA LEU A 76 -0.88 -38.49 -9.16
C LEU A 76 -0.47 -39.95 -8.98
N VAL A 77 0.80 -40.19 -8.65
CA VAL A 77 1.25 -41.57 -8.43
C VAL A 77 0.51 -42.20 -7.24
N ALA A 78 0.37 -41.43 -6.15
CA ALA A 78 -0.31 -41.94 -4.97
C ALA A 78 -1.75 -42.33 -5.26
N LEU A 79 -2.39 -41.66 -6.23
CA LEU A 79 -3.73 -41.99 -6.68
C LEU A 79 -3.77 -43.11 -7.71
N GLY A 80 -2.62 -43.70 -8.05
CA GLY A 80 -2.59 -44.90 -8.89
C GLY A 80 -1.96 -44.72 -10.25
N ALA A 81 -1.63 -43.51 -10.68
CA ALA A 81 -1.10 -43.31 -12.03
C ALA A 81 0.36 -43.72 -12.14
N GLU A 82 0.76 -44.10 -13.36
CA GLU A 82 2.15 -44.06 -13.78
C GLU A 82 2.37 -42.79 -14.59
N VAL A 83 3.57 -42.19 -14.47
CA VAL A 83 3.85 -40.96 -15.20
C VAL A 83 5.21 -41.05 -15.86
N ARG A 84 5.42 -40.23 -16.90
CA ARG A 84 6.75 -39.96 -17.46
C ARG A 84 6.81 -38.45 -17.65
N TRP A 85 7.87 -37.81 -17.14
CA TRP A 85 7.84 -36.37 -16.90
C TRP A 85 9.00 -35.64 -17.58
N SER A 86 8.73 -34.41 -18.03
CA SER A 86 9.76 -33.50 -18.50
C SER A 86 9.38 -32.10 -18.06
N SER A 87 10.34 -31.18 -18.12
CA SER A 87 10.04 -29.78 -17.83
C SER A 87 9.54 -29.10 -19.09
N CYS A 88 8.74 -28.04 -18.94
CA CYS A 88 8.29 -27.27 -20.10
C CYS A 88 9.12 -26.01 -20.34
N ASN A 89 10.26 -25.86 -19.66
CA ASN A 89 11.16 -24.74 -19.93
C ASN A 89 12.59 -25.17 -19.65
N ILE A 90 13.53 -24.65 -20.46
CA ILE A 90 14.93 -25.06 -20.31
C ILE A 90 15.56 -24.57 -19.01
N PHE A 91 14.99 -23.54 -18.35
CA PHE A 91 15.62 -23.01 -17.13
C PHE A 91 14.80 -23.17 -15.85
N SER A 92 13.63 -23.83 -15.90
CA SER A 92 12.72 -23.80 -14.76
C SER A 92 12.90 -24.98 -13.80
N THR A 93 13.59 -26.05 -14.18
CA THR A 93 13.77 -27.17 -13.27
C THR A 93 14.55 -26.75 -12.02
N GLN A 94 14.13 -27.27 -10.87
CA GLN A 94 14.98 -27.27 -9.68
C GLN A 94 15.65 -28.63 -9.61
N ASP A 95 16.98 -28.65 -9.72
CA ASP A 95 17.66 -29.93 -9.87
C ASP A 95 17.43 -30.86 -8.68
N GLN A 96 17.25 -30.31 -7.46
CA GLN A 96 17.00 -31.19 -6.32
C GLN A 96 15.60 -31.80 -6.39
N ALA A 97 14.63 -31.10 -7.00
CA ALA A 97 13.31 -31.67 -7.21
C ALA A 97 13.37 -32.81 -8.21
N ALA A 98 14.03 -32.59 -9.35
CA ALA A 98 14.15 -33.64 -10.34
C ALA A 98 14.83 -34.86 -9.73
N ALA A 99 15.90 -34.63 -8.96
CA ALA A 99 16.62 -35.75 -8.37
C ALA A 99 15.74 -36.54 -7.40
N ALA A 100 14.92 -35.86 -6.61
CA ALA A 100 14.11 -36.58 -5.63
C ALA A 100 13.08 -37.43 -6.35
N ILE A 101 12.54 -36.94 -7.46
CA ILE A 101 11.53 -37.68 -8.21
C ILE A 101 12.17 -38.90 -8.88
N ALA A 102 13.33 -38.70 -9.51
CA ALA A 102 14.07 -39.84 -10.07
C ALA A 102 14.41 -40.86 -9.00
N ALA A 103 14.89 -40.41 -7.84
CA ALA A 103 15.25 -41.35 -6.79
C ALA A 103 14.06 -42.15 -6.28
N ALA A 104 12.85 -41.63 -6.48
CA ALA A 104 11.63 -42.35 -6.12
C ALA A 104 11.23 -43.35 -7.20
N GLY A 105 12.02 -43.49 -8.25
CA GLY A 105 11.73 -44.48 -9.29
C GLY A 105 10.73 -43.98 -10.30
N ILE A 106 10.64 -42.67 -10.49
CA ILE A 106 9.68 -42.08 -11.42
C ILE A 106 10.45 -41.54 -12.62
N PRO A 107 10.10 -41.90 -13.85
CA PRO A 107 10.86 -41.39 -15.00
C PRO A 107 10.70 -39.87 -15.12
N VAL A 108 11.83 -39.18 -15.07
CA VAL A 108 11.86 -37.73 -15.22
C VAL A 108 13.09 -37.38 -16.02
N PHE A 109 12.95 -36.45 -16.96
CA PHE A 109 14.03 -36.03 -17.86
C PHE A 109 14.04 -34.50 -17.82
N ALA A 110 14.90 -33.93 -16.98
CA ALA A 110 14.79 -32.50 -16.70
C ALA A 110 16.01 -32.03 -15.92
N TRP A 111 16.53 -30.87 -16.31
CA TRP A 111 17.59 -30.23 -15.54
C TRP A 111 17.59 -28.75 -15.86
N LYS A 112 18.14 -27.95 -14.95
CA LYS A 112 18.21 -26.52 -15.17
C LYS A 112 19.34 -26.21 -16.16
N GLY A 113 19.03 -25.42 -17.19
CA GLY A 113 20.03 -25.09 -18.18
C GLY A 113 20.12 -26.01 -19.37
N GLU A 114 19.01 -26.61 -19.78
CA GLU A 114 18.96 -27.43 -20.99
C GLU A 114 19.25 -26.58 -22.21
N THR A 115 19.84 -27.21 -23.23
CA THR A 115 19.81 -26.63 -24.56
C THR A 115 18.46 -26.92 -25.21
N GLU A 116 18.16 -26.21 -26.30
CA GLU A 116 16.90 -26.49 -27.00
C GLU A 116 16.86 -27.93 -27.49
N GLU A 117 17.99 -28.43 -27.98
CA GLU A 117 18.05 -29.82 -28.42
CA GLU A 117 18.04 -29.83 -28.41
C GLU A 117 17.78 -30.77 -27.26
N GLU A 118 18.38 -30.49 -26.09
CA GLU A 118 18.13 -31.33 -24.93
C GLU A 118 16.67 -31.23 -24.47
N TYR A 119 16.10 -30.02 -24.50
CA TYR A 119 14.69 -29.84 -24.19
C TYR A 119 13.82 -30.79 -25.01
N GLU A 120 14.01 -30.82 -26.33
CA GLU A 120 13.20 -31.68 -27.19
C GLU A 120 13.46 -33.15 -26.89
N TRP A 121 14.73 -33.50 -26.65
CA TRP A 121 15.08 -34.87 -26.29
C TRP A 121 14.37 -35.31 -25.01
N CYS A 122 14.32 -34.44 -23.99
CA CYS A 122 13.63 -34.81 -22.74
C CYS A 122 12.16 -35.12 -22.99
N ILE A 123 11.48 -34.29 -23.79
CA ILE A 123 10.07 -34.56 -24.06
C ILE A 123 9.94 -35.89 -24.79
N GLU A 124 10.84 -36.17 -25.72
CA GLU A 124 10.74 -37.43 -26.45
C GLU A 124 11.04 -38.62 -25.55
N GLN A 125 11.81 -38.44 -24.47
CA GLN A 125 12.05 -39.56 -23.57
C GLN A 125 10.81 -39.91 -22.76
N THR A 126 9.90 -38.95 -22.55
CA THR A 126 8.66 -39.29 -21.88
C THR A 126 7.74 -40.05 -22.85
N ILE A 127 7.76 -39.65 -24.13
CA ILE A 127 6.88 -40.24 -25.14
C ILE A 127 7.30 -41.66 -25.47
N LEU A 128 8.61 -41.90 -25.54
CA LEU A 128 9.15 -43.21 -25.88
C LEU A 128 9.66 -43.92 -24.63
N LYS A 129 9.34 -45.21 -24.52
CA LYS A 129 9.88 -46.09 -23.50
C LYS A 129 10.55 -47.26 -24.20
N ASP A 130 11.85 -47.42 -23.98
CA ASP A 130 12.62 -48.46 -24.65
C ASP A 130 12.49 -48.34 -26.17
N GLY A 131 12.60 -47.11 -26.66
CA GLY A 131 12.63 -46.87 -28.09
C GLY A 131 11.30 -47.00 -28.79
N GLN A 132 10.20 -47.20 -28.07
CA GLN A 132 8.88 -47.35 -28.67
C GLN A 132 7.89 -46.45 -27.95
N PRO A 133 6.81 -46.05 -28.62
CA PRO A 133 5.81 -45.22 -27.94
C PRO A 133 5.28 -45.90 -26.68
N TRP A 134 5.36 -45.17 -25.58
CA TRP A 134 4.71 -45.59 -24.34
C TRP A 134 3.20 -45.62 -24.55
N ASP A 135 2.53 -46.58 -23.91
CA ASP A 135 1.07 -46.66 -24.01
C ASP A 135 0.41 -45.59 -23.11
N ALA A 136 0.73 -44.34 -23.42
CA ALA A 136 0.15 -43.22 -22.67
C ALA A 136 -1.36 -43.17 -22.90
N ASN A 137 -2.10 -42.76 -21.86
CA ASN A 137 -3.52 -42.48 -22.06
C ASN A 137 -3.98 -41.16 -21.44
N MET A 138 -3.09 -40.33 -20.93
CA MET A 138 -3.42 -39.01 -20.39
C MET A 138 -2.24 -38.08 -20.63
N VAL A 139 -2.53 -36.78 -20.72
CA VAL A 139 -1.52 -35.75 -20.94
C VAL A 139 -1.75 -34.61 -19.95
N LEU A 140 -0.69 -34.17 -19.26
CA LEU A 140 -0.70 -32.96 -18.44
C LEU A 140 0.36 -32.04 -19.01
N ASP A 141 -0.04 -30.84 -19.43
CA ASP A 141 0.83 -29.95 -20.21
C ASP A 141 0.77 -28.54 -19.63
N ASP A 142 1.84 -27.79 -19.87
CA ASP A 142 1.97 -26.39 -19.46
C ASP A 142 2.58 -25.64 -20.63
N GLY A 143 1.75 -25.03 -21.47
CA GLY A 143 2.22 -24.26 -22.60
C GLY A 143 1.96 -24.89 -23.95
N GLY A 144 1.65 -26.19 -24.00
CA GLY A 144 1.26 -26.84 -25.25
C GLY A 144 2.37 -27.48 -26.07
N ASP A 145 3.62 -27.47 -25.61
CA ASP A 145 4.70 -28.05 -26.41
C ASP A 145 4.53 -29.56 -26.54
N LEU A 146 4.24 -30.25 -25.44
CA LEU A 146 4.04 -31.69 -25.53
C LEU A 146 2.80 -32.00 -26.38
N THR A 147 1.73 -31.22 -26.18
CA THR A 147 0.51 -31.40 -26.96
C THR A 147 0.80 -31.25 -28.45
N GLU A 148 1.60 -30.26 -28.81
CA GLU A 148 1.93 -30.04 -30.22
C GLU A 148 2.74 -31.19 -30.79
N ILE A 149 3.76 -31.66 -30.07
CA ILE A 149 4.58 -32.78 -30.53
C ILE A 149 3.73 -34.03 -30.73
N LEU A 150 2.82 -34.32 -29.79
CA LEU A 150 1.95 -35.48 -29.98
C LEU A 150 1.12 -35.34 -31.24
N HIS A 151 0.48 -34.17 -31.44
CA HIS A 151 -0.38 -34.02 -32.62
C HIS A 151 0.43 -34.06 -33.91
N LYS A 152 1.64 -33.48 -33.92
CA LYS A 152 2.40 -33.39 -35.15
C LYS A 152 3.16 -34.68 -35.46
N LYS A 153 3.81 -35.26 -34.45
CA LYS A 153 4.77 -36.33 -34.67
C LYS A 153 4.29 -37.68 -34.20
N TYR A 154 3.37 -37.75 -33.23
CA TYR A 154 2.89 -39.02 -32.69
C TYR A 154 1.37 -39.11 -32.68
N PRO A 155 0.71 -38.78 -33.79
CA PRO A 155 -0.76 -38.77 -33.77
C PRO A 155 -1.38 -40.10 -33.39
N GLN A 156 -0.74 -41.21 -33.75
CA GLN A 156 -1.25 -42.53 -33.38
C GLN A 156 -1.35 -42.69 -31.86
N MET A 157 -0.48 -42.02 -31.11
CA MET A 157 -0.58 -42.12 -29.65
C MET A 157 -1.85 -41.44 -29.12
N LEU A 158 -2.30 -40.38 -29.78
CA LEU A 158 -3.49 -39.67 -29.30
C LEU A 158 -4.75 -40.52 -29.41
N GLU A 159 -4.77 -41.52 -30.29
CA GLU A 159 -5.96 -42.36 -30.40
C GLU A 159 -6.27 -43.04 -29.06
N ARG A 160 -5.27 -43.28 -28.23
CA ARG A 160 -5.44 -43.97 -26.95
C ARG A 160 -5.50 -43.00 -25.76
N ILE A 161 -5.40 -41.71 -25.99
CA ILE A 161 -5.33 -40.73 -24.91
C ILE A 161 -6.73 -40.20 -24.61
N HIS A 162 -7.11 -40.17 -23.32
CA HIS A 162 -8.44 -39.75 -22.95
C HIS A 162 -8.58 -38.23 -22.81
N GLY A 163 -7.49 -37.49 -22.70
CA GLY A 163 -7.64 -36.06 -22.47
C GLY A 163 -6.32 -35.41 -22.15
N ILE A 164 -6.33 -34.09 -22.27
CA ILE A 164 -5.19 -33.22 -21.93
C ILE A 164 -5.65 -32.28 -20.84
N THR A 165 -4.84 -32.11 -19.78
CA THR A 165 -5.16 -31.09 -18.78
C THR A 165 -4.10 -29.99 -18.88
N GLU A 166 -4.50 -28.79 -19.31
CA GLU A 166 -3.56 -27.75 -19.72
C GLU A 166 -3.50 -26.65 -18.67
N GLU A 167 -2.28 -26.29 -18.28
CA GLU A 167 -2.02 -25.45 -17.14
C GLU A 167 -2.16 -23.96 -17.42
N THR A 168 -1.77 -23.47 -18.60
CA THR A 168 -1.50 -22.05 -18.69
C THR A 168 -2.18 -21.38 -19.88
N THR A 169 -2.30 -20.04 -19.78
CA THR A 169 -3.07 -19.25 -20.74
C THR A 169 -2.62 -19.51 -22.17
N THR A 170 -1.30 -19.48 -22.39
CA THR A 170 -0.79 -19.72 -23.73
C THR A 170 -1.16 -21.11 -24.23
N GLY A 171 -1.07 -22.12 -23.36
CA GLY A 171 -1.43 -23.48 -23.79
C GLY A 171 -2.90 -23.58 -24.14
N VAL A 172 -3.74 -22.91 -23.35
CA VAL A 172 -5.18 -22.93 -23.62
C VAL A 172 -5.46 -22.26 -24.96
N HIS A 173 -4.79 -21.13 -25.23
CA HIS A 173 -4.98 -20.49 -26.53
C HIS A 173 -4.64 -21.44 -27.67
N ARG A 174 -3.54 -22.19 -27.53
CA ARG A 174 -3.17 -23.13 -28.58
C ARG A 174 -4.21 -24.23 -28.74
N LEU A 175 -4.79 -24.70 -27.64
CA LEU A 175 -5.83 -25.73 -27.74
C LEU A 175 -7.05 -25.19 -28.47
N LEU A 176 -7.45 -23.96 -28.15
CA LEU A 176 -8.65 -23.40 -28.77
C LEU A 176 -8.44 -23.15 -30.26
N ASP A 177 -7.22 -22.78 -30.66
CA ASP A 177 -6.89 -22.71 -32.08
C ASP A 177 -7.08 -24.06 -32.75
N MET A 178 -6.53 -25.12 -32.15
CA MET A 178 -6.71 -26.46 -32.73
C MET A 178 -8.19 -26.83 -32.78
N LEU A 179 -8.94 -26.49 -31.73
CA LEU A 179 -10.37 -26.85 -31.72
C LEU A 179 -11.10 -26.16 -32.88
N LYS A 180 -10.81 -24.88 -33.09
CA LYS A 180 -11.52 -24.17 -34.16
C LYS A 180 -11.08 -24.65 -35.54
N ASN A 181 -9.83 -25.08 -35.68
CA ASN A 181 -9.32 -25.61 -36.94
C ASN A 181 -9.66 -27.06 -37.19
N GLY A 182 -10.30 -27.75 -36.23
CA GLY A 182 -10.58 -29.16 -36.41
C GLY A 182 -9.38 -30.08 -36.29
N THR A 183 -8.30 -29.63 -35.66
CA THR A 183 -7.11 -30.45 -35.53
C THR A 183 -6.88 -30.98 -34.12
N LEU A 184 -7.71 -30.60 -33.15
CA LEU A 184 -7.57 -31.15 -31.80
C LEU A 184 -8.13 -32.57 -31.77
N LYS A 185 -7.34 -33.52 -31.28
CA LYS A 185 -7.71 -34.93 -31.37
C LYS A 185 -8.35 -35.49 -30.10
N VAL A 186 -8.17 -34.83 -28.96
CA VAL A 186 -8.69 -35.32 -27.68
C VAL A 186 -9.20 -34.14 -26.88
N PRO A 187 -10.15 -34.37 -25.97
CA PRO A 187 -10.70 -33.27 -25.18
C PRO A 187 -9.66 -32.76 -24.19
N ALA A 188 -9.87 -31.54 -23.73
CA ALA A 188 -8.98 -30.94 -22.74
C ALA A 188 -9.79 -30.30 -21.62
N ILE A 189 -9.20 -30.26 -20.43
CA ILE A 189 -9.68 -29.37 -19.39
C ILE A 189 -8.73 -28.19 -19.32
N ASN A 190 -9.30 -27.01 -19.46
CA ASN A 190 -8.62 -25.74 -19.24
C ASN A 190 -8.50 -25.56 -17.73
N VAL A 191 -7.36 -25.97 -17.18
CA VAL A 191 -7.08 -25.80 -15.76
C VAL A 191 -6.81 -24.33 -15.46
N ASN A 192 -6.22 -23.60 -16.40
CA ASN A 192 -5.90 -22.19 -16.19
C ASN A 192 -7.07 -21.38 -15.67
N ASP A 193 -8.27 -21.64 -16.18
CA ASP A 193 -9.39 -20.75 -15.92
C ASP A 193 -10.30 -21.21 -14.79
N SER A 194 -9.84 -22.13 -13.94
CA SER A 194 -10.37 -22.13 -12.58
C SER A 194 -9.99 -20.83 -11.91
N VAL A 195 -10.88 -20.29 -11.07
CA VAL A 195 -10.54 -19.05 -10.37
C VAL A 195 -9.38 -19.31 -9.40
N THR A 196 -9.36 -20.49 -8.78
CA THR A 196 -8.25 -20.86 -7.89
C THR A 196 -6.97 -21.15 -8.64
N LYS A 197 -6.97 -20.99 -9.95
CA LYS A 197 -5.74 -21.02 -10.75
C LYS A 197 -5.48 -19.63 -11.32
N SER A 198 -6.29 -19.18 -12.28
CA SER A 198 -6.03 -17.92 -12.99
C SER A 198 -5.92 -16.72 -12.03
N LYS A 199 -6.81 -16.61 -11.06
CA LYS A 199 -6.83 -15.43 -10.19
C LYS A 199 -6.10 -15.67 -8.88
N ASN A 200 -5.19 -16.64 -8.86
CA ASN A 200 -4.38 -17.06 -7.74
C ASN A 200 -2.95 -17.17 -8.26
N ASP A 201 -2.70 -18.23 -9.02
CA ASP A 201 -1.41 -18.49 -9.65
C ASP A 201 -0.99 -17.33 -10.57
N ASN A 202 -1.79 -17.04 -11.60
CA ASN A 202 -1.31 -16.09 -12.62
C ASN A 202 -1.03 -14.73 -12.01
N LYS A 203 -1.86 -14.29 -11.08
CA LYS A 203 -1.73 -12.95 -10.51
C LYS A 203 -0.84 -12.96 -9.26
N TYR A 204 -1.30 -13.61 -8.19
CA TYR A 204 -0.53 -13.53 -6.94
C TYR A 204 0.78 -14.28 -7.02
N GLY A 205 0.84 -15.34 -7.83
CA GLY A 205 2.10 -16.04 -8.02
C GLY A 205 3.18 -15.11 -8.56
N CYS A 206 2.81 -14.30 -9.55
CA CYS A 206 3.80 -13.38 -10.12
C CYS A 206 4.09 -12.24 -9.16
N ARG A 207 3.11 -11.82 -8.36
CA ARG A 207 3.38 -10.82 -7.34
CA ARG A 207 3.38 -10.82 -7.34
C ARG A 207 4.49 -11.28 -6.40
N HIS A 208 4.44 -12.55 -6.00
CA HIS A 208 5.46 -13.12 -5.12
C HIS A 208 6.80 -13.26 -5.84
N SER A 209 6.81 -13.76 -7.08
CA SER A 209 8.06 -14.28 -7.65
C SER A 209 8.75 -13.37 -8.65
N LEU A 210 8.08 -12.33 -9.17
CA LEU A 210 8.78 -11.44 -10.10
C LEU A 210 9.86 -10.63 -9.38
N ASN A 211 9.50 -9.89 -8.32
CA ASN A 211 10.55 -9.14 -7.63
CA ASN A 211 10.54 -9.15 -7.62
C ASN A 211 11.57 -10.10 -7.02
N ASP A 212 11.15 -11.29 -6.60
CA ASP A 212 12.07 -12.32 -6.13
C ASP A 212 13.17 -12.60 -7.17
N ALA A 213 12.76 -12.89 -8.40
CA ALA A 213 13.72 -13.24 -9.45
C ALA A 213 14.63 -12.05 -9.78
N ILE A 214 14.09 -10.84 -9.81
CA ILE A 214 14.92 -9.69 -10.13
C ILE A 214 15.98 -9.48 -9.05
N LYS A 215 15.59 -9.60 -7.78
CA LYS A 215 16.56 -9.47 -6.70
C LYS A 215 17.63 -10.55 -6.79
N ARG A 216 17.24 -11.81 -7.00
CA ARG A 216 18.25 -12.86 -7.06
C ARG A 216 19.21 -12.67 -8.24
N GLY A 217 18.69 -12.25 -9.40
CA GLY A 217 19.55 -12.04 -10.55
C GLY A 217 20.46 -10.82 -10.51
N THR A 218 19.98 -9.69 -9.96
CA THR A 218 20.71 -8.43 -9.99
C THR A 218 21.00 -7.85 -8.62
N ASP A 219 20.24 -8.20 -7.59
CA ASP A 219 20.28 -7.54 -6.28
C ASP A 219 20.10 -6.03 -6.41
N HIS A 220 19.40 -5.58 -7.44
CA HIS A 220 19.13 -4.16 -7.60
C HIS A 220 18.08 -3.69 -6.61
N LEU A 221 18.33 -2.52 -6.00
CA LEU A 221 17.26 -1.74 -5.40
C LEU A 221 16.18 -1.45 -6.44
N LEU A 222 14.92 -1.72 -6.07
CA LEU A 222 13.79 -1.37 -6.94
C LEU A 222 13.10 -0.08 -6.51
N SER A 223 13.05 0.22 -5.21
CA SER A 223 12.39 1.42 -4.73
C SER A 223 12.95 2.66 -5.41
N GLY A 224 12.04 3.55 -5.86
CA GLY A 224 12.42 4.82 -6.44
C GLY A 224 12.75 4.79 -7.92
N LYS A 225 12.86 3.61 -8.51
CA LYS A 225 13.22 3.44 -9.91
C LYS A 225 11.98 3.28 -10.77
N GLN A 226 12.15 3.46 -12.09
CA GLN A 226 11.05 3.45 -13.03
C GLN A 226 10.91 2.09 -13.73
N ALA A 227 9.70 1.53 -13.72
CA ALA A 227 9.39 0.27 -14.41
C ALA A 227 8.33 0.50 -15.48
N LEU A 228 8.44 -0.27 -16.56
CA LEU A 228 7.40 -0.35 -17.57
C LEU A 228 6.94 -1.80 -17.64
N VAL A 229 5.65 -2.05 -17.36
CA VAL A 229 5.10 -3.41 -17.46
C VAL A 229 4.26 -3.46 -18.72
N ILE A 230 4.61 -4.36 -19.64
CA ILE A 230 3.87 -4.52 -20.88
C ILE A 230 2.81 -5.59 -20.63
N GLY A 231 1.56 -5.18 -20.57
CA GLY A 231 0.44 -6.08 -20.34
C GLY A 231 -0.14 -5.88 -18.94
N TYR A 232 -1.47 -6.03 -18.84
CA TYR A 232 -2.19 -5.89 -17.57
C TYR A 232 -3.33 -6.91 -17.51
N GLY A 233 -3.07 -8.13 -17.99
CA GLY A 233 -3.91 -9.28 -17.71
C GLY A 233 -3.58 -9.81 -16.33
N ASP A 234 -3.81 -11.09 -16.06
CA ASP A 234 -3.56 -11.56 -14.70
C ASP A 234 -2.09 -11.48 -14.34
N VAL A 235 -1.20 -11.88 -15.26
CA VAL A 235 0.23 -11.81 -15.00
C VAL A 235 0.70 -10.35 -14.88
N GLY A 236 0.22 -9.49 -15.77
CA GLY A 236 0.62 -8.09 -15.71
C GLY A 236 0.13 -7.39 -14.46
N LYS A 237 -1.08 -7.77 -14.01
CA LYS A 237 -1.59 -7.25 -12.75
C LYS A 237 -0.70 -7.65 -11.57
N GLY A 238 -0.37 -8.95 -11.49
CA GLY A 238 0.47 -9.42 -10.39
C GLY A 238 1.87 -8.85 -10.49
N SER A 239 2.39 -8.74 -11.72
CA SER A 239 3.74 -8.23 -11.90
C SER A 239 3.82 -6.76 -11.49
N SER A 240 2.85 -5.97 -11.94
CA SER A 240 2.82 -4.55 -11.59
C SER A 240 2.79 -4.37 -10.08
N GLN A 241 2.03 -5.23 -9.39
CA GLN A 241 1.96 -5.13 -7.93
C GLN A 241 3.29 -5.55 -7.31
N SER A 242 3.94 -6.57 -7.88
CA SER A 242 5.24 -7.02 -7.35
C SER A 242 6.22 -5.85 -7.31
N LEU A 243 6.15 -4.99 -8.32
CA LEU A 243 7.09 -3.88 -8.44
C LEU A 243 6.63 -2.66 -7.66
N ARG A 244 5.34 -2.34 -7.70
CA ARG A 244 4.84 -1.18 -6.97
C ARG A 244 4.97 -1.37 -5.45
N GLN A 245 4.73 -2.59 -4.96
CA GLN A 245 4.83 -2.77 -3.52
C GLN A 245 6.27 -2.63 -3.02
N GLU A 246 7.24 -2.76 -3.91
CA GLU A 246 8.65 -2.47 -3.62
C GLU A 246 8.98 -0.99 -3.72
N GLY A 247 8.04 -0.16 -4.17
CA GLY A 247 8.29 1.26 -4.30
C GLY A 247 8.74 1.69 -5.68
N MET A 248 8.61 0.84 -6.68
CA MET A 248 8.90 1.30 -8.03
C MET A 248 7.81 2.25 -8.49
N ILE A 249 8.18 3.17 -9.37
CA ILE A 249 7.21 3.99 -10.11
C ILE A 249 6.87 3.19 -11.36
N VAL A 250 5.68 2.59 -11.38
CA VAL A 250 5.33 1.62 -12.42
C VAL A 250 4.41 2.27 -13.45
N LYS A 251 4.77 2.13 -14.73
CA LYS A 251 3.90 2.51 -15.83
C LYS A 251 3.48 1.23 -16.54
N VAL A 252 2.28 1.23 -17.11
CA VAL A 252 1.67 0.02 -17.65
C VAL A 252 1.28 0.29 -19.10
N ALA A 253 1.60 -0.66 -19.96
CA ALA A 253 1.13 -0.61 -21.35
C ALA A 253 0.08 -1.69 -21.60
N GLU A 254 -0.91 -1.37 -22.43
CA GLU A 254 -1.95 -2.35 -22.75
C GLU A 254 -2.51 -2.07 -24.14
N VAL A 255 -2.98 -3.15 -24.80
CA VAL A 255 -3.79 -3.03 -26.01
C VAL A 255 -5.27 -3.15 -25.67
N ASP A 256 -5.62 -3.70 -24.52
CA ASP A 256 -7.01 -3.91 -24.13
C ASP A 256 -7.48 -2.73 -23.30
N PRO A 257 -8.46 -1.93 -23.76
CA PRO A 257 -8.84 -0.73 -23.00
C PRO A 257 -9.47 -1.03 -21.66
N ILE A 258 -10.12 -2.19 -21.51
CA ILE A 258 -10.68 -2.55 -20.21
C ILE A 258 -9.57 -2.82 -19.22
N CYS A 259 -8.56 -3.61 -19.63
CA CYS A 259 -7.42 -3.84 -18.76
C CYS A 259 -6.69 -2.55 -18.47
N ALA A 260 -6.60 -1.66 -19.45
CA ALA A 260 -5.97 -0.37 -19.21
C ALA A 260 -6.79 0.47 -18.21
N MET A 261 -8.12 0.40 -18.30
N MET A 261 -8.11 0.39 -18.29
CA MET A 261 -8.95 1.09 -17.32
CA MET A 261 -8.94 1.10 -17.33
C MET A 261 -8.60 0.63 -15.91
C MET A 261 -8.63 0.63 -15.91
N GLN A 262 -8.47 -0.68 -15.73
CA GLN A 262 -8.14 -1.22 -14.43
C GLN A 262 -6.80 -0.69 -13.95
N ALA A 263 -5.80 -0.64 -14.84
CA ALA A 263 -4.49 -0.13 -14.45
C ALA A 263 -4.62 1.31 -13.94
N CYS A 264 -5.35 2.16 -14.65
CA CYS A 264 -5.57 3.53 -14.21
C CYS A 264 -6.17 3.56 -12.81
N MET A 265 -7.27 2.82 -12.62
CA MET A 265 -7.96 2.84 -11.33
C MET A 265 -7.11 2.26 -10.22
N ASP A 266 -6.23 1.31 -10.56
CA ASP A 266 -5.28 0.75 -9.61
C ASP A 266 -4.14 1.70 -9.31
N GLY A 267 -4.11 2.85 -9.98
CA GLY A 267 -3.14 3.88 -9.64
C GLY A 267 -1.87 3.86 -10.45
N PHE A 268 -1.92 3.33 -11.68
CA PHE A 268 -0.77 3.34 -12.57
C PHE A 268 -1.04 4.31 -13.71
N GLU A 269 0.03 4.92 -14.22
CA GLU A 269 -0.02 5.68 -15.45
C GLU A 269 0.07 4.72 -16.63
N VAL A 270 -0.83 4.87 -17.59
CA VAL A 270 -0.88 3.96 -18.75
C VAL A 270 -0.23 4.66 -19.93
N VAL A 271 0.83 4.06 -20.46
CA VAL A 271 1.65 4.66 -21.51
C VAL A 271 1.87 3.62 -22.60
N SER A 272 2.29 4.10 -23.77
CA SER A 272 2.69 3.19 -24.84
C SER A 272 4.17 3.40 -25.18
N PRO A 273 4.91 2.34 -25.50
CA PRO A 273 6.28 2.54 -26.04
C PRO A 273 6.29 3.36 -27.30
N TYR A 274 5.17 3.48 -27.99
CA TYR A 274 5.09 4.12 -29.29
C TYR A 274 4.32 5.42 -29.18
N LYS A 275 4.74 6.42 -29.92
CA LYS A 275 4.06 7.71 -29.92
C LYS A 275 2.61 7.51 -30.35
N ASN A 276 1.68 7.96 -29.51
CA ASN A 276 0.25 7.78 -29.77
C ASN A 276 -0.14 6.32 -29.88
N GLY A 277 0.69 5.40 -29.38
CA GLY A 277 0.37 3.98 -29.43
C GLY A 277 0.48 3.32 -30.79
N ILE A 278 1.08 3.99 -31.78
CA ILE A 278 1.08 3.50 -33.16
C ILE A 278 2.47 2.94 -33.47
N ASN A 279 2.51 1.63 -33.66
CA ASN A 279 3.72 0.82 -33.87
C ASN A 279 3.89 0.63 -35.37
N ASP A 280 4.55 1.58 -36.03
CA ASP A 280 4.73 1.53 -37.46
C ASP A 280 6.04 0.86 -37.89
N GLY A 281 6.77 0.26 -36.96
CA GLY A 281 7.99 -0.45 -37.28
C GLY A 281 9.24 0.40 -37.44
N THR A 282 9.12 1.72 -37.42
CA THR A 282 10.29 2.60 -37.52
C THR A 282 10.78 3.01 -36.14
N GLU A 283 12.07 3.35 -36.09
CA GLU A 283 12.63 3.95 -34.89
C GLU A 283 11.91 5.25 -34.52
N ALA A 284 11.40 5.96 -35.52
CA ALA A 284 10.78 7.26 -35.25
C ALA A 284 9.53 7.14 -34.41
N SER A 285 8.82 6.01 -34.47
CA SER A 285 7.61 5.87 -33.68
C SER A 285 7.88 5.57 -32.21
N ILE A 286 9.13 5.26 -31.84
CA ILE A 286 9.45 4.99 -30.44
C ILE A 286 9.44 6.28 -29.64
N ASP A 287 8.77 6.25 -28.49
CA ASP A 287 8.81 7.34 -27.52
C ASP A 287 10.15 7.23 -26.78
N ALA A 288 11.16 7.86 -27.38
CA ALA A 288 12.51 7.77 -26.85
C ALA A 288 12.63 8.43 -25.49
N ALA A 289 11.90 9.52 -25.25
CA ALA A 289 11.95 10.18 -23.94
C ALA A 289 11.45 9.24 -22.85
N LEU A 290 10.34 8.55 -23.10
CA LEU A 290 9.81 7.60 -22.13
C LEU A 290 10.79 6.45 -21.90
N LEU A 291 11.24 5.79 -22.97
CA LEU A 291 12.06 4.60 -22.79
C LEU A 291 13.41 4.95 -22.21
N GLY A 292 13.93 6.14 -22.48
CA GLY A 292 15.18 6.61 -21.88
C GLY A 292 15.10 6.85 -20.39
N LYS A 293 13.92 6.76 -19.79
CA LYS A 293 13.73 6.89 -18.35
C LYS A 293 13.52 5.56 -17.65
N ILE A 294 13.37 4.47 -18.39
CA ILE A 294 12.91 3.20 -17.82
C ILE A 294 14.08 2.37 -17.34
N ASP A 295 14.05 1.96 -16.07
CA ASP A 295 15.10 1.15 -15.47
C ASP A 295 14.83 -0.34 -15.55
N LEU A 296 13.58 -0.73 -15.79
CA LEU A 296 13.18 -2.13 -15.78
C LEU A 296 12.00 -2.27 -16.70
N ILE A 297 12.08 -3.17 -17.67
CA ILE A 297 10.92 -3.51 -18.50
C ILE A 297 10.58 -4.99 -18.31
N VAL A 298 9.28 -5.28 -18.15
CA VAL A 298 8.79 -6.64 -17.92
C VAL A 298 7.67 -6.91 -18.90
N THR A 299 7.79 -8.00 -19.66
CA THR A 299 6.74 -8.39 -20.61
C THR A 299 5.85 -9.46 -20.00
N THR A 300 4.52 -9.30 -20.18
CA THR A 300 3.59 -10.20 -19.50
C THR A 300 2.44 -10.64 -20.41
N THR A 301 2.63 -10.63 -21.72
CA THR A 301 1.49 -10.62 -22.63
C THR A 301 1.10 -11.96 -23.22
N GLY A 302 2.02 -12.91 -23.37
CA GLY A 302 1.72 -14.06 -24.22
C GLY A 302 1.68 -13.74 -25.73
N ASN A 303 2.07 -12.53 -26.11
CA ASN A 303 2.07 -12.08 -27.50
C ASN A 303 3.52 -12.04 -28.01
N VAL A 304 3.70 -11.62 -29.25
CA VAL A 304 4.99 -11.68 -29.91
C VAL A 304 5.58 -10.27 -30.08
N ASN A 305 6.85 -10.12 -29.73
CA ASN A 305 7.60 -8.90 -30.05
C ASN A 305 6.99 -7.65 -29.42
N VAL A 306 6.68 -7.74 -28.12
CA VAL A 306 6.12 -6.57 -27.43
C VAL A 306 7.20 -5.76 -26.76
N CYS A 307 8.44 -6.26 -26.73
CA CYS A 307 9.62 -5.46 -26.41
C CYS A 307 10.57 -5.67 -27.59
N ASP A 308 10.46 -4.80 -28.59
CA ASP A 308 11.05 -5.03 -29.89
C ASP A 308 12.42 -4.36 -30.00
N ALA A 309 13.04 -4.54 -31.17
CA ALA A 309 14.42 -4.09 -31.37
C ALA A 309 14.55 -2.59 -31.14
N ASN A 310 13.59 -1.81 -31.64
CA ASN A 310 13.68 -0.36 -31.50
C ASN A 310 13.49 0.08 -30.05
N MET A 311 12.61 -0.59 -29.31
CA MET A 311 12.49 -0.35 -27.87
C MET A 311 13.80 -0.67 -27.15
N LEU A 312 14.40 -1.82 -27.47
CA LEU A 312 15.67 -2.20 -26.85
C LEU A 312 16.75 -1.17 -27.16
N LYS A 313 16.75 -0.60 -28.38
CA LYS A 313 17.74 0.39 -28.72
C LYS A 313 17.54 1.69 -27.94
N ALA A 314 16.31 2.02 -27.57
CA ALA A 314 16.00 3.28 -26.92
C ALA A 314 16.05 3.22 -25.41
N LEU A 315 16.08 2.02 -24.83
CA LEU A 315 16.01 1.90 -23.39
C LEU A 315 17.18 2.62 -22.71
N LYS A 316 16.88 3.15 -21.53
CA LYS A 316 17.91 3.72 -20.66
C LYS A 316 19.11 2.78 -20.52
N LYS A 317 20.32 3.34 -20.52
CA LYS A 317 21.51 2.52 -20.26
C LYS A 317 21.35 1.79 -18.93
N ARG A 318 21.71 0.50 -18.94
CA ARG A 318 21.77 -0.38 -17.78
C ARG A 318 20.39 -0.76 -17.28
N ALA A 319 19.35 -0.54 -18.08
CA ALA A 319 18.03 -1.05 -17.72
C ALA A 319 18.05 -2.58 -17.72
N VAL A 320 17.19 -3.14 -16.89
CA VAL A 320 16.97 -4.58 -16.81
C VAL A 320 15.79 -4.93 -17.71
N VAL A 321 15.94 -6.02 -18.47
CA VAL A 321 14.92 -6.49 -19.40
C VAL A 321 14.56 -7.92 -19.01
N CYS A 322 13.26 -8.21 -18.84
CA CYS A 322 12.90 -9.59 -18.57
C CYS A 322 11.49 -9.87 -19.04
N ASN A 323 11.18 -11.16 -19.09
CA ASN A 323 9.91 -11.67 -19.59
C ASN A 323 9.35 -12.65 -18.56
N ILE A 324 8.09 -12.49 -18.21
CA ILE A 324 7.40 -13.45 -17.36
C ILE A 324 6.19 -14.08 -18.07
N GLY A 325 6.00 -13.79 -19.35
CA GLY A 325 5.09 -14.60 -20.16
C GLY A 325 5.70 -15.95 -20.52
N HIS A 326 4.90 -16.82 -21.12
CA HIS A 326 5.34 -18.21 -21.24
C HIS A 326 6.55 -18.39 -22.19
N PHE A 327 6.62 -17.61 -23.28
CA PHE A 327 7.64 -17.87 -24.29
C PHE A 327 8.56 -16.65 -24.44
N ASP A 328 9.81 -16.90 -24.83
CA ASP A 328 10.78 -15.81 -24.91
C ASP A 328 10.61 -14.90 -26.13
N ASN A 329 9.73 -15.23 -27.07
CA ASN A 329 9.59 -14.34 -28.23
C ASN A 329 8.83 -13.05 -27.91
N GLU A 330 8.47 -12.81 -26.65
CA GLU A 330 7.94 -11.50 -26.24
C GLU A 330 8.98 -10.41 -26.40
N ILE A 331 10.26 -10.74 -26.18
CA ILE A 331 11.38 -9.82 -26.35
C ILE A 331 12.12 -10.25 -27.59
N ASP A 332 12.56 -9.27 -28.40
CA ASP A 332 13.33 -9.61 -29.60
C ASP A 332 14.78 -9.91 -29.21
N THR A 333 14.98 -11.05 -28.54
CA THR A 333 16.35 -11.44 -28.20
C THR A 333 17.14 -11.82 -29.44
N ALA A 334 16.50 -12.34 -30.48
CA ALA A 334 17.23 -12.67 -31.70
C ALA A 334 17.96 -11.44 -32.25
N PHE A 335 17.31 -10.27 -32.24
CA PHE A 335 17.98 -9.04 -32.62
C PHE A 335 19.23 -8.81 -31.76
N MET A 336 19.13 -9.04 -30.45
CA MET A 336 20.28 -8.79 -29.59
C MET A 336 21.39 -9.81 -29.83
N ARG A 337 21.03 -11.07 -30.13
CA ARG A 337 22.06 -12.06 -30.45
C ARG A 337 22.78 -11.68 -31.74
N LYS A 338 22.04 -11.11 -32.70
CA LYS A 338 22.63 -10.83 -34.00
C LYS A 338 23.52 -9.60 -33.99
N ASN A 339 23.25 -8.63 -33.10
CA ASN A 339 23.88 -7.33 -33.21
C ASN A 339 24.76 -6.92 -32.03
N TRP A 340 24.55 -7.47 -30.84
CA TRP A 340 25.19 -6.98 -29.63
C TRP A 340 25.98 -8.09 -28.93
N ALA A 341 26.97 -7.69 -28.14
CA ALA A 341 27.88 -8.64 -27.51
C ALA A 341 27.35 -9.01 -26.13
N TRP A 342 27.27 -10.31 -25.86
CA TRP A 342 26.72 -10.78 -24.59
C TRP A 342 27.85 -11.11 -23.63
N GLU A 343 27.75 -10.59 -22.41
CA GLU A 343 28.70 -10.87 -21.34
C GLU A 343 27.95 -11.58 -20.22
N GLU A 344 28.30 -12.82 -19.94
CA GLU A 344 27.62 -13.51 -18.85
C GLU A 344 28.10 -12.97 -17.51
N VAL A 345 27.16 -12.51 -16.68
CA VAL A 345 27.50 -12.11 -15.32
C VAL A 345 27.60 -13.36 -14.44
N LYS A 346 26.59 -14.19 -14.52
CA LYS A 346 26.47 -15.47 -13.84
C LYS A 346 25.33 -16.18 -14.56
N PRO A 347 25.06 -17.44 -14.25
CA PRO A 347 24.00 -18.15 -14.99
C PRO A 347 22.69 -17.37 -15.02
N GLN A 348 22.10 -17.29 -16.20
CA GLN A 348 20.82 -16.63 -16.45
C GLN A 348 20.85 -15.12 -16.17
N VAL A 349 22.03 -14.48 -16.19
CA VAL A 349 22.15 -13.02 -16.10
C VAL A 349 23.20 -12.56 -17.11
N HIS A 350 22.79 -11.82 -18.13
CA HIS A 350 23.70 -11.36 -19.17
C HIS A 350 23.66 -9.86 -19.31
N LYS A 351 24.85 -9.26 -19.43
CA LYS A 351 24.96 -7.90 -19.90
C LYS A 351 25.05 -7.93 -21.42
N ILE A 352 24.20 -7.15 -22.07
CA ILE A 352 24.16 -7.07 -23.52
C ILE A 352 24.68 -5.69 -23.89
N HIS A 353 25.87 -5.66 -24.49
CA HIS A 353 26.59 -4.43 -24.79
C HIS A 353 26.15 -3.89 -26.13
N ARG A 354 25.55 -2.71 -26.13
CA ARG A 354 24.99 -2.11 -27.33
C ARG A 354 26.04 -1.42 -28.17
N THR A 355 27.31 -1.61 -27.82
CA THR A 355 28.39 -0.99 -28.57
C THR A 355 28.78 -1.76 -29.83
N GLY A 356 28.34 -2.99 -29.98
CA GLY A 356 28.73 -3.77 -31.14
C GLY A 356 28.64 -5.25 -30.84
N LYS A 357 28.87 -6.05 -31.88
CA LYS A 357 28.76 -7.50 -31.75
C LYS A 357 30.08 -8.18 -31.44
N ASP A 358 31.19 -7.60 -31.89
CA ASP A 358 32.50 -8.25 -31.81
C ASP A 358 33.22 -7.78 -30.55
N GLY A 359 32.99 -8.47 -29.45
CA GLY A 359 33.64 -8.14 -28.20
C GLY A 359 33.02 -6.92 -27.53
N PHE A 360 33.55 -6.61 -26.36
CA PHE A 360 33.03 -5.50 -25.58
C PHE A 360 34.10 -4.99 -24.63
N ASP A 361 33.98 -3.73 -24.26
CA ASP A 361 34.80 -3.15 -23.20
C ASP A 361 34.21 -3.59 -21.87
N ALA A 362 35.04 -4.22 -21.02
CA ALA A 362 34.53 -4.71 -19.74
C ALA A 362 33.95 -3.58 -18.90
N HIS A 363 34.41 -2.35 -19.10
CA HIS A 363 33.92 -1.20 -18.37
C HIS A 363 32.93 -0.37 -19.17
N ASN A 364 32.47 -0.86 -20.32
CA ASN A 364 31.42 -0.18 -21.07
C ASN A 364 30.21 0.11 -20.19
N ASP A 365 29.66 1.30 -20.36
CA ASP A 365 28.48 1.70 -19.59
C ASP A 365 27.19 1.50 -20.35
N ASP A 366 27.26 1.22 -21.66
CA ASP A 366 26.06 1.14 -22.51
C ASP A 366 25.70 -0.34 -22.71
N TYR A 367 25.02 -0.89 -21.71
CA TYR A 367 24.54 -2.27 -21.77
C TYR A 367 23.17 -2.35 -21.15
N LEU A 368 22.46 -3.44 -21.49
CA LEU A 368 21.25 -3.85 -20.80
C LEU A 368 21.56 -5.12 -20.02
N ILE A 369 20.81 -5.36 -18.94
CA ILE A 369 20.89 -6.64 -18.24
C ILE A 369 19.66 -7.45 -18.63
N LEU A 370 19.88 -8.58 -19.27
CA LEU A 370 18.81 -9.50 -19.65
C LEU A 370 18.77 -10.65 -18.66
N LEU A 371 17.58 -11.00 -18.20
CA LEU A 371 17.44 -12.11 -17.25
C LEU A 371 16.89 -13.34 -17.95
N ALA A 372 17.47 -14.50 -17.61
CA ALA A 372 17.06 -15.82 -18.09
C ALA A 372 16.98 -15.88 -19.62
N GLU A 373 17.82 -15.09 -20.28
CA GLU A 373 17.86 -15.06 -21.74
C GLU A 373 16.46 -14.83 -22.31
N GLY A 374 15.65 -14.09 -21.57
CA GLY A 374 14.30 -13.75 -21.96
C GLY A 374 13.27 -14.83 -21.71
N ARG A 375 13.68 -15.97 -21.15
CA ARG A 375 12.72 -16.99 -20.73
C ARG A 375 12.02 -16.60 -19.43
N LEU A 376 10.91 -17.29 -19.11
CA LEU A 376 10.12 -17.00 -17.90
C LEU A 376 11.02 -16.65 -16.71
N VAL A 377 11.00 -15.40 -16.28
CA VAL A 377 12.04 -14.94 -15.36
C VAL A 377 11.83 -15.46 -13.94
N ASN A 378 10.58 -15.61 -13.50
CA ASN A 378 10.38 -16.05 -12.13
C ASN A 378 10.90 -17.46 -11.91
N LEU A 379 10.72 -18.34 -12.91
CA LEU A 379 11.26 -19.69 -12.83
C LEU A 379 12.74 -19.77 -13.21
N GLY A 380 13.20 -18.92 -14.13
CA GLY A 380 14.58 -18.96 -14.57
C GLY A 380 15.57 -18.42 -13.55
N ASN A 381 15.23 -17.31 -12.88
CA ASN A 381 16.12 -16.68 -11.92
C ASN A 381 15.72 -16.86 -10.46
N ALA A 382 14.58 -17.48 -10.17
CA ALA A 382 14.23 -17.81 -8.80
C ALA A 382 13.60 -19.20 -8.82
N THR A 383 12.51 -19.42 -8.10
CA THR A 383 11.91 -20.75 -8.01
C THR A 383 10.44 -20.75 -8.45
N GLY A 384 10.03 -19.74 -9.21
CA GLY A 384 8.63 -19.65 -9.61
C GLY A 384 7.72 -19.38 -8.42
N HIS A 385 6.44 -19.77 -8.59
CA HIS A 385 5.44 -19.49 -7.57
C HIS A 385 5.69 -20.32 -6.32
N PRO A 386 5.25 -19.84 -5.16
CA PRO A 386 5.46 -20.59 -3.92
C PRO A 386 4.48 -21.74 -3.81
N SER A 387 4.86 -22.73 -2.97
CA SER A 387 4.02 -23.92 -2.82
C SER A 387 2.55 -23.58 -2.50
N ARG A 388 2.31 -22.66 -1.56
CA ARG A 388 0.94 -22.44 -1.13
C ARG A 388 0.07 -21.85 -2.24
N ILE A 389 0.68 -21.17 -3.21
CA ILE A 389 -0.06 -20.73 -4.40
C ILE A 389 -0.22 -21.89 -5.38
N MET A 390 0.85 -22.65 -5.64
CA MET A 390 0.74 -23.74 -6.62
C MET A 390 -0.22 -24.83 -6.13
N ASP A 391 -0.49 -24.86 -4.83
CA ASP A 391 -1.48 -25.76 -4.25
C ASP A 391 -2.80 -25.69 -5.02
N GLY A 392 -3.29 -24.48 -5.26
CA GLY A 392 -4.54 -24.32 -5.97
C GLY A 392 -4.47 -24.84 -7.40
N SER A 393 -3.45 -24.39 -8.13
CA SER A 393 -3.26 -24.83 -9.51
C SER A 393 -3.21 -26.36 -9.61
N PHE A 394 -2.48 -26.98 -8.71
CA PHE A 394 -2.22 -28.40 -8.86
C PHE A 394 -3.32 -29.27 -8.26
N ALA A 395 -4.07 -28.76 -7.28
CA ALA A 395 -5.30 -29.45 -6.91
C ALA A 395 -6.27 -29.49 -8.09
N ASN A 396 -6.35 -28.39 -8.85
CA ASN A 396 -7.17 -28.39 -10.07
C ASN A 396 -6.65 -29.42 -11.08
N GLN A 397 -5.33 -29.48 -11.29
CA GLN A 397 -4.76 -30.48 -12.20
C GLN A 397 -5.19 -31.90 -11.82
N VAL A 398 -5.13 -32.24 -10.53
CA VAL A 398 -5.46 -33.60 -10.10
C VAL A 398 -6.93 -33.89 -10.37
N LEU A 399 -7.82 -32.95 -9.99
CA LEU A 399 -9.25 -33.11 -10.28
C LEU A 399 -9.50 -33.25 -11.78
N ALA A 400 -8.80 -32.45 -12.58
CA ALA A 400 -8.96 -32.51 -14.03
C ALA A 400 -8.50 -33.84 -14.60
N GLN A 401 -7.36 -34.35 -14.11
CA GLN A 401 -6.89 -35.66 -14.54
C GLN A 401 -7.91 -36.74 -14.19
N ILE A 402 -8.42 -36.71 -12.96
CA ILE A 402 -9.41 -37.71 -12.55
C ILE A 402 -10.62 -37.67 -13.47
N HIS A 403 -11.11 -36.47 -13.75
CA HIS A 403 -12.35 -36.34 -14.50
C HIS A 403 -12.18 -36.89 -15.91
N LEU A 404 -11.13 -36.47 -16.61
CA LEU A 404 -10.96 -36.92 -17.99
C LEU A 404 -10.60 -38.40 -18.05
N PHE A 405 -9.78 -38.87 -17.11
CA PHE A 405 -9.47 -40.29 -17.10
C PHE A 405 -10.72 -41.13 -16.89
N GLU A 406 -11.60 -40.71 -15.96
CA GLU A 406 -12.79 -41.51 -15.71
C GLU A 406 -13.80 -41.43 -16.86
N GLN A 407 -13.75 -40.37 -17.66
CA GLN A 407 -14.68 -40.26 -18.80
C GLN A 407 -14.31 -41.12 -19.99
N LYS A 408 -13.05 -41.53 -20.11
CA LYS A 408 -12.64 -42.54 -21.09
C LYS A 408 -13.01 -42.17 -22.52
N TYR A 409 -12.70 -40.93 -22.92
CA TYR A 409 -13.01 -40.50 -24.29
C TYR A 409 -12.44 -41.46 -25.34
N ALA A 410 -11.22 -41.98 -25.11
CA ALA A 410 -10.56 -42.76 -26.15
C ALA A 410 -11.32 -44.03 -26.50
N ASP A 411 -12.21 -44.45 -25.60
CA ASP A 411 -12.97 -45.68 -25.78
C ASP A 411 -14.29 -45.45 -26.51
N LEU A 412 -14.61 -44.20 -26.89
CA LEU A 412 -15.89 -43.90 -27.51
C LEU A 412 -15.86 -44.21 -29.01
N PRO A 413 -17.01 -44.56 -29.59
CA PRO A 413 -17.11 -44.60 -31.05
C PRO A 413 -16.88 -43.22 -31.65
N ALA A 414 -16.42 -43.21 -32.91
CA ALA A 414 -16.08 -41.96 -33.58
C ALA A 414 -17.23 -40.94 -33.48
N ALA A 415 -18.48 -41.41 -33.64
CA ALA A 415 -19.61 -40.48 -33.60
C ALA A 415 -19.74 -39.82 -32.23
N GLU A 416 -19.48 -40.57 -31.15
CA GLU A 416 -19.59 -40.01 -29.82
C GLU A 416 -18.38 -39.14 -29.47
N LYS A 417 -17.19 -39.53 -29.93
CA LYS A 417 -16.03 -38.66 -29.78
C LYS A 417 -16.35 -37.25 -30.28
N ALA A 418 -16.98 -37.16 -31.47
CA ALA A 418 -17.26 -35.85 -32.06
C ALA A 418 -18.11 -34.99 -31.12
N LYS A 419 -19.05 -35.61 -30.42
CA LYS A 419 -19.91 -34.87 -29.50
C LYS A 419 -19.23 -34.53 -28.20
N ARG A 420 -18.16 -35.23 -27.85
CA ARG A 420 -17.46 -35.05 -26.59
C ARG A 420 -16.21 -34.18 -26.73
N LEU A 421 -15.81 -33.82 -27.94
CA LEU A 421 -14.54 -33.11 -28.14
C LEU A 421 -14.74 -31.64 -27.77
N SER A 422 -14.08 -31.20 -26.71
CA SER A 422 -14.35 -29.86 -26.19
C SER A 422 -13.15 -29.44 -25.35
N VAL A 423 -13.07 -28.14 -25.08
CA VAL A 423 -12.14 -27.59 -24.10
C VAL A 423 -12.99 -26.96 -23.00
N GLU A 424 -12.98 -27.54 -21.80
CA GLU A 424 -13.88 -27.12 -20.75
CA GLU A 424 -13.89 -27.14 -20.74
C GLU A 424 -13.11 -26.82 -19.47
N VAL A 425 -13.74 -26.06 -18.60
CA VAL A 425 -13.22 -25.82 -17.26
C VAL A 425 -13.91 -26.78 -16.29
N LEU A 426 -13.33 -26.92 -15.10
CA LEU A 426 -13.93 -27.70 -14.04
C LEU A 426 -15.19 -27.01 -13.50
N PRO A 427 -16.12 -27.77 -12.94
CA PRO A 427 -17.34 -27.16 -12.37
C PRO A 427 -17.00 -26.23 -11.21
N LYS A 428 -17.81 -25.18 -11.06
CA LYS A 428 -17.55 -24.21 -9.99
C LYS A 428 -17.52 -24.86 -8.60
N LYS A 429 -18.36 -25.87 -8.34
CA LYS A 429 -18.34 -26.50 -7.03
C LYS A 429 -16.95 -27.00 -6.68
N LEU A 430 -16.21 -27.58 -7.64
CA LEU A 430 -14.85 -28.04 -7.33
C LEU A 430 -13.88 -26.88 -7.13
N ASP A 431 -14.02 -25.84 -7.94
CA ASP A 431 -13.24 -24.61 -7.76
C ASP A 431 -13.42 -24.10 -6.33
N GLU A 432 -14.67 -24.06 -5.86
CA GLU A 432 -14.93 -23.61 -4.49
C GLU A 432 -14.30 -24.54 -3.47
N GLU A 433 -14.36 -25.85 -3.71
CA GLU A 433 -13.82 -26.80 -2.74
C GLU A 433 -12.31 -26.65 -2.64
N VAL A 434 -11.63 -26.40 -3.76
CA VAL A 434 -10.19 -26.08 -3.72
C VAL A 434 -9.96 -24.82 -2.90
N ALA A 435 -10.76 -23.78 -3.17
CA ALA A 435 -10.58 -22.52 -2.47
C ALA A 435 -10.77 -22.70 -0.97
N LEU A 436 -11.75 -23.50 -0.57
CA LEU A 436 -11.99 -23.68 0.86
C LEU A 436 -10.78 -24.29 1.55
N GLU A 437 -10.15 -25.29 0.93
CA GLU A 437 -8.96 -25.87 1.54
C GLU A 437 -7.83 -24.86 1.59
N MET A 438 -7.71 -24.01 0.57
CA MET A 438 -6.69 -22.95 0.63
C MET A 438 -6.97 -22.01 1.79
N VAL A 439 -8.22 -21.56 1.94
CA VAL A 439 -8.52 -20.64 3.03
C VAL A 439 -8.22 -21.28 4.39
N LYS A 440 -8.59 -22.55 4.56
CA LYS A 440 -8.28 -23.22 5.82
C LYS A 440 -6.77 -23.24 6.07
N GLY A 441 -5.98 -23.38 5.01
CA GLY A 441 -4.53 -23.39 5.19
C GLY A 441 -3.99 -22.09 5.78
N PHE A 442 -4.66 -20.97 5.50
CA PHE A 442 -4.30 -19.73 6.15
C PHE A 442 -4.87 -19.62 7.57
N GLY A 443 -5.70 -20.57 7.98
CA GLY A 443 -6.41 -20.39 9.24
C GLY A 443 -7.66 -19.54 9.09
N GLY A 444 -8.08 -19.24 7.85
CA GLY A 444 -9.29 -18.49 7.66
C GLY A 444 -10.54 -19.31 7.98
N VAL A 445 -11.61 -18.62 8.38
CA VAL A 445 -12.87 -19.28 8.78
C VAL A 445 -13.98 -18.77 7.87
N VAL A 446 -14.48 -19.63 6.97
CA VAL A 446 -15.58 -19.28 6.09
C VAL A 446 -16.89 -19.39 6.87
N THR A 447 -17.75 -18.38 6.74
CA THR A 447 -19.08 -18.37 7.36
C THR A 447 -20.04 -19.23 6.55
N GLN A 448 -20.95 -19.90 7.25
CA GLN A 448 -22.00 -20.68 6.59
C GLN A 448 -23.32 -19.92 6.63
N LEU A 449 -23.97 -19.86 5.46
CA LEU A 449 -25.28 -19.24 5.35
C LEU A 449 -26.29 -19.95 6.22
N THR A 450 -27.21 -19.18 6.80
CA THR A 450 -28.41 -19.79 7.35
C THR A 450 -29.30 -20.25 6.19
N PRO A 451 -30.23 -21.16 6.44
CA PRO A 451 -31.18 -21.51 5.38
C PRO A 451 -31.91 -20.29 4.85
N LYS A 452 -32.32 -19.37 5.72
CA LYS A 452 -33.05 -18.19 5.26
C LYS A 452 -32.16 -17.30 4.40
N GLN A 453 -30.90 -17.11 4.79
CA GLN A 453 -30.00 -16.32 3.96
C GLN A 453 -29.75 -16.99 2.61
N ALA A 454 -29.59 -18.32 2.58
CA ALA A 454 -29.36 -18.97 1.31
C ALA A 454 -30.58 -18.84 0.41
N GLU A 455 -31.78 -18.97 0.99
CA GLU A 455 -32.99 -18.73 0.20
C GLU A 455 -33.06 -17.28 -0.29
N TYR A 456 -32.67 -16.32 0.57
CA TYR A 456 -32.76 -14.91 0.21
C TYR A 456 -31.93 -14.58 -1.03
N ILE A 457 -30.72 -15.13 -1.12
CA ILE A 457 -29.87 -14.84 -2.28
C ILE A 457 -29.94 -15.93 -3.35
N GLY A 458 -30.71 -16.99 -3.14
CA GLY A 458 -30.98 -17.96 -4.20
C GLY A 458 -29.86 -18.94 -4.45
N VAL A 459 -29.20 -19.43 -3.39
CA VAL A 459 -28.15 -20.44 -3.51
C VAL A 459 -28.41 -21.55 -2.47
N SER A 460 -27.80 -22.71 -2.72
CA SER A 460 -27.76 -23.78 -1.72
C SER A 460 -26.75 -23.40 -0.65
N VAL A 461 -27.02 -23.79 0.60
CA VAL A 461 -26.10 -23.43 1.68
C VAL A 461 -24.70 -23.95 1.39
N GLU A 462 -24.59 -25.07 0.67
CA GLU A 462 -23.27 -25.62 0.41
C GLU A 462 -22.64 -25.07 -0.85
N GLY A 463 -23.30 -24.16 -1.57
CA GLY A 463 -22.80 -23.67 -2.84
C GLY A 463 -23.25 -24.54 -4.01
N PRO A 464 -22.91 -24.14 -5.24
CA PRO A 464 -22.07 -23.00 -5.60
C PRO A 464 -22.71 -21.67 -5.25
N PHE A 465 -21.89 -20.67 -4.98
CA PHE A 465 -22.39 -19.42 -4.44
C PHE A 465 -22.58 -18.35 -5.49
N LYS A 466 -22.08 -18.57 -6.70
CA LYS A 466 -22.11 -17.60 -7.78
C LYS A 466 -22.54 -18.29 -9.07
N PRO A 467 -23.19 -17.57 -9.98
CA PRO A 467 -23.42 -18.11 -11.31
C PRO A 467 -22.11 -18.20 -12.09
N ASP A 468 -22.13 -19.01 -13.15
CA ASP A 468 -20.91 -19.24 -13.92
C ASP A 468 -20.40 -17.96 -14.58
N THR A 469 -21.27 -16.99 -14.81
CA THR A 469 -20.82 -15.74 -15.38
C THR A 469 -20.04 -14.85 -14.41
N TYR A 470 -20.01 -15.15 -13.10
CA TYR A 470 -19.41 -14.23 -12.16
C TYR A 470 -17.90 -14.12 -12.38
N ARG A 471 -17.36 -12.89 -12.27
CA ARG A 471 -15.95 -12.67 -12.63
C ARG A 471 -15.00 -12.54 -11.44
N TYR A 472 -15.52 -12.38 -10.24
CA TYR A 472 -14.68 -12.25 -9.03
C TYR A 472 -13.75 -11.05 -9.16
N GLY B 12 53.22 -12.41 -6.46
CA GLY B 12 53.23 -13.39 -5.38
C GLY B 12 52.55 -12.92 -4.12
N PHE B 13 51.27 -12.52 -4.24
CA PHE B 13 50.50 -12.04 -3.11
C PHE B 13 49.82 -13.20 -2.41
N THR B 14 50.02 -13.31 -1.09
CA THR B 14 49.46 -14.41 -0.32
C THR B 14 48.85 -13.95 1.00
N ASP B 15 48.77 -12.64 1.24
CA ASP B 15 48.37 -12.11 2.55
C ASP B 15 46.84 -11.97 2.59
N TYR B 16 46.17 -13.13 2.62
CA TYR B 16 44.72 -13.14 2.60
C TYR B 16 44.24 -14.56 2.89
N LYS B 17 42.93 -14.70 3.12
CA LYS B 17 42.34 -16.03 3.14
C LYS B 17 40.87 -15.91 2.76
N VAL B 18 40.49 -16.56 1.66
CA VAL B 18 39.13 -16.54 1.14
C VAL B 18 38.70 -17.97 0.86
N ALA B 19 37.42 -18.13 0.51
CA ALA B 19 36.89 -19.47 0.27
C ALA B 19 37.44 -20.05 -1.02
N ASP B 20 37.49 -19.24 -2.08
CA ASP B 20 37.88 -19.73 -3.39
C ASP B 20 38.32 -18.54 -4.24
N ILE B 21 39.63 -18.38 -4.43
CA ILE B 21 40.12 -17.22 -5.16
C ILE B 21 39.67 -17.21 -6.62
N THR B 22 39.33 -18.37 -7.19
CA THR B 22 38.89 -18.40 -8.58
C THR B 22 37.53 -17.75 -8.79
N LEU B 23 36.84 -17.34 -7.72
CA LEU B 23 35.61 -16.58 -7.86
C LEU B 23 35.85 -15.11 -8.16
N ALA B 24 37.12 -14.69 -8.27
CA ALA B 24 37.43 -13.26 -8.34
C ALA B 24 36.83 -12.62 -9.60
N ALA B 25 36.93 -13.29 -10.76
CA ALA B 25 36.43 -12.69 -11.99
C ALA B 25 34.92 -12.41 -11.90
N TRP B 26 34.16 -13.35 -11.35
CA TRP B 26 32.75 -13.12 -11.10
C TRP B 26 32.56 -11.95 -10.14
N GLY B 27 33.30 -11.95 -9.04
CA GLY B 27 33.24 -10.82 -8.12
C GLY B 27 33.48 -9.51 -8.81
N ARG B 28 34.46 -9.47 -9.73
CA ARG B 28 34.80 -8.22 -10.41
C ARG B 28 33.67 -7.79 -11.32
N ARG B 29 33.03 -8.73 -12.01
CA ARG B 29 31.87 -8.38 -12.82
C ARG B 29 30.80 -7.73 -11.96
N GLU B 30 30.54 -8.29 -10.76
CA GLU B 30 29.49 -7.71 -9.93
C GLU B 30 29.95 -6.40 -9.28
N LEU B 31 31.25 -6.23 -9.08
CA LEU B 31 31.74 -4.94 -8.59
C LEU B 31 31.51 -3.86 -9.63
N ILE B 32 31.80 -4.16 -10.89
CA ILE B 32 31.62 -3.17 -11.94
C ILE B 32 30.16 -2.76 -12.02
N ILE B 33 29.24 -3.71 -11.84
CA ILE B 33 27.82 -3.38 -11.84
C ILE B 33 27.49 -2.52 -10.62
N ALA B 34 28.01 -2.91 -9.46
CA ALA B 34 27.70 -2.19 -8.23
C ALA B 34 28.19 -0.74 -8.31
N GLU B 35 29.33 -0.51 -8.95
CA GLU B 35 29.80 0.87 -9.07
C GLU B 35 28.78 1.73 -9.79
N SER B 36 28.10 1.16 -10.78
CA SER B 36 27.08 1.93 -11.49
C SER B 36 25.85 2.17 -10.63
N GLU B 37 25.71 1.43 -9.53
CA GLU B 37 24.62 1.62 -8.60
C GLU B 37 24.98 2.48 -7.39
N MET B 38 26.22 2.97 -7.29
CA MET B 38 26.68 3.68 -6.09
C MET B 38 27.26 5.04 -6.47
N PRO B 39 26.41 5.98 -6.94
CA PRO B 39 26.95 7.24 -7.46
C PRO B 39 27.58 8.12 -6.40
N ALA B 40 27.03 8.12 -5.18
CA ALA B 40 27.61 8.94 -4.12
C ALA B 40 29.03 8.49 -3.82
N LEU B 41 29.21 7.18 -3.66
CA LEU B 41 30.52 6.64 -3.36
C LEU B 41 31.49 6.86 -4.52
N MET B 42 31.05 6.55 -5.74
CA MET B 42 31.94 6.75 -6.88
C MET B 42 32.24 8.22 -7.08
N GLY B 43 31.27 9.09 -6.79
CA GLY B 43 31.55 10.51 -6.90
C GLY B 43 32.66 10.95 -5.97
N LEU B 44 32.79 10.27 -4.82
CA LEU B 44 33.86 10.63 -3.89
C LEU B 44 35.22 10.25 -4.43
N ARG B 45 35.30 9.11 -5.14
CA ARG B 45 36.55 8.79 -5.84
C ARG B 45 36.98 9.93 -6.74
N ARG B 46 36.05 10.47 -7.52
CA ARG B 46 36.43 11.52 -8.46
C ARG B 46 36.74 12.82 -7.74
N LYS B 47 36.02 13.11 -6.67
CA LYS B 47 36.21 14.40 -6.01
C LYS B 47 37.53 14.47 -5.27
N TYR B 48 37.95 13.37 -4.63
CA TYR B 48 39.13 13.38 -3.78
C TYR B 48 40.35 12.69 -4.38
N ALA B 49 40.21 12.02 -5.53
CA ALA B 49 41.33 11.21 -6.03
C ALA B 49 42.59 12.05 -6.22
N GLY B 50 42.46 13.25 -6.81
CA GLY B 50 43.63 14.08 -7.01
C GLY B 50 44.30 14.49 -5.71
N GLN B 51 43.52 14.63 -4.64
CA GLN B 51 44.05 15.14 -3.39
C GLN B 51 44.60 14.05 -2.47
N GLN B 52 44.27 12.79 -2.73
CA GLN B 52 44.74 11.67 -1.92
C GLN B 52 44.58 11.91 -0.41
N PRO B 53 43.36 12.17 0.06
CA PRO B 53 43.19 12.54 1.47
C PRO B 53 43.54 11.43 2.44
N LEU B 54 43.53 10.18 1.99
CA LEU B 54 43.84 9.06 2.86
C LEU B 54 45.24 8.53 2.63
N LYS B 55 46.08 9.27 1.91
CA LYS B 55 47.49 8.93 1.79
C LYS B 55 48.09 8.77 3.19
N GLY B 56 48.63 7.58 3.47
CA GLY B 56 49.19 7.30 4.77
C GLY B 56 48.22 6.71 5.78
N ALA B 57 46.93 6.66 5.45
CA ALA B 57 45.98 5.96 6.30
C ALA B 57 46.21 4.45 6.20
N LYS B 58 46.18 3.78 7.35
CA LYS B 58 46.26 2.33 7.42
C LYS B 58 45.04 1.86 8.21
N ILE B 59 44.02 1.38 7.51
CA ILE B 59 42.69 1.19 8.10
C ILE B 59 42.48 -0.29 8.41
N LEU B 60 42.20 -0.61 9.67
CA LEU B 60 41.65 -1.90 10.03
C LEU B 60 40.14 -1.84 9.80
N GLY B 61 39.64 -2.67 8.88
CA GLY B 61 38.22 -2.69 8.62
C GLY B 61 37.53 -3.98 9.00
N CYS B 62 36.37 -3.90 9.64
CA CYS B 62 35.63 -5.09 10.04
C CYS B 62 34.15 -4.87 9.71
N ILE B 63 33.74 -5.36 8.55
CA ILE B 63 32.35 -5.22 8.13
C ILE B 63 32.07 -6.24 7.04
N HIS B 64 30.84 -6.80 7.07
CA HIS B 64 30.33 -7.77 6.10
C HIS B 64 31.00 -7.69 4.74
N MET B 65 31.67 -8.76 4.31
CA MET B 65 32.51 -8.69 3.11
C MET B 65 31.64 -9.00 1.90
N THR B 66 30.76 -8.06 1.59
CA THR B 66 29.85 -8.12 0.46
C THR B 66 30.43 -7.40 -0.73
N ILE B 67 29.72 -7.51 -1.87
CA ILE B 67 30.08 -6.71 -3.03
C ILE B 67 30.10 -5.22 -2.70
N GLN B 68 29.10 -4.76 -1.93
CA GLN B 68 29.03 -3.34 -1.60
C GLN B 68 30.24 -2.91 -0.78
N THR B 69 30.64 -3.74 0.18
CA THR B 69 31.85 -3.44 0.94
C THR B 69 33.08 -3.44 0.03
N GLY B 70 33.09 -4.28 -1.00
CA GLY B 70 34.17 -4.20 -1.98
C GLY B 70 34.31 -2.82 -2.58
N VAL B 71 33.19 -2.20 -2.98
CA VAL B 71 33.29 -0.86 -3.55
C VAL B 71 33.77 0.14 -2.49
N LEU B 72 33.33 -0.04 -1.26
CA LEU B 72 33.85 0.78 -0.16
C LEU B 72 35.36 0.64 -0.03
N ILE B 73 35.84 -0.61 -0.01
CA ILE B 73 37.27 -0.86 0.16
C ILE B 73 38.07 -0.20 -0.94
N GLU B 74 37.64 -0.41 -2.19
CA GLU B 74 38.42 0.13 -3.31
C GLU B 74 38.32 1.64 -3.40
N THR B 75 37.29 2.25 -2.81
CA THR B 75 37.24 3.71 -2.70
C THR B 75 38.27 4.21 -1.71
N LEU B 76 38.36 3.58 -0.53
CA LEU B 76 39.38 3.98 0.44
C LEU B 76 40.78 3.84 -0.15
N VAL B 77 41.05 2.72 -0.83
CA VAL B 77 42.35 2.53 -1.47
C VAL B 77 42.56 3.56 -2.57
N ALA B 78 41.52 3.85 -3.36
CA ALA B 78 41.68 4.81 -4.43
C ALA B 78 42.05 6.20 -3.91
N LEU B 79 41.69 6.51 -2.66
CA LEU B 79 41.98 7.81 -2.06
C LEU B 79 43.25 7.79 -1.21
N GLY B 80 44.00 6.70 -1.25
CA GLY B 80 45.34 6.64 -0.69
C GLY B 80 45.53 5.65 0.44
N ALA B 81 44.48 5.02 0.96
CA ALA B 81 44.59 4.19 2.16
C ALA B 81 45.16 2.82 1.84
N GLU B 82 45.84 2.24 2.83
CA GLU B 82 46.06 0.80 2.90
C GLU B 82 45.04 0.24 3.88
N VAL B 83 44.60 -0.99 3.65
CA VAL B 83 43.60 -1.61 4.51
C VAL B 83 43.96 -3.06 4.77
N ARG B 84 43.40 -3.60 5.86
CA ARG B 84 43.38 -5.03 6.15
C ARG B 84 41.98 -5.36 6.65
N TRP B 85 41.30 -6.29 5.99
CA TRP B 85 39.85 -6.41 6.13
C TRP B 85 39.40 -7.77 6.66
N SER B 86 38.29 -7.74 7.41
CA SER B 86 37.58 -8.95 7.82
C SER B 86 36.09 -8.64 7.84
N SER B 87 35.28 -9.69 7.85
CA SER B 87 33.84 -9.53 7.95
C SER B 87 33.45 -9.47 9.43
N CYS B 88 32.33 -8.78 9.72
CA CYS B 88 31.84 -8.72 11.09
C CYS B 88 30.73 -9.74 11.35
N ASN B 89 30.56 -10.72 10.47
CA ASN B 89 29.60 -11.79 10.72
C ASN B 89 30.03 -13.06 10.00
N ILE B 90 29.79 -14.21 10.64
CA ILE B 90 30.26 -15.47 10.09
C ILE B 90 29.53 -15.91 8.81
N PHE B 91 28.34 -15.36 8.54
CA PHE B 91 27.54 -15.76 7.37
C PHE B 91 27.35 -14.66 6.34
N SER B 92 27.89 -13.46 6.54
CA SER B 92 27.53 -12.34 5.68
C SER B 92 28.47 -12.15 4.47
N THR B 93 29.65 -12.77 4.45
CA THR B 93 30.53 -12.61 3.30
C THR B 93 29.90 -13.19 2.04
N GLN B 94 30.09 -12.50 0.90
CA GLN B 94 29.86 -13.04 -0.42
C GLN B 94 31.23 -13.48 -0.94
N ASP B 95 31.39 -14.79 -1.15
CA ASP B 95 32.73 -15.30 -1.44
C ASP B 95 33.33 -14.70 -2.70
N GLN B 96 32.49 -14.35 -3.70
CA GLN B 96 33.04 -13.76 -4.90
C GLN B 96 33.56 -12.34 -4.66
N ALA B 97 32.94 -11.61 -3.72
CA ALA B 97 33.46 -10.30 -3.34
C ALA B 97 34.79 -10.42 -2.65
N ALA B 98 34.89 -11.35 -1.69
CA ALA B 98 36.16 -11.54 -0.99
C ALA B 98 37.26 -11.93 -1.96
N ALA B 99 36.94 -12.80 -2.93
CA ALA B 99 37.92 -13.23 -3.93
C ALA B 99 38.41 -12.05 -4.79
N ALA B 100 37.50 -11.21 -5.26
CA ALA B 100 37.92 -10.08 -6.09
C ALA B 100 38.83 -9.13 -5.31
N ILE B 101 38.51 -8.89 -4.04
CA ILE B 101 39.35 -8.01 -3.23
C ILE B 101 40.73 -8.62 -3.03
N ALA B 102 40.78 -9.91 -2.66
CA ALA B 102 42.07 -10.58 -2.54
C ALA B 102 42.85 -10.53 -3.84
N ALA B 103 42.16 -10.75 -4.97
CA ALA B 103 42.85 -10.79 -6.25
C ALA B 103 43.41 -9.42 -6.63
N ALA B 104 42.87 -8.35 -6.06
CA ALA B 104 43.38 -7.00 -6.25
C ALA B 104 44.58 -6.69 -5.35
N GLY B 105 45.07 -7.66 -4.59
CA GLY B 105 46.23 -7.44 -3.74
C GLY B 105 45.93 -6.83 -2.39
N ILE B 106 44.70 -6.97 -1.91
CA ILE B 106 44.25 -6.34 -0.67
C ILE B 106 44.06 -7.43 0.38
N PRO B 107 44.69 -7.31 1.55
CA PRO B 107 44.54 -8.33 2.59
C PRO B 107 43.11 -8.40 3.10
N VAL B 108 42.49 -9.55 2.90
CA VAL B 108 41.10 -9.78 3.33
C VAL B 108 41.02 -11.20 3.86
N PHE B 109 40.32 -11.38 4.98
CA PHE B 109 40.21 -12.66 5.66
C PHE B 109 38.75 -12.88 5.98
N ALA B 110 38.06 -13.66 5.14
CA ALA B 110 36.61 -13.71 5.24
C ALA B 110 36.06 -14.73 4.25
N TRP B 111 35.09 -15.52 4.73
CA TRP B 111 34.33 -16.42 3.85
C TRP B 111 32.96 -16.64 4.46
N LYS B 112 32.00 -17.04 3.63
CA LYS B 112 30.67 -17.37 4.13
C LYS B 112 30.70 -18.70 4.89
N GLY B 113 30.15 -18.72 6.10
CA GLY B 113 30.13 -19.92 6.91
C GLY B 113 31.34 -20.15 7.81
N GLU B 114 31.91 -19.08 8.36
CA GLU B 114 32.99 -19.25 9.32
C GLU B 114 32.47 -19.87 10.61
N THR B 115 33.34 -20.60 11.29
CA THR B 115 33.10 -20.93 12.69
C THR B 115 33.41 -19.72 13.56
N GLU B 116 33.00 -19.77 14.83
CA GLU B 116 33.33 -18.69 15.76
C GLU B 116 34.84 -18.54 15.87
N GLU B 117 35.55 -19.66 15.92
CA GLU B 117 37.01 -19.62 16.04
C GLU B 117 37.62 -19.00 14.80
N GLU B 118 37.13 -19.36 13.60
CA GLU B 118 37.60 -18.74 12.37
C GLU B 118 37.30 -17.24 12.36
N TYR B 119 36.11 -16.86 12.84
CA TYR B 119 35.75 -15.44 12.88
C TYR B 119 36.77 -14.63 13.67
N GLU B 120 37.15 -15.13 14.86
CA GLU B 120 38.11 -14.41 15.68
C GLU B 120 39.49 -14.41 15.04
N TRP B 121 39.89 -15.54 14.45
CA TRP B 121 41.15 -15.62 13.74
C TRP B 121 41.21 -14.59 12.60
N CYS B 122 40.11 -14.41 11.87
CA CYS B 122 40.11 -13.48 10.75
C CYS B 122 40.38 -12.05 11.21
N ILE B 123 39.72 -11.62 12.29
CA ILE B 123 39.97 -10.27 12.79
C ILE B 123 41.43 -10.13 13.17
N GLU B 124 41.98 -11.17 13.81
CA GLU B 124 43.38 -11.13 14.25
C GLU B 124 44.33 -11.01 13.07
N GLN B 125 44.00 -11.63 11.93
CA GLN B 125 44.86 -11.52 10.76
C GLN B 125 44.91 -10.10 10.21
N THR B 126 43.85 -9.30 10.44
CA THR B 126 43.93 -7.89 10.06
C THR B 126 44.77 -7.11 11.05
N ILE B 127 44.68 -7.46 12.34
CA ILE B 127 45.41 -6.72 13.37
C ILE B 127 46.91 -7.01 13.30
N LEU B 128 47.27 -8.25 12.98
CA LEU B 128 48.66 -8.67 12.91
C LEU B 128 49.09 -8.78 11.45
N LYS B 129 50.29 -8.27 11.16
CA LYS B 129 50.94 -8.49 9.88
C LYS B 129 52.30 -9.10 10.17
N ASP B 130 52.55 -10.30 9.64
CA ASP B 130 53.79 -11.01 9.89
C ASP B 130 54.02 -11.23 11.38
N GLY B 131 52.95 -11.60 12.10
CA GLY B 131 53.06 -11.94 13.50
C GLY B 131 53.18 -10.76 14.43
N GLN B 132 53.25 -9.53 13.93
CA GLN B 132 53.38 -8.34 14.76
C GLN B 132 52.21 -7.40 14.52
N PRO B 133 51.86 -6.57 15.50
CA PRO B 133 50.80 -5.58 15.27
C PRO B 133 51.12 -4.72 14.07
N TRP B 134 50.17 -4.64 13.15
CA TRP B 134 50.26 -3.73 12.03
C TRP B 134 50.29 -2.28 12.55
N ASP B 135 50.91 -1.40 11.78
CA ASP B 135 50.98 0.01 12.14
C ASP B 135 49.72 0.73 11.68
N ALA B 136 48.58 0.25 12.17
CA ALA B 136 47.28 0.82 11.84
C ALA B 136 47.10 2.19 12.49
N ASN B 137 46.38 3.08 11.81
CA ASN B 137 46.08 4.39 12.38
C ASN B 137 44.62 4.78 12.19
N MET B 138 43.79 3.89 11.67
CA MET B 138 42.37 4.14 11.54
C MET B 138 41.63 2.82 11.71
N VAL B 139 40.37 2.91 12.14
CA VAL B 139 39.51 1.75 12.34
C VAL B 139 38.16 2.03 11.72
N LEU B 140 37.63 1.06 10.97
CA LEU B 140 36.28 1.10 10.42
C LEU B 140 35.57 -0.17 10.87
N ASP B 141 34.45 -0.02 11.57
CA ASP B 141 33.88 -1.13 12.31
C ASP B 141 32.38 -1.17 12.12
N ASP B 142 31.82 -2.37 12.25
CA ASP B 142 30.38 -2.59 12.14
C ASP B 142 29.99 -3.54 13.26
N GLY B 143 29.52 -2.97 14.37
CA GLY B 143 29.05 -3.75 15.50
C GLY B 143 29.98 -3.69 16.70
N GLY B 144 31.21 -3.20 16.51
CA GLY B 144 32.12 -2.97 17.61
C GLY B 144 33.02 -4.12 18.01
N ASP B 145 32.99 -5.26 17.30
CA ASP B 145 33.82 -6.40 17.72
C ASP B 145 35.30 -6.08 17.59
N LEU B 146 35.70 -5.51 16.45
CA LEU B 146 37.10 -5.12 16.26
C LEU B 146 37.49 -4.02 17.25
N THR B 147 36.60 -3.06 17.48
CA THR B 147 36.87 -2.00 18.45
C THR B 147 37.14 -2.58 19.83
N GLU B 148 36.32 -3.56 20.25
CA GLU B 148 36.47 -4.18 21.56
C GLU B 148 37.80 -4.92 21.68
N ILE B 149 38.12 -5.73 20.68
CA ILE B 149 39.37 -6.49 20.70
C ILE B 149 40.57 -5.55 20.85
N LEU B 150 40.58 -4.44 20.11
CA LEU B 150 41.69 -3.50 20.22
C LEU B 150 41.77 -2.91 21.62
N HIS B 151 40.64 -2.47 22.16
CA HIS B 151 40.65 -1.86 23.49
C HIS B 151 41.08 -2.86 24.55
N LYS B 152 40.68 -4.13 24.40
CA LYS B 152 40.93 -5.11 25.44
C LYS B 152 42.25 -5.83 25.26
N LYS B 153 42.58 -6.25 24.03
CA LYS B 153 43.72 -7.12 23.79
C LYS B 153 44.93 -6.41 23.20
N TYR B 154 44.74 -5.30 22.49
CA TYR B 154 45.85 -4.58 21.86
C TYR B 154 45.79 -3.09 22.18
N PRO B 155 45.64 -2.74 23.46
CA PRO B 155 45.46 -1.31 23.79
C PRO B 155 46.58 -0.42 23.28
N GLN B 156 47.81 -0.95 23.16
CA GLN B 156 48.92 -0.12 22.69
C GLN B 156 48.70 0.36 21.26
N MET B 157 48.00 -0.41 20.43
CA MET B 157 47.80 0.01 19.05
C MET B 157 46.92 1.26 18.98
N LEU B 158 46.08 1.49 19.98
CA LEU B 158 45.20 2.65 19.96
C LEU B 158 45.96 3.95 20.18
N GLU B 159 47.18 3.89 20.70
CA GLU B 159 47.99 5.10 20.84
C GLU B 159 48.41 5.66 19.50
N ARG B 160 48.27 4.88 18.41
CA ARG B 160 48.61 5.35 17.08
C ARG B 160 47.39 5.58 16.19
N ILE B 161 46.18 5.31 16.71
CA ILE B 161 44.97 5.33 15.91
C ILE B 161 44.27 6.68 16.07
N HIS B 162 43.88 7.28 14.94
CA HIS B 162 43.29 8.62 14.97
C HIS B 162 41.79 8.61 15.21
N GLY B 163 41.12 7.47 15.00
CA GLY B 163 39.68 7.44 15.16
C GLY B 163 39.10 6.14 14.66
N ILE B 164 37.82 5.95 15.02
CA ILE B 164 36.99 4.82 14.63
C ILE B 164 35.76 5.39 13.95
N THR B 165 35.37 4.77 12.82
CA THR B 165 34.11 5.12 12.18
C THR B 165 33.21 3.88 12.28
N GLU B 166 32.11 4.00 13.03
CA GLU B 166 31.28 2.86 13.41
C GLU B 166 29.98 2.87 12.62
N GLU B 167 29.66 1.73 12.01
CA GLU B 167 28.56 1.60 11.06
C GLU B 167 27.18 1.51 11.69
N THR B 168 27.01 0.82 12.82
CA THR B 168 25.67 0.35 13.14
C THR B 168 25.27 0.63 14.59
N THR B 169 23.95 0.67 14.79
CA THR B 169 23.37 1.07 16.08
C THR B 169 24.02 0.34 17.24
N THR B 170 24.19 -0.98 17.11
CA THR B 170 24.76 -1.74 18.22
C THR B 170 26.18 -1.29 18.54
N GLY B 171 27.01 -1.12 17.51
CA GLY B 171 28.37 -0.66 17.76
C GLY B 171 28.42 0.74 18.33
N VAL B 172 27.48 1.61 17.92
CA VAL B 172 27.45 2.95 18.51
C VAL B 172 27.13 2.86 20.00
N HIS B 173 26.16 2.02 20.36
CA HIS B 173 25.83 1.85 21.77
C HIS B 173 27.07 1.45 22.57
N ARG B 174 27.85 0.51 22.05
CA ARG B 174 29.06 0.07 22.75
C ARG B 174 30.08 1.20 22.88
N LEU B 175 30.19 2.05 21.85
CA LEU B 175 31.11 3.19 21.96
C LEU B 175 30.66 4.15 23.05
N LEU B 176 29.35 4.42 23.11
CA LEU B 176 28.82 5.36 24.08
C LEU B 176 28.95 4.83 25.50
N ASP B 177 28.89 3.51 25.67
CA ASP B 177 29.18 2.93 26.97
C ASP B 177 30.62 3.24 27.38
N MET B 178 31.55 3.09 26.44
CA MET B 178 32.95 3.36 26.77
C MET B 178 33.17 4.84 27.05
N LEU B 179 32.58 5.71 26.23
CA LEU B 179 32.71 7.15 26.47
C LEU B 179 32.18 7.51 27.85
N LYS B 180 31.05 6.90 28.23
CA LYS B 180 30.46 7.17 29.54
C LYS B 180 31.39 6.73 30.66
N ASN B 181 32.04 5.59 30.48
CA ASN B 181 32.95 5.04 31.48
C ASN B 181 34.36 5.59 31.40
N GLY B 182 34.66 6.39 30.37
CA GLY B 182 36.01 6.91 30.26
C GLY B 182 37.04 5.89 29.81
N THR B 183 36.61 4.88 29.06
CA THR B 183 37.49 3.83 28.56
C THR B 183 37.66 3.87 27.05
N LEU B 184 36.97 4.79 26.37
CA LEU B 184 37.19 4.99 24.95
C LEU B 184 38.51 5.72 24.74
N LYS B 185 39.43 5.12 23.97
CA LYS B 185 40.78 5.66 23.81
C LYS B 185 40.94 6.59 22.61
N VAL B 186 40.06 6.51 21.61
CA VAL B 186 40.14 7.37 20.42
C VAL B 186 38.76 7.86 20.07
N PRO B 187 38.68 9.00 19.37
CA PRO B 187 37.37 9.51 18.97
C PRO B 187 36.75 8.64 17.89
N ALA B 188 35.43 8.74 17.80
CA ALA B 188 34.67 7.96 16.84
C ALA B 188 33.69 8.84 16.10
N ILE B 189 33.42 8.47 14.85
CA ILE B 189 32.27 8.99 14.12
C ILE B 189 31.18 7.93 14.18
N ASN B 190 30.02 8.34 14.68
CA ASN B 190 28.78 7.59 14.59
C ASN B 190 28.25 7.76 13.17
N VAL B 191 28.63 6.82 12.30
CA VAL B 191 28.14 6.82 10.93
C VAL B 191 26.67 6.41 10.88
N ASN B 192 26.26 5.55 11.80
CA ASN B 192 24.87 5.07 11.81
C ASN B 192 23.88 6.21 11.71
N ASP B 193 24.12 7.30 12.44
CA ASP B 193 23.08 8.30 12.63
C ASP B 193 23.18 9.49 11.66
N SER B 194 23.91 9.35 10.57
CA SER B 194 23.57 10.18 9.42
C SER B 194 22.18 9.78 8.95
N VAL B 195 21.39 10.76 8.50
CA VAL B 195 20.06 10.40 7.98
C VAL B 195 20.21 9.53 6.75
N THR B 196 21.18 9.83 5.88
CA THR B 196 21.44 8.99 4.73
C THR B 196 22.02 7.65 5.08
N LYS B 197 22.12 7.34 6.37
CA LYS B 197 22.44 6.00 6.83
C LYS B 197 21.25 5.43 7.60
N SER B 198 20.98 5.91 8.82
CA SER B 198 19.92 5.36 9.66
C SER B 198 18.57 5.27 8.95
N LYS B 199 18.14 6.35 8.30
CA LYS B 199 16.84 6.40 7.65
CA LYS B 199 16.83 6.37 7.66
C LYS B 199 16.88 5.96 6.20
N ASN B 200 17.93 5.25 5.80
CA ASN B 200 18.12 4.75 4.45
C ASN B 200 18.46 3.26 4.55
N ASP B 201 19.65 2.98 5.05
CA ASP B 201 20.11 1.62 5.31
C ASP B 201 19.23 0.89 6.34
N ASN B 202 19.13 1.42 7.56
CA ASN B 202 18.49 0.64 8.62
C ASN B 202 17.04 0.35 8.27
N LYS B 203 16.38 1.29 7.62
CA LYS B 203 14.93 1.17 7.35
C LYS B 203 14.70 0.58 5.96
N TYR B 204 15.05 1.31 4.89
CA TYR B 204 14.73 0.84 3.56
C TYR B 204 15.57 -0.36 3.14
N GLY B 205 16.79 -0.47 3.67
CA GLY B 205 17.58 -1.66 3.37
C GLY B 205 16.91 -2.92 3.86
N CYS B 206 16.44 -2.92 5.11
CA CYS B 206 15.72 -4.09 5.59
C CYS B 206 14.40 -4.28 4.87
N ARG B 207 13.77 -3.21 4.41
CA ARG B 207 12.55 -3.36 3.62
C ARG B 207 12.83 -4.17 2.36
N HIS B 208 13.95 -3.89 1.71
CA HIS B 208 14.35 -4.63 0.51
C HIS B 208 14.76 -6.06 0.85
N SER B 209 15.56 -6.25 1.91
CA SER B 209 16.29 -7.50 2.03
C SER B 209 15.68 -8.50 3.00
N LEU B 210 14.72 -8.11 3.85
CA LEU B 210 14.15 -9.09 4.78
C LEU B 210 13.30 -10.10 4.02
N ASN B 211 12.31 -9.64 3.26
CA ASN B 211 11.49 -10.61 2.55
CA ASN B 211 11.49 -10.59 2.53
C ASN B 211 12.32 -11.33 1.50
N ASP B 212 13.36 -10.67 0.97
CA ASP B 212 14.32 -11.30 0.06
C ASP B 212 14.92 -12.55 0.70
N ALA B 213 15.46 -12.40 1.92
CA ALA B 213 16.11 -13.54 2.58
C ALA B 213 15.11 -14.63 2.95
N ILE B 214 13.89 -14.27 3.37
CA ILE B 214 12.93 -15.28 3.74
C ILE B 214 12.53 -16.11 2.51
N LYS B 215 12.38 -15.45 1.37
CA LYS B 215 12.05 -16.19 0.15
C LYS B 215 13.19 -17.10 -0.27
N ARG B 216 14.43 -16.60 -0.27
CA ARG B 216 15.52 -17.48 -0.68
C ARG B 216 15.65 -18.68 0.25
N GLY B 217 15.44 -18.47 1.55
CA GLY B 217 15.60 -19.53 2.53
C GLY B 217 14.49 -20.57 2.54
N THR B 218 13.24 -20.13 2.37
CA THR B 218 12.08 -21.01 2.52
C THR B 218 11.23 -21.09 1.27
N ASP B 219 11.28 -20.07 0.41
CA ASP B 219 10.33 -19.92 -0.69
C ASP B 219 8.88 -19.97 -0.22
N HIS B 220 8.62 -19.56 1.02
CA HIS B 220 7.26 -19.53 1.53
C HIS B 220 6.48 -18.35 0.96
N LEU B 221 5.25 -18.60 0.55
CA LEU B 221 4.28 -17.53 0.38
C LEU B 221 4.20 -16.75 1.70
N LEU B 222 4.26 -15.41 1.61
CA LEU B 222 4.05 -14.57 2.78
C LEU B 222 2.65 -13.94 2.82
N SER B 223 2.06 -13.65 1.66
CA SER B 223 0.74 -13.04 1.61
C SER B 223 -0.27 -13.88 2.39
N GLY B 224 -1.07 -13.22 3.21
CA GLY B 224 -2.14 -13.86 3.94
C GLY B 224 -1.74 -14.49 5.26
N LYS B 225 -0.43 -14.60 5.54
CA LYS B 225 0.05 -15.25 6.76
C LYS B 225 0.30 -14.22 7.84
N GLN B 226 0.49 -14.70 9.09
CA GLN B 226 0.60 -13.85 10.27
CA GLN B 226 0.60 -13.85 10.26
C GLN B 226 2.06 -13.69 10.67
N ALA B 227 2.49 -12.44 10.87
CA ALA B 227 3.85 -12.13 11.30
C ALA B 227 3.84 -11.35 12.60
N LEU B 228 4.85 -11.59 13.43
CA LEU B 228 5.11 -10.81 14.63
C LEU B 228 6.50 -10.21 14.50
N VAL B 229 6.59 -8.89 14.45
CA VAL B 229 7.88 -8.21 14.39
C VAL B 229 8.16 -7.66 15.78
N ILE B 230 9.28 -8.06 16.37
CA ILE B 230 9.67 -7.56 17.69
C ILE B 230 10.56 -6.35 17.49
N GLY B 231 10.05 -5.17 17.85
CA GLY B 231 10.78 -3.92 17.73
C GLY B 231 10.26 -3.08 16.59
N TYR B 232 10.34 -1.74 16.76
CA TYR B 232 9.82 -0.82 15.74
C TYR B 232 10.67 0.45 15.73
N GLY B 233 11.98 0.29 15.87
CA GLY B 233 12.93 1.35 15.54
C GLY B 233 13.16 1.35 14.04
N ASP B 234 14.33 1.77 13.57
CA ASP B 234 14.49 1.88 12.12
C ASP B 234 14.41 0.51 11.44
N VAL B 235 15.07 -0.50 12.02
CA VAL B 235 15.04 -1.83 11.41
C VAL B 235 13.65 -2.44 11.55
N GLY B 236 13.00 -2.29 12.70
CA GLY B 236 11.65 -2.84 12.85
C GLY B 236 10.65 -2.19 11.90
N LYS B 237 10.80 -0.88 11.66
CA LYS B 237 9.94 -0.21 10.68
C LYS B 237 10.15 -0.79 9.28
N GLY B 238 11.40 -0.86 8.85
CA GLY B 238 11.70 -1.39 7.53
C GLY B 238 11.28 -2.84 7.40
N SER B 239 11.50 -3.63 8.43
CA SER B 239 11.11 -5.05 8.42
C SER B 239 9.60 -5.22 8.36
N SER B 240 8.87 -4.44 9.16
CA SER B 240 7.41 -4.54 9.12
C SER B 240 6.89 -4.21 7.74
N GLN B 241 7.48 -3.20 7.09
CA GLN B 241 7.02 -2.84 5.75
C GLN B 241 7.39 -3.93 4.75
N SER B 242 8.58 -4.54 4.92
CA SER B 242 9.00 -5.63 4.02
C SER B 242 7.94 -6.72 3.99
N LEU B 243 7.37 -7.02 5.15
CA LEU B 243 6.36 -8.05 5.27
C LEU B 243 4.96 -7.55 4.89
N ARG B 244 4.57 -6.37 5.35
CA ARG B 244 3.23 -5.88 5.04
C ARG B 244 3.04 -5.69 3.54
N GLN B 245 4.10 -5.25 2.85
CA GLN B 245 3.96 -5.00 1.41
C GLN B 245 3.79 -6.28 0.61
N GLU B 246 4.19 -7.44 1.18
CA GLU B 246 3.95 -8.76 0.61
C GLU B 246 2.56 -9.28 0.94
N GLY B 247 1.79 -8.57 1.76
CA GLY B 247 0.47 -8.98 2.18
C GLY B 247 0.43 -9.79 3.47
N MET B 248 1.51 -9.79 4.25
CA MET B 248 1.39 -10.38 5.57
C MET B 248 0.48 -9.53 6.45
N ILE B 249 -0.18 -10.18 7.41
CA ILE B 249 -0.84 -9.51 8.51
C ILE B 249 0.21 -9.38 9.61
N VAL B 250 0.71 -8.18 9.81
CA VAL B 250 1.86 -7.95 10.68
C VAL B 250 1.40 -7.36 12.00
N LYS B 251 1.86 -7.96 13.11
CA LYS B 251 1.70 -7.40 14.44
C LYS B 251 3.08 -6.98 14.94
N VAL B 252 3.10 -5.93 15.75
CA VAL B 252 4.36 -5.32 16.19
C VAL B 252 4.40 -5.31 17.70
N ALA B 253 5.55 -5.70 18.28
CA ALA B 253 5.78 -5.56 19.71
C ALA B 253 6.81 -4.47 19.95
N GLU B 254 6.63 -3.70 21.02
CA GLU B 254 7.61 -2.65 21.37
C GLU B 254 7.64 -2.45 22.87
N VAL B 255 8.79 -2.00 23.37
CA VAL B 255 8.88 -1.49 24.74
C VAL B 255 8.81 0.04 24.76
N ASP B 256 9.03 0.69 23.62
CA ASP B 256 9.03 2.14 23.56
C ASP B 256 7.65 2.62 23.13
N PRO B 257 6.91 3.33 23.98
CA PRO B 257 5.54 3.74 23.59
C PRO B 257 5.50 4.65 22.38
N ILE B 258 6.53 5.48 22.16
CA ILE B 258 6.52 6.36 21.00
C ILE B 258 6.63 5.55 19.72
N CYS B 259 7.55 4.58 19.70
CA CYS B 259 7.67 3.69 18.55
C CYS B 259 6.40 2.88 18.34
N ALA B 260 5.78 2.44 19.44
CA ALA B 260 4.52 1.70 19.35
C ALA B 260 3.41 2.58 18.77
N MET B 261 3.36 3.85 19.17
N MET B 261 3.36 3.84 19.18
CA MET B 261 2.39 4.77 18.60
CA MET B 261 2.40 4.78 18.59
C MET B 261 2.57 4.88 17.09
C MET B 261 2.58 4.87 17.09
N GLN B 262 3.83 4.98 16.63
CA GLN B 262 4.07 5.01 15.20
C GLN B 262 3.54 3.75 14.53
N ALA B 263 3.71 2.58 15.17
CA ALA B 263 3.23 1.36 14.54
C ALA B 263 1.72 1.38 14.38
N CYS B 264 1.00 1.86 15.41
CA CYS B 264 -0.46 1.93 15.29
C CYS B 264 -0.85 2.82 14.14
N MET B 265 -0.28 4.04 14.10
CA MET B 265 -0.59 4.99 13.04
C MET B 265 -0.21 4.45 11.68
N ASP B 266 0.80 3.60 11.62
CA ASP B 266 1.22 2.99 10.36
C ASP B 266 0.35 1.82 9.97
N GLY B 267 -0.64 1.49 10.79
CA GLY B 267 -1.63 0.51 10.43
C GLY B 267 -1.35 -0.88 10.93
N PHE B 268 -0.55 -1.00 12.00
CA PHE B 268 -0.24 -2.29 12.59
C PHE B 268 -0.92 -2.42 13.95
N GLU B 269 -1.31 -3.66 14.28
CA GLU B 269 -1.79 -3.97 15.61
C GLU B 269 -0.58 -4.14 16.52
N VAL B 270 -0.55 -3.46 17.67
CA VAL B 270 0.58 -3.54 18.60
C VAL B 270 0.21 -4.52 19.71
N VAL B 271 1.02 -5.56 19.89
CA VAL B 271 0.74 -6.65 20.83
C VAL B 271 1.99 -6.97 21.63
N SER B 272 1.78 -7.61 22.78
CA SER B 272 2.91 -8.13 23.55
C SER B 272 2.91 -9.64 23.55
N PRO B 273 4.07 -10.29 23.49
CA PRO B 273 4.09 -11.75 23.67
C PRO B 273 3.56 -12.17 25.03
N TYR B 274 3.48 -11.25 25.98
CA TYR B 274 3.17 -11.53 27.37
C TYR B 274 1.86 -10.88 27.79
N LYS B 275 1.13 -11.57 28.65
CA LYS B 275 -0.06 -10.99 29.26
C LYS B 275 0.30 -9.74 30.04
N ASN B 276 -0.47 -8.68 29.83
CA ASN B 276 -0.25 -7.37 30.45
C ASN B 276 1.08 -6.77 30.05
N GLY B 277 1.78 -7.38 29.09
CA GLY B 277 3.13 -6.99 28.74
C GLY B 277 4.19 -7.32 29.77
N ILE B 278 3.90 -8.16 30.76
CA ILE B 278 4.82 -8.43 31.86
C ILE B 278 5.58 -9.73 31.58
N ASN B 279 6.89 -9.62 31.41
CA ASN B 279 7.76 -10.74 31.03
C ASN B 279 8.33 -11.30 32.32
N ASP B 280 7.54 -12.16 32.98
CA ASP B 280 7.96 -12.69 34.28
C ASP B 280 8.70 -14.03 34.17
N GLY B 281 8.97 -14.49 32.95
CA GLY B 281 9.73 -15.70 32.72
C GLY B 281 8.96 -17.00 32.73
N THR B 282 7.64 -16.97 32.92
CA THR B 282 6.84 -18.18 33.07
C THR B 282 6.09 -18.48 31.78
N GLU B 283 5.73 -19.76 31.60
CA GLU B 283 4.88 -20.11 30.47
C GLU B 283 3.52 -19.43 30.55
N ALA B 284 2.99 -19.27 31.77
CA ALA B 284 1.68 -18.64 31.95
C ALA B 284 1.66 -17.20 31.44
N SER B 285 2.79 -16.50 31.50
CA SER B 285 2.85 -15.16 30.95
C SER B 285 2.63 -15.12 29.44
N ILE B 286 2.89 -16.20 28.71
CA ILE B 286 2.84 -16.13 27.25
C ILE B 286 1.40 -16.04 26.79
N ASP B 287 1.12 -15.12 25.89
CA ASP B 287 -0.17 -15.11 25.21
C ASP B 287 -0.19 -16.27 24.22
N ALA B 288 -0.68 -17.43 24.65
CA ALA B 288 -0.54 -18.63 23.85
C ALA B 288 -1.41 -18.55 22.60
N ALA B 289 -2.58 -17.91 22.70
CA ALA B 289 -3.44 -17.75 21.53
C ALA B 289 -2.72 -16.96 20.46
N LEU B 290 -2.04 -15.89 20.85
CA LEU B 290 -1.29 -15.09 19.89
C LEU B 290 -0.14 -15.89 19.27
N LEU B 291 0.76 -16.41 20.11
CA LEU B 291 1.91 -17.12 19.56
C LEU B 291 1.49 -18.31 18.71
N GLY B 292 0.37 -18.94 19.05
CA GLY B 292 -0.13 -20.11 18.34
C GLY B 292 -0.68 -19.81 16.96
N LYS B 293 -0.86 -18.54 16.60
CA LYS B 293 -1.31 -18.16 15.27
C LYS B 293 -0.22 -17.48 14.45
N ILE B 294 0.99 -17.35 14.96
CA ILE B 294 2.04 -16.60 14.27
C ILE B 294 2.80 -17.53 13.33
N ASP B 295 2.91 -17.14 12.04
CA ASP B 295 3.66 -17.95 11.07
C ASP B 295 5.12 -17.53 10.94
N LEU B 296 5.46 -16.35 11.41
CA LEU B 296 6.79 -15.79 11.19
C LEU B 296 7.06 -14.79 12.30
N ILE B 297 8.18 -14.95 12.98
CA ILE B 297 8.62 -13.98 13.97
C ILE B 297 9.99 -13.44 13.56
N VAL B 298 10.15 -12.12 13.64
CA VAL B 298 11.37 -11.44 13.24
C VAL B 298 11.79 -10.51 14.36
N THR B 299 13.04 -10.63 14.82
CA THR B 299 13.56 -9.80 15.90
C THR B 299 14.41 -8.70 15.29
N THR B 300 14.20 -7.46 15.79
CA THR B 300 14.82 -6.29 15.18
C THR B 300 15.39 -5.33 16.23
N THR B 301 15.69 -5.80 17.44
CA THR B 301 15.82 -4.88 18.57
C THR B 301 17.24 -4.45 18.92
N GLY B 302 18.24 -5.28 18.66
CA GLY B 302 19.53 -5.05 19.29
C GLY B 302 19.56 -5.33 20.78
N ASN B 303 18.53 -5.98 21.30
CA ASN B 303 18.42 -6.34 22.70
C ASN B 303 18.61 -7.85 22.83
N VAL B 304 18.54 -8.36 24.06
CA VAL B 304 18.86 -9.75 24.33
C VAL B 304 17.57 -10.51 24.65
N ASN B 305 17.43 -11.68 24.02
CA ASN B 305 16.36 -12.64 24.34
C ASN B 305 14.98 -12.02 24.24
N VAL B 306 14.69 -11.39 23.09
CA VAL B 306 13.35 -10.85 22.86
C VAL B 306 12.45 -11.85 22.15
N CYS B 307 13.00 -12.98 21.69
CA CYS B 307 12.25 -14.16 21.26
C CYS B 307 12.79 -15.29 22.13
N ASP B 308 12.12 -15.53 23.27
CA ASP B 308 12.68 -16.35 24.33
C ASP B 308 12.15 -17.78 24.24
N ALA B 309 12.61 -18.61 25.14
CA ALA B 309 12.31 -20.04 25.09
C ALA B 309 10.81 -20.28 25.23
N ASN B 310 10.14 -19.55 26.12
CA ASN B 310 8.71 -19.78 26.24
C ASN B 310 7.94 -19.33 25.01
N MET B 311 8.40 -18.28 24.35
CA MET B 311 7.78 -17.92 23.06
C MET B 311 8.01 -19.02 22.02
N LEU B 312 9.25 -19.52 21.93
CA LEU B 312 9.54 -20.58 20.96
C LEU B 312 8.70 -21.82 21.22
N LYS B 313 8.47 -22.15 22.50
CA LYS B 313 7.64 -23.30 22.82
C LYS B 313 6.19 -23.10 22.39
N ALA B 314 5.71 -21.85 22.43
CA ALA B 314 4.31 -21.53 22.16
C ALA B 314 4.01 -21.28 20.69
N LEU B 315 5.03 -21.05 19.88
CA LEU B 315 4.82 -20.69 18.48
C LEU B 315 4.04 -21.78 17.75
N LYS B 316 3.22 -21.33 16.79
CA LYS B 316 2.54 -22.21 15.87
C LYS B 316 3.51 -23.20 15.23
N LYS B 317 3.07 -24.44 15.05
CA LYS B 317 3.91 -25.42 14.37
C LYS B 317 4.32 -24.89 13.00
N ARG B 318 5.58 -25.14 12.63
CA ARG B 318 6.15 -24.81 11.33
C ARG B 318 6.33 -23.32 11.10
N ALA B 319 6.23 -22.50 12.15
CA ALA B 319 6.59 -21.10 12.04
C ALA B 319 8.08 -20.91 11.71
N VAL B 320 8.36 -19.83 10.99
CA VAL B 320 9.72 -19.38 10.69
C VAL B 320 10.16 -18.38 11.75
N VAL B 321 11.41 -18.54 12.20
CA VAL B 321 12.03 -17.69 13.22
C VAL B 321 13.29 -17.10 12.62
N CYS B 322 13.43 -15.77 12.67
CA CYS B 322 14.67 -15.18 12.18
C CYS B 322 14.94 -13.87 12.90
N ASN B 323 16.18 -13.41 12.78
CA ASN B 323 16.67 -12.23 13.46
C ASN B 323 17.36 -11.35 12.43
N ILE B 324 17.04 -10.07 12.42
CA ILE B 324 17.72 -9.13 11.54
C ILE B 324 18.43 -8.03 12.35
N GLY B 325 18.45 -8.16 13.69
CA GLY B 325 19.34 -7.35 14.50
C GLY B 325 20.77 -7.86 14.38
N HIS B 326 21.70 -7.10 14.97
CA HIS B 326 23.11 -7.35 14.71
C HIS B 326 23.60 -8.70 15.26
N PHE B 327 23.13 -9.11 16.45
CA PHE B 327 23.70 -10.25 17.15
C PHE B 327 22.64 -11.33 17.34
N ASP B 328 23.07 -12.60 17.34
CA ASP B 328 22.12 -13.71 17.36
C ASP B 328 21.47 -13.93 18.72
N ASN B 329 21.88 -13.23 19.77
CA ASN B 329 21.29 -13.47 21.08
C ASN B 329 19.90 -12.84 21.24
N GLU B 330 19.36 -12.19 20.19
CA GLU B 330 17.96 -11.78 20.24
C GLU B 330 17.04 -12.97 20.41
N ILE B 331 17.42 -14.12 19.85
CA ILE B 331 16.64 -15.35 19.90
C ILE B 331 17.38 -16.31 20.82
N ASP B 332 16.65 -17.05 21.64
CA ASP B 332 17.29 -18.01 22.55
C ASP B 332 17.57 -19.30 21.78
N THR B 333 18.51 -19.20 20.84
CA THR B 333 18.95 -20.37 20.11
C THR B 333 19.70 -21.35 21.02
N ALA B 334 20.34 -20.84 22.07
CA ALA B 334 21.01 -21.73 23.01
C ALA B 334 20.03 -22.73 23.61
N PHE B 335 18.85 -22.27 24.00
CA PHE B 335 17.80 -23.17 24.48
C PHE B 335 17.44 -24.21 23.42
N MET B 336 17.32 -23.79 22.17
CA MET B 336 16.97 -24.75 21.13
C MET B 336 18.10 -25.74 20.86
N ARG B 337 19.36 -25.32 21.00
CA ARG B 337 20.45 -26.28 20.81
C ARG B 337 20.46 -27.32 21.91
N LYS B 338 20.15 -26.91 23.14
CA LYS B 338 20.22 -27.82 24.28
C LYS B 338 19.07 -28.83 24.27
N ASN B 339 17.90 -28.45 23.75
CA ASN B 339 16.69 -29.24 23.97
C ASN B 339 16.11 -29.88 22.73
N TRP B 340 16.39 -29.36 21.54
CA TRP B 340 15.67 -29.73 20.33
C TRP B 340 16.64 -30.15 19.24
N ALA B 341 16.19 -31.08 18.39
CA ALA B 341 17.01 -31.68 17.35
C ALA B 341 17.00 -30.81 16.10
N TRP B 342 18.18 -30.47 15.59
CA TRP B 342 18.28 -29.61 14.41
C TRP B 342 18.47 -30.46 13.16
N GLU B 343 17.66 -30.20 12.14
CA GLU B 343 17.75 -30.88 10.85
C GLU B 343 18.09 -29.83 9.80
N GLU B 344 19.25 -29.96 9.18
CA GLU B 344 19.61 -28.97 8.16
C GLU B 344 18.80 -29.24 6.90
N VAL B 345 18.09 -28.22 6.43
CA VAL B 345 17.43 -28.31 5.12
C VAL B 345 18.44 -28.07 4.01
N LYS B 346 19.17 -26.96 4.14
CA LYS B 346 20.29 -26.55 3.30
C LYS B 346 21.05 -25.51 4.11
N PRO B 347 22.19 -25.02 3.61
CA PRO B 347 22.98 -24.09 4.41
C PRO B 347 22.13 -22.92 4.90
N GLN B 348 22.26 -22.59 6.18
CA GLN B 348 21.57 -21.48 6.82
C GLN B 348 20.06 -21.67 6.87
N VAL B 349 19.55 -22.90 6.76
CA VAL B 349 18.13 -23.17 6.97
C VAL B 349 18.02 -24.47 7.76
N HIS B 350 17.48 -24.41 8.99
CA HIS B 350 17.39 -25.57 9.86
C HIS B 350 15.96 -25.74 10.33
N LYS B 351 15.47 -26.97 10.29
CA LYS B 351 14.24 -27.34 10.99
C LYS B 351 14.62 -27.73 12.41
N ILE B 352 13.94 -27.13 13.39
CA ILE B 352 14.18 -27.39 14.79
C ILE B 352 13.01 -28.21 15.30
N HIS B 353 13.24 -29.49 15.60
CA HIS B 353 12.16 -30.41 15.97
C HIS B 353 11.91 -30.32 17.47
N ARG B 354 10.72 -29.88 17.85
CA ARG B 354 10.41 -29.67 19.26
C ARG B 354 9.98 -30.95 19.97
N THR B 355 10.11 -32.09 19.30
CA THR B 355 9.82 -33.39 19.89
C THR B 355 10.93 -33.88 20.82
N GLY B 356 12.11 -33.30 20.76
CA GLY B 356 13.17 -33.73 21.65
C GLY B 356 14.52 -33.56 20.99
N LYS B 357 15.55 -33.98 21.72
CA LYS B 357 16.93 -33.86 21.28
C LYS B 357 17.45 -35.15 20.66
N ASP B 358 16.89 -36.30 21.03
CA ASP B 358 17.37 -37.60 20.60
C ASP B 358 16.84 -37.92 19.20
N GLY B 359 17.40 -37.23 18.20
CA GLY B 359 16.98 -37.46 16.83
C GLY B 359 15.59 -36.91 16.57
N PHE B 360 15.12 -37.14 15.35
CA PHE B 360 13.82 -36.62 14.92
C PHE B 360 13.20 -37.58 13.91
N ASP B 361 11.88 -37.54 13.81
CA ASP B 361 11.14 -38.20 12.74
C ASP B 361 11.19 -37.31 11.51
N ALA B 362 11.67 -37.86 10.38
CA ALA B 362 11.78 -37.05 9.17
C ALA B 362 10.45 -36.43 8.76
N HIS B 363 9.33 -37.01 9.18
CA HIS B 363 8.00 -36.51 8.86
C HIS B 363 7.33 -35.87 10.05
N ASN B 364 8.08 -35.56 11.10
CA ASN B 364 7.50 -34.83 12.22
C ASN B 364 6.92 -33.51 11.73
N ASP B 365 5.76 -33.16 12.25
CA ASP B 365 5.10 -31.90 11.90
C ASP B 365 5.39 -30.79 12.91
N ASP B 366 5.95 -31.12 14.08
CA ASP B 366 6.14 -30.14 15.15
C ASP B 366 7.58 -29.64 15.11
N TYR B 367 7.83 -28.70 14.21
CA TYR B 367 9.14 -28.07 14.07
C TYR B 367 8.98 -26.58 13.77
N LEU B 368 10.06 -25.83 14.02
CA LEU B 368 10.21 -24.46 13.59
C LEU B 368 11.28 -24.41 12.52
N ILE B 369 11.23 -23.41 11.66
CA ILE B 369 12.31 -23.19 10.70
C ILE B 369 13.11 -21.97 11.17
N LEU B 370 14.38 -22.19 11.48
CA LEU B 370 15.29 -21.12 11.88
C LEU B 370 16.17 -20.75 10.69
N LEU B 371 16.31 -19.46 10.43
CA LEU B 371 17.13 -18.98 9.32
C LEU B 371 18.47 -18.46 9.85
N ALA B 372 19.56 -18.79 9.14
CA ALA B 372 20.93 -18.33 9.44
C ALA B 372 21.32 -18.58 10.89
N GLU B 373 20.79 -19.64 11.50
CA GLU B 373 21.11 -19.99 12.87
C GLU B 373 20.91 -18.82 13.83
N GLY B 374 19.96 -17.93 13.51
CA GLY B 374 19.71 -16.78 14.34
C GLY B 374 20.55 -15.55 14.05
N ARG B 375 21.52 -15.63 13.13
CA ARG B 375 22.36 -14.50 12.74
C ARG B 375 21.61 -13.60 11.76
N LEU B 376 22.13 -12.38 11.55
CA LEU B 376 21.54 -11.40 10.62
C LEU B 376 20.99 -12.08 9.36
N VAL B 377 19.66 -12.09 9.22
CA VAL B 377 19.06 -12.98 8.23
C VAL B 377 19.18 -12.41 6.83
N ASN B 378 19.16 -11.08 6.68
CA ASN B 378 19.22 -10.52 5.33
C ASN B 378 20.57 -10.81 4.70
N LEU B 379 21.65 -10.74 5.48
CA LEU B 379 22.97 -11.06 4.95
C LEU B 379 23.26 -12.56 4.95
N GLY B 380 22.63 -13.30 5.85
CA GLY B 380 22.92 -14.72 5.98
C GLY B 380 22.21 -15.57 4.95
N ASN B 381 20.97 -15.22 4.65
CA ASN B 381 20.19 -15.96 3.66
C ASN B 381 20.02 -15.23 2.34
N ALA B 382 20.49 -13.99 2.22
CA ALA B 382 20.47 -13.32 0.92
C ALA B 382 21.77 -12.55 0.77
N THR B 383 21.74 -11.29 0.33
CA THR B 383 22.97 -10.52 0.13
C THR B 383 22.93 -9.18 0.85
N GLY B 384 22.10 -9.06 1.88
CA GLY B 384 21.93 -7.81 2.61
C GLY B 384 21.36 -6.72 1.73
N HIS B 385 21.64 -5.48 2.11
CA HIS B 385 21.07 -4.34 1.41
C HIS B 385 21.62 -4.22 -0.01
N PRO B 386 20.84 -3.64 -0.91
CA PRO B 386 21.32 -3.43 -2.29
C PRO B 386 22.35 -2.31 -2.38
N SER B 387 23.13 -2.37 -3.46
CA SER B 387 24.20 -1.39 -3.67
C SER B 387 23.70 0.04 -3.55
N ARG B 388 22.56 0.36 -4.18
CA ARG B 388 22.14 1.74 -4.22
C ARG B 388 21.76 2.27 -2.84
N ILE B 389 21.37 1.38 -1.91
CA ILE B 389 21.17 1.81 -0.53
C ILE B 389 22.50 1.92 0.20
N MET B 390 23.37 0.91 0.04
CA MET B 390 24.65 0.96 0.74
C MET B 390 25.53 2.12 0.26
N ASP B 391 25.26 2.64 -0.94
CA ASP B 391 25.90 3.86 -1.43
C ASP B 391 25.86 4.98 -0.37
N GLY B 392 24.68 5.23 0.21
CA GLY B 392 24.60 6.23 1.26
C GLY B 392 25.46 5.91 2.47
N SER B 393 25.31 4.71 3.02
CA SER B 393 26.07 4.31 4.20
C SER B 393 27.57 4.46 3.97
N PHE B 394 28.03 3.99 2.82
CA PHE B 394 29.47 3.91 2.60
C PHE B 394 30.05 5.23 2.12
N ALA B 395 29.26 6.08 1.46
CA ALA B 395 29.72 7.45 1.23
C ALA B 395 30.00 8.15 2.57
N ASN B 396 29.10 7.98 3.55
CA ASN B 396 29.35 8.49 4.89
C ASN B 396 30.61 7.89 5.50
N GLN B 397 30.81 6.58 5.35
CA GLN B 397 32.01 5.95 5.89
C GLN B 397 33.27 6.63 5.35
N VAL B 398 33.34 6.81 4.03
CA VAL B 398 34.53 7.43 3.44
C VAL B 398 34.74 8.83 3.99
N LEU B 399 33.67 9.62 4.07
CA LEU B 399 33.82 10.99 4.57
C LEU B 399 34.22 10.98 6.04
N ALA B 400 33.72 9.99 6.79
CA ALA B 400 34.08 9.89 8.21
C ALA B 400 35.55 9.53 8.38
N GLN B 401 36.04 8.61 7.55
CA GLN B 401 37.47 8.27 7.56
C GLN B 401 38.33 9.49 7.26
N ILE B 402 37.97 10.27 6.24
CA ILE B 402 38.70 11.50 5.93
C ILE B 402 38.60 12.47 7.11
N HIS B 403 37.39 12.66 7.63
CA HIS B 403 37.16 13.60 8.73
C HIS B 403 38.09 13.33 9.91
N LEU B 404 38.13 12.09 10.39
CA LEU B 404 38.97 11.81 11.56
C LEU B 404 40.45 11.73 11.19
N PHE B 405 40.78 11.19 10.02
CA PHE B 405 42.20 11.07 9.67
C PHE B 405 42.84 12.44 9.53
N GLU B 406 42.14 13.41 8.92
CA GLU B 406 42.70 14.75 8.75
C GLU B 406 42.84 15.50 10.08
N GLN B 407 42.15 15.06 11.14
CA GLN B 407 42.23 15.72 12.44
CA GLN B 407 42.25 15.75 12.43
C GLN B 407 43.38 15.22 13.30
N LYS B 408 43.96 14.06 12.97
CA LYS B 408 45.18 13.55 13.60
C LYS B 408 45.12 13.60 15.13
N TYR B 409 44.10 12.96 15.68
CA TYR B 409 43.96 12.90 17.14
C TYR B 409 45.16 12.25 17.80
N ALA B 410 45.71 11.20 17.17
CA ALA B 410 46.79 10.46 17.85
C ALA B 410 48.04 11.31 18.04
N ASP B 411 48.18 12.41 17.31
CA ASP B 411 49.35 13.27 17.44
C ASP B 411 49.19 14.33 18.52
N LEU B 412 48.02 14.42 19.16
CA LEU B 412 47.76 15.41 20.18
C LEU B 412 48.32 14.99 21.54
N PRO B 413 48.66 15.95 22.40
CA PRO B 413 48.98 15.62 23.79
C PRO B 413 47.71 15.24 24.55
N ALA B 414 47.92 14.58 25.69
CA ALA B 414 46.80 13.96 26.41
C ALA B 414 45.73 14.99 26.76
N ALA B 415 46.15 16.18 27.22
CA ALA B 415 45.18 17.21 27.60
C ALA B 415 44.35 17.64 26.39
N GLU B 416 44.97 17.75 25.22
CA GLU B 416 44.21 18.09 24.02
C GLU B 416 43.36 16.92 23.57
N LYS B 417 43.87 15.69 23.70
CA LYS B 417 43.06 14.52 23.39
C LYS B 417 41.77 14.51 24.21
N ALA B 418 41.89 14.78 25.51
CA ALA B 418 40.71 14.75 26.37
C ALA B 418 39.61 15.66 25.84
N LYS B 419 39.99 16.83 25.31
CA LYS B 419 39.00 17.77 24.77
C LYS B 419 38.42 17.29 23.46
N ARG B 420 39.18 16.52 22.69
CA ARG B 420 38.79 16.06 21.37
C ARG B 420 38.09 14.71 21.39
N LEU B 421 38.06 14.04 22.53
CA LEU B 421 37.47 12.70 22.60
C LEU B 421 35.95 12.80 22.58
N SER B 422 35.33 12.23 21.56
CA SER B 422 33.90 12.35 21.40
C SER B 422 33.42 11.22 20.50
N VAL B 423 32.11 11.03 20.47
CA VAL B 423 31.43 10.16 19.53
C VAL B 423 30.38 11.04 18.86
N GLU B 424 30.66 11.46 17.62
CA GLU B 424 29.84 12.45 16.94
C GLU B 424 29.37 11.93 15.59
N VAL B 425 28.27 12.52 15.12
CA VAL B 425 27.80 12.29 13.76
C VAL B 425 28.49 13.28 12.84
N LEU B 426 28.45 13.00 11.54
CA LEU B 426 28.97 13.95 10.58
C LEU B 426 28.07 15.19 10.52
N PRO B 427 28.64 16.35 10.17
CA PRO B 427 27.82 17.55 10.01
C PRO B 427 26.74 17.36 8.97
N LYS B 428 25.62 18.05 9.19
CA LYS B 428 24.48 17.90 8.28
C LYS B 428 24.85 18.24 6.84
N LYS B 429 25.76 19.20 6.63
CA LYS B 429 26.15 19.57 5.27
C LYS B 429 26.66 18.35 4.51
N LEU B 430 27.39 17.45 5.17
CA LEU B 430 27.87 16.25 4.50
C LEU B 430 26.74 15.26 4.27
N ASP B 431 25.87 15.09 5.26
CA ASP B 431 24.67 14.28 5.09
C ASP B 431 23.88 14.72 3.87
N GLU B 432 23.68 16.03 3.72
CA GLU B 432 22.94 16.54 2.57
C GLU B 432 23.71 16.30 1.28
N GLU B 433 25.03 16.44 1.31
CA GLU B 433 25.81 16.21 0.10
C GLU B 433 25.64 14.77 -0.39
N VAL B 434 25.73 13.81 0.54
CA VAL B 434 25.46 12.41 0.19
C VAL B 434 24.06 12.26 -0.38
N ALA B 435 23.06 12.89 0.26
CA ALA B 435 21.69 12.72 -0.16
C ALA B 435 21.46 13.27 -1.55
N LEU B 436 22.08 14.40 -1.86
CA LEU B 436 21.90 14.96 -3.19
C LEU B 436 22.40 14.00 -4.26
N GLU B 437 23.54 13.35 -4.01
CA GLU B 437 24.05 12.42 -5.00
C GLU B 437 23.14 11.21 -5.13
N MET B 438 22.56 10.76 -4.01
CA MET B 438 21.60 9.66 -4.07
C MET B 438 20.39 10.05 -4.91
N VAL B 439 19.85 11.25 -4.68
CA VAL B 439 18.67 11.70 -5.43
C VAL B 439 18.97 11.77 -6.92
N LYS B 440 20.14 12.32 -7.28
CA LYS B 440 20.50 12.41 -8.70
C LYS B 440 20.61 11.02 -9.32
N GLY B 441 21.02 10.03 -8.53
CA GLY B 441 21.10 8.66 -9.01
C GLY B 441 19.75 8.10 -9.43
N PHE B 442 18.67 8.58 -8.81
CA PHE B 442 17.32 8.22 -9.23
C PHE B 442 16.82 9.10 -10.36
N GLY B 443 17.63 10.07 -10.81
CA GLY B 443 17.15 11.05 -11.75
C GLY B 443 16.28 12.13 -11.13
N GLY B 444 16.25 12.23 -9.80
CA GLY B 444 15.44 13.25 -9.16
C GLY B 444 16.07 14.62 -9.36
N VAL B 445 15.21 15.65 -9.36
CA VAL B 445 15.67 17.03 -9.56
C VAL B 445 15.27 17.84 -8.31
N VAL B 446 16.26 18.27 -7.56
CA VAL B 446 16.01 19.08 -6.37
C VAL B 446 15.85 20.53 -6.78
N THR B 447 14.88 21.22 -6.19
CA THR B 447 14.62 22.62 -6.50
C THR B 447 15.59 23.51 -5.73
N GLN B 448 16.00 24.59 -6.37
CA GLN B 448 16.86 25.60 -5.73
C GLN B 448 16.02 26.74 -5.16
N LEU B 449 16.23 27.06 -3.88
CA LEU B 449 15.55 28.20 -3.27
C LEU B 449 15.94 29.49 -3.96
N THR B 450 14.98 30.41 -4.10
CA THR B 450 15.33 31.77 -4.46
C THR B 450 15.92 32.47 -3.25
N PRO B 451 16.68 33.54 -3.45
CA PRO B 451 17.17 34.30 -2.29
C PRO B 451 16.06 34.73 -1.36
N LYS B 452 14.95 35.21 -1.91
CA LYS B 452 13.84 35.64 -1.07
C LYS B 452 13.31 34.48 -0.22
N GLN B 453 13.21 33.29 -0.83
CA GLN B 453 12.71 32.12 -0.12
C GLN B 453 13.69 31.65 0.95
N ALA B 454 14.98 31.61 0.61
CA ALA B 454 15.99 31.26 1.60
C ALA B 454 15.93 32.21 2.79
N GLU B 455 15.82 33.50 2.52
CA GLU B 455 15.68 34.48 3.62
C GLU B 455 14.39 34.25 4.41
N TYR B 456 13.31 33.87 3.72
CA TYR B 456 12.01 33.71 4.37
C TYR B 456 12.05 32.62 5.44
N ILE B 457 12.72 31.50 5.16
CA ILE B 457 12.78 30.39 6.12
C ILE B 457 14.10 30.36 6.87
N GLY B 458 14.98 31.32 6.62
CA GLY B 458 16.18 31.48 7.43
C GLY B 458 17.26 30.45 7.18
N VAL B 459 17.52 30.11 5.91
CA VAL B 459 18.56 29.15 5.55
C VAL B 459 19.39 29.74 4.43
N SER B 460 20.57 29.14 4.22
CA SER B 460 21.35 29.41 3.03
C SER B 460 20.78 28.64 1.85
N VAL B 461 20.87 29.25 0.65
CA VAL B 461 20.47 28.56 -0.57
C VAL B 461 21.26 27.27 -0.73
N GLU B 462 22.47 27.22 -0.16
CA GLU B 462 23.32 26.03 -0.23
C GLU B 462 23.05 25.04 0.92
N GLY B 463 22.16 25.37 1.85
CA GLY B 463 21.95 24.54 3.01
C GLY B 463 23.01 24.81 4.07
N PRO B 464 22.94 24.12 5.21
CA PRO B 464 21.93 23.09 5.53
C PRO B 464 20.52 23.66 5.60
N PHE B 465 19.54 22.83 5.29
CA PHE B 465 18.17 23.30 5.19
C PHE B 465 17.36 23.08 6.47
N LYS B 466 17.91 22.35 7.43
CA LYS B 466 17.23 22.02 8.67
C LYS B 466 18.18 22.23 9.85
N PRO B 467 17.66 22.58 11.01
CA PRO B 467 18.48 22.57 12.23
C PRO B 467 18.85 21.15 12.63
N ASP B 468 19.93 21.04 13.40
CA ASP B 468 20.40 19.72 13.79
C ASP B 468 19.37 18.93 14.58
N THR B 469 18.41 19.62 15.22
CA THR B 469 17.38 18.90 15.96
C THR B 469 16.32 18.25 15.07
N TYR B 470 16.28 18.57 13.78
CA TYR B 470 15.21 18.05 12.93
C TYR B 470 15.28 16.53 12.78
N ARG B 471 14.10 15.88 12.83
CA ARG B 471 14.03 14.43 12.90
C ARG B 471 13.70 13.75 11.56
N TYR B 472 13.27 14.50 10.55
CA TYR B 472 12.91 13.94 9.27
C TYR B 472 11.85 12.85 9.44
N ALA C 11 -26.68 32.68 28.96
CA ALA C 11 -27.63 33.33 29.86
C ALA C 11 -26.91 34.29 30.79
N GLY C 12 -27.10 35.59 30.58
CA GLY C 12 -26.37 36.61 31.31
C GLY C 12 -24.97 36.82 30.76
N PHE C 13 -24.35 35.72 30.34
CA PHE C 13 -23.01 35.74 29.78
C PHE C 13 -23.07 36.19 28.32
N THR C 14 -22.37 37.28 28.00
CA THR C 14 -22.36 37.84 26.65
C THR C 14 -20.95 38.02 26.09
N ASP C 15 -19.93 37.52 26.79
CA ASP C 15 -18.54 37.81 26.45
C ASP C 15 -18.03 36.81 25.40
N TYR C 16 -18.58 36.90 24.19
CA TYR C 16 -18.22 35.96 23.12
C TYR C 16 -18.79 36.45 21.80
N LYS C 17 -18.32 35.86 20.69
CA LYS C 17 -18.96 36.07 19.41
C LYS C 17 -18.78 34.85 18.54
N VAL C 18 -19.90 34.19 18.23
CA VAL C 18 -19.90 32.97 17.43
C VAL C 18 -20.96 33.15 16.35
N ALA C 19 -20.94 32.25 15.36
CA ALA C 19 -21.89 32.37 14.27
C ALA C 19 -23.32 32.16 14.74
N ASP C 20 -23.56 31.14 15.58
CA ASP C 20 -24.94 30.75 15.88
C ASP C 20 -24.90 29.95 17.19
N ILE C 21 -25.24 30.61 18.30
CA ILE C 21 -25.21 29.98 19.61
C ILE C 21 -26.14 28.77 19.67
N THR C 22 -27.14 28.70 18.79
CA THR C 22 -28.09 27.57 18.83
C THR C 22 -27.47 26.26 18.33
N LEU C 23 -26.28 26.29 17.74
CA LEU C 23 -25.54 25.07 17.40
C LEU C 23 -24.90 24.40 18.60
N ALA C 24 -25.08 24.95 19.81
CA ALA C 24 -24.30 24.50 20.96
C ALA C 24 -24.59 23.04 21.32
N ALA C 25 -25.86 22.64 21.31
CA ALA C 25 -26.23 21.28 21.70
C ALA C 25 -25.60 20.25 20.76
N TRP C 26 -25.63 20.52 19.46
CA TRP C 26 -24.92 19.69 18.49
C TRP C 26 -23.43 19.65 18.80
N GLY C 27 -22.84 20.82 19.07
CA GLY C 27 -21.43 20.84 19.46
C GLY C 27 -21.16 19.98 20.67
N ARG C 28 -22.05 20.05 21.67
CA ARG C 28 -21.85 19.26 22.89
C ARG C 28 -21.90 17.76 22.58
N ARG C 29 -22.83 17.33 21.71
CA ARG C 29 -22.87 15.92 21.36
C ARG C 29 -21.55 15.46 20.75
N GLU C 30 -20.98 16.29 19.88
CA GLU C 30 -19.70 15.94 19.26
C GLU C 30 -18.54 16.04 20.24
N LEU C 31 -18.60 16.95 21.21
CA LEU C 31 -17.56 16.99 22.22
C LEU C 31 -17.55 15.72 23.05
N ILE C 32 -18.75 15.22 23.40
CA ILE C 32 -18.82 13.99 24.17
C ILE C 32 -18.22 12.82 23.40
N ILE C 33 -18.49 12.75 22.10
CA ILE C 33 -17.86 11.72 21.27
C ILE C 33 -16.34 11.93 21.24
N ALA C 34 -15.89 13.17 21.03
CA ALA C 34 -14.45 13.42 20.91
C ALA C 34 -13.73 13.04 22.20
N GLU C 35 -14.36 13.27 23.34
CA GLU C 35 -13.73 12.89 24.60
C GLU C 35 -13.37 11.42 24.60
N SER C 36 -14.24 10.57 24.04
CA SER C 36 -13.95 9.14 23.99
C SER C 36 -12.85 8.81 22.98
N GLU C 37 -12.50 9.74 22.11
CA GLU C 37 -11.44 9.54 21.13
C GLU C 37 -10.12 10.13 21.59
N MET C 38 -10.05 10.71 22.78
CA MET C 38 -8.88 11.48 23.23
C MET C 38 -8.45 11.03 24.63
N PRO C 39 -7.95 9.80 24.75
CA PRO C 39 -7.65 9.23 26.08
C PRO C 39 -6.47 9.89 26.77
N ALA C 40 -5.47 10.36 26.02
CA ALA C 40 -4.35 11.03 26.68
C ALA C 40 -4.82 12.34 27.31
N LEU C 41 -5.60 13.10 26.56
CA LEU C 41 -6.10 14.38 27.06
C LEU C 41 -7.05 14.16 28.23
N MET C 42 -8.04 13.28 28.05
N MET C 42 -8.00 13.24 28.09
CA MET C 42 -8.92 12.90 29.15
CA MET C 42 -8.91 12.96 29.19
C MET C 42 -8.13 12.39 30.34
C MET C 42 -8.22 12.27 30.35
N GLY C 43 -7.11 11.57 30.09
CA GLY C 43 -6.33 11.02 31.19
C GLY C 43 -5.72 12.14 32.03
N LEU C 44 -5.24 13.19 31.37
CA LEU C 44 -4.67 14.33 32.10
C LEU C 44 -5.76 15.06 32.87
N ARG C 45 -6.92 15.21 32.26
CA ARG C 45 -8.07 15.82 32.94
C ARG C 45 -8.34 15.10 34.25
N ARG C 46 -8.40 13.77 34.23
CA ARG C 46 -8.67 13.02 35.45
C ARG C 46 -7.48 13.01 36.40
N LYS C 47 -6.26 12.98 35.87
CA LYS C 47 -5.08 12.93 36.74
C LYS C 47 -4.92 14.20 37.54
N TYR C 48 -5.15 15.36 36.92
CA TYR C 48 -4.83 16.64 37.53
C TYR C 48 -6.03 17.40 38.06
N ALA C 49 -7.24 16.87 37.86
CA ALA C 49 -8.44 17.60 38.28
C ALA C 49 -8.38 17.96 39.76
N GLY C 50 -8.01 17.00 40.61
CA GLY C 50 -7.98 17.27 42.04
C GLY C 50 -6.96 18.32 42.43
N GLN C 51 -5.79 18.32 41.78
CA GLN C 51 -4.71 19.23 42.15
CA GLN C 51 -4.75 19.24 42.20
C GLN C 51 -4.90 20.63 41.61
N GLN C 52 -5.74 20.80 40.59
CA GLN C 52 -5.99 22.11 39.98
C GLN C 52 -4.68 22.87 39.71
N PRO C 53 -3.78 22.26 38.91
CA PRO C 53 -2.48 22.88 38.66
C PRO C 53 -2.56 24.17 37.88
N LEU C 54 -3.70 24.45 37.22
CA LEU C 54 -3.86 25.69 36.48
C LEU C 54 -4.75 26.68 37.20
N LYS C 55 -4.98 26.50 38.50
CA LYS C 55 -5.70 27.49 39.28
C LYS C 55 -4.95 28.81 39.24
N GLY C 56 -5.64 29.88 38.84
CA GLY C 56 -5.04 31.18 38.69
C GLY C 56 -4.44 31.47 37.33
N ALA C 57 -4.38 30.48 36.44
CA ALA C 57 -3.91 30.72 35.08
C ALA C 57 -4.99 31.46 34.30
N LYS C 58 -4.55 32.41 33.47
CA LYS C 58 -5.45 33.17 32.60
C LYS C 58 -4.83 33.09 31.21
N ILE C 59 -5.40 32.25 30.35
CA ILE C 59 -4.75 31.83 29.11
C ILE C 59 -5.41 32.54 27.92
N LEU C 60 -4.61 33.27 27.15
CA LEU C 60 -5.03 33.69 25.83
C LEU C 60 -4.74 32.56 24.86
N GLY C 61 -5.77 32.05 24.19
CA GLY C 61 -5.60 30.94 23.25
C GLY C 61 -5.96 31.39 21.85
N CYS C 62 -5.14 30.99 20.88
CA CYS C 62 -5.39 31.31 19.47
C CYS C 62 -5.05 30.06 18.68
N ILE C 63 -6.08 29.25 18.39
CA ILE C 63 -5.89 28.04 17.61
C ILE C 63 -7.24 27.61 17.08
N HIS C 64 -7.23 27.07 15.85
CA HIS C 64 -8.44 26.58 15.17
C HIS C 64 -9.53 26.11 16.12
N MET C 65 -10.71 26.76 16.05
CA MET C 65 -11.80 26.52 17.00
C MET C 65 -12.66 25.34 16.52
N THR C 66 -12.04 24.17 16.55
CA THR C 66 -12.62 22.89 16.19
C THR C 66 -13.16 22.18 17.41
N ILE C 67 -13.89 21.09 17.16
CA ILE C 67 -14.30 20.20 18.26
C ILE C 67 -13.09 19.76 19.09
N GLN C 68 -11.97 19.42 18.44
CA GLN C 68 -10.79 18.95 19.18
C GLN C 68 -10.26 20.05 20.09
N THR C 69 -10.21 21.28 19.58
CA THR C 69 -9.80 22.39 20.44
C THR C 69 -10.78 22.58 21.59
N GLY C 70 -12.06 22.25 21.38
CA GLY C 70 -13.00 22.33 22.47
C GLY C 70 -12.62 21.44 23.64
N VAL C 71 -12.21 20.20 23.33
CA VAL C 71 -11.82 19.30 24.41
C VAL C 71 -10.58 19.83 25.10
N LEU C 72 -9.66 20.42 24.33
CA LEU C 72 -8.48 21.07 24.91
C LEU C 72 -8.87 22.21 25.83
N ILE C 73 -9.75 23.10 25.35
CA ILE C 73 -10.18 24.22 26.18
C ILE C 73 -10.80 23.72 27.48
N GLU C 74 -11.73 22.76 27.38
CA GLU C 74 -12.41 22.32 28.59
C GLU C 74 -11.50 21.51 29.51
N THR C 75 -10.41 20.95 28.99
CA THR C 75 -9.41 20.36 29.88
C THR C 75 -8.67 21.43 30.66
N LEU C 76 -8.21 22.49 29.99
CA LEU C 76 -7.54 23.58 30.70
C LEU C 76 -8.46 24.15 31.78
N VAL C 77 -9.72 24.38 31.43
CA VAL C 77 -10.67 24.94 32.40
C VAL C 77 -10.89 23.95 33.54
N ALA C 78 -10.99 22.66 33.23
CA ALA C 78 -11.22 21.67 34.27
C ALA C 78 -10.05 21.58 35.24
N LEU C 79 -8.86 22.00 34.80
CA LEU C 79 -7.68 22.03 35.67
C LEU C 79 -7.51 23.36 36.38
N GLY C 80 -8.45 24.30 36.20
CA GLY C 80 -8.49 25.52 36.97
C GLY C 80 -8.25 26.81 36.19
N ALA C 81 -7.91 26.73 34.91
CA ALA C 81 -7.63 27.92 34.12
C ALA C 81 -8.90 28.67 33.75
N GLU C 82 -8.74 29.99 33.57
CA GLU C 82 -9.65 30.81 32.78
C GLU C 82 -9.01 31.05 31.44
N VAL C 83 -9.83 31.17 30.39
CA VAL C 83 -9.31 31.35 29.04
C VAL C 83 -10.15 32.36 28.29
N ARG C 84 -9.56 32.90 27.22
CA ARG C 84 -10.25 33.72 26.22
C ARG C 84 -9.69 33.29 24.88
N TRP C 85 -10.56 32.88 23.95
CA TRP C 85 -10.13 32.11 22.80
C TRP C 85 -10.50 32.78 21.48
N SER C 86 -9.66 32.53 20.48
CA SER C 86 -9.96 32.86 19.10
C SER C 86 -9.35 31.79 18.20
N SER C 87 -9.81 31.74 16.96
CA SER C 87 -9.20 30.82 16.01
C SER C 87 -7.96 31.47 15.37
N CYS C 88 -7.04 30.62 14.90
CA CYS C 88 -5.86 31.13 14.20
C CYS C 88 -6.01 31.06 12.68
N ASN C 89 -7.22 30.80 12.17
CA ASN C 89 -7.45 30.83 10.74
C ASN C 89 -8.90 31.24 10.47
N ILE C 90 -9.11 32.00 9.39
CA ILE C 90 -10.44 32.52 9.09
C ILE C 90 -11.43 31.41 8.70
N PHE C 91 -10.96 30.26 8.21
CA PHE C 91 -11.87 29.23 7.71
C PHE C 91 -11.89 27.98 8.58
N SER C 92 -11.15 27.93 9.67
CA SER C 92 -10.94 26.64 10.30
C SER C 92 -11.93 26.36 11.44
N THR C 93 -12.67 27.37 11.89
CA THR C 93 -13.59 27.16 12.99
C THR C 93 -14.70 26.17 12.58
N GLN C 94 -15.10 25.31 13.52
CA GLN C 94 -16.34 24.56 13.42
C GLN C 94 -17.37 25.31 14.26
N ASP C 95 -18.41 25.83 13.60
CA ASP C 95 -19.31 26.72 14.31
C ASP C 95 -20.01 26.03 15.48
N GLN C 96 -20.29 24.73 15.39
CA GLN C 96 -20.96 24.08 16.51
C GLN C 96 -20.01 23.92 17.69
N ALA C 97 -18.70 23.86 17.44
CA ALA C 97 -17.71 23.80 18.52
C ALA C 97 -17.62 25.14 19.23
N ALA C 98 -17.49 26.22 18.45
CA ALA C 98 -17.49 27.55 19.05
C ALA C 98 -18.75 27.77 19.88
N ALA C 99 -19.90 27.33 19.37
CA ALA C 99 -21.16 27.53 20.08
C ALA C 99 -21.18 26.77 21.40
N ALA C 100 -20.66 25.53 21.41
CA ALA C 100 -20.67 24.77 22.66
C ALA C 100 -19.78 25.42 23.71
N ILE C 101 -18.62 25.94 23.30
CA ILE C 101 -17.70 26.59 24.25
C ILE C 101 -18.34 27.86 24.81
N ALA C 102 -18.88 28.70 23.93
CA ALA C 102 -19.55 29.92 24.40
C ALA C 102 -20.70 29.59 25.34
N ALA C 103 -21.47 28.54 25.01
CA ALA C 103 -22.57 28.11 25.87
C ALA C 103 -22.09 27.59 27.22
N ALA C 104 -20.83 27.17 27.31
CA ALA C 104 -20.25 26.77 28.59
C ALA C 104 -19.80 27.95 29.43
N GLY C 105 -20.03 29.18 28.97
CA GLY C 105 -19.59 30.35 29.69
C GLY C 105 -18.14 30.73 29.44
N ILE C 106 -17.55 30.29 28.34
CA ILE C 106 -16.14 30.49 28.04
C ILE C 106 -16.05 31.55 26.94
N PRO C 107 -15.30 32.63 27.14
CA PRO C 107 -15.15 33.65 26.09
C PRO C 107 -14.45 33.09 24.86
N VAL C 108 -15.14 33.14 23.71
CA VAL C 108 -14.60 32.64 22.46
C VAL C 108 -15.10 33.54 21.34
N PHE C 109 -14.20 33.93 20.45
CA PHE C 109 -14.54 34.82 19.35
C PHE C 109 -14.08 34.14 18.07
N ALA C 110 -15.00 33.48 17.37
CA ALA C 110 -14.59 32.63 16.24
C ALA C 110 -15.81 32.12 15.49
N TRP C 111 -15.70 32.15 14.16
CA TRP C 111 -16.69 31.55 13.29
C TRP C 111 -16.03 31.19 11.97
N LYS C 112 -16.66 30.28 11.25
CA LYS C 112 -16.14 29.88 9.94
C LYS C 112 -16.45 30.98 8.92
N GLY C 113 -15.44 31.41 8.18
CA GLY C 113 -15.61 32.44 7.18
C GLY C 113 -15.44 33.88 7.65
N GLU C 114 -14.49 34.11 8.55
CA GLU C 114 -14.16 35.47 8.95
C GLU C 114 -13.50 36.22 7.79
N THR C 115 -13.68 37.53 7.78
CA THR C 115 -12.79 38.38 6.99
C THR C 115 -11.46 38.58 7.74
N GLU C 116 -10.46 39.10 7.02
CA GLU C 116 -9.19 39.42 7.67
C GLU C 116 -9.39 40.41 8.80
N GLU C 117 -10.21 41.45 8.58
CA GLU C 117 -10.47 42.44 9.62
C GLU C 117 -11.13 41.78 10.82
N GLU C 118 -12.08 40.86 10.58
CA GLU C 118 -12.76 40.19 11.69
C GLU C 118 -11.82 39.24 12.40
N TYR C 119 -10.91 38.60 11.65
CA TYR C 119 -9.89 37.76 12.27
C TYR C 119 -9.08 38.55 13.29
N GLU C 120 -8.59 39.72 12.89
CA GLU C 120 -7.82 40.55 13.80
C GLU C 120 -8.68 40.99 14.99
N TRP C 121 -9.92 41.39 14.72
CA TRP C 121 -10.83 41.82 15.78
C TRP C 121 -11.01 40.71 16.82
N CYS C 122 -11.16 39.46 16.36
CA CYS C 122 -11.36 38.36 17.30
C CYS C 122 -10.16 38.18 18.23
N ILE C 123 -8.95 38.26 17.67
CA ILE C 123 -7.78 38.13 18.53
C ILE C 123 -7.77 39.26 19.56
N GLU C 124 -8.08 40.49 19.12
CA GLU C 124 -8.11 41.63 20.03
CA GLU C 124 -8.09 41.63 20.04
C GLU C 124 -9.16 41.46 21.12
N GLN C 125 -10.26 40.77 20.81
CA GLN C 125 -11.30 40.57 21.81
C GLN C 125 -10.85 39.62 22.91
N THR C 126 -9.94 38.69 22.61
CA THR C 126 -9.36 37.89 23.68
C THR C 126 -8.39 38.73 24.51
N ILE C 127 -7.61 39.59 23.84
CA ILE C 127 -6.63 40.40 24.57
C ILE C 127 -7.32 41.41 25.46
N LEU C 128 -8.40 42.02 24.99
CA LEU C 128 -9.11 43.05 25.73
C LEU C 128 -10.34 42.47 26.40
N LYS C 129 -10.60 42.91 27.63
CA LYS C 129 -11.88 42.64 28.26
C LYS C 129 -12.43 43.96 28.75
N ASP C 130 -13.59 44.35 28.23
CA ASP C 130 -14.19 45.64 28.56
C ASP C 130 -13.26 46.79 28.20
N GLY C 131 -12.67 46.71 27.01
CA GLY C 131 -11.89 47.82 26.49
C GLY C 131 -10.49 47.95 27.06
N GLN C 132 -10.13 47.13 28.04
CA GLN C 132 -8.82 47.21 28.65
C GLN C 132 -8.14 45.85 28.60
N PRO C 133 -6.82 45.81 28.65
CA PRO C 133 -6.13 44.52 28.60
C PRO C 133 -6.59 43.60 29.73
N TRP C 134 -6.94 42.36 29.36
CA TRP C 134 -7.16 41.31 30.33
C TRP C 134 -5.87 41.04 31.12
N ASP C 135 -6.01 40.58 32.36
CA ASP C 135 -4.85 40.20 33.16
C ASP C 135 -4.40 38.77 32.81
N ALA C 136 -4.09 38.59 31.54
CA ALA C 136 -3.56 37.32 31.05
C ALA C 136 -2.22 37.00 31.72
N ASN C 137 -1.90 35.70 31.84
CA ASN C 137 -0.59 35.32 32.32
C ASN C 137 -0.06 34.08 31.61
N MET C 138 -0.75 33.59 30.58
CA MET C 138 -0.29 32.47 29.77
C MET C 138 -0.77 32.67 28.35
N VAL C 139 -0.06 32.08 27.40
CA VAL C 139 -0.45 32.16 26.00
C VAL C 139 -0.37 30.79 25.36
N LEU C 140 -1.41 30.40 24.63
CA LEU C 140 -1.38 29.22 23.79
C LEU C 140 -1.64 29.67 22.35
N ASP C 141 -0.73 29.32 21.43
CA ASP C 141 -0.76 29.92 20.10
C ASP C 141 -0.50 28.83 19.06
N ASP C 142 -0.95 29.11 17.84
CA ASP C 142 -0.78 28.18 16.72
C ASP C 142 -0.49 29.05 15.51
N GLY C 143 0.80 29.23 15.20
CA GLY C 143 1.22 30.05 14.07
C GLY C 143 1.90 31.35 14.46
N GLY C 144 1.75 31.79 15.70
CA GLY C 144 2.45 32.98 16.15
C GLY C 144 1.77 34.31 15.94
N ASP C 145 0.54 34.34 15.38
CA ASP C 145 -0.14 35.61 15.17
C ASP C 145 -0.43 36.33 16.49
N LEU C 146 -0.98 35.60 17.46
CA LEU C 146 -1.28 36.20 18.76
C LEU C 146 0.00 36.64 19.45
N THR C 147 1.01 35.77 19.42
CA THR C 147 2.31 36.11 19.98
C THR C 147 2.84 37.41 19.37
N GLU C 148 2.65 37.58 18.06
CA GLU C 148 3.17 38.77 17.38
C GLU C 148 2.40 40.01 17.81
N ILE C 149 1.08 39.93 17.90
CA ILE C 149 0.28 41.07 18.30
C ILE C 149 0.63 41.50 19.72
N LEU C 150 0.85 40.53 20.62
CA LEU C 150 1.23 40.90 21.98
C LEU C 150 2.56 41.62 21.99
N HIS C 151 3.57 41.09 21.30
CA HIS C 151 4.89 41.70 21.33
C HIS C 151 4.90 43.07 20.69
N LYS C 152 4.10 43.27 19.63
CA LYS C 152 4.15 44.52 18.88
C LYS C 152 3.18 45.58 19.44
N LYS C 153 1.94 45.19 19.72
CA LYS C 153 0.92 46.17 20.08
C LYS C 153 0.63 46.22 21.58
N TYR C 154 0.92 45.14 22.34
CA TYR C 154 0.61 45.09 23.77
C TYR C 154 1.83 44.62 24.57
N PRO C 155 3.01 45.18 24.31
CA PRO C 155 4.21 44.69 25.01
C PRO C 155 4.09 44.71 26.51
N GLN C 156 3.32 45.64 27.09
CA GLN C 156 3.20 45.69 28.55
CA GLN C 156 3.19 45.69 28.55
C GLN C 156 2.55 44.43 29.10
N MET C 157 1.61 43.84 28.34
CA MET C 157 0.97 42.62 28.82
C MET C 157 1.95 41.47 29.01
N LEU C 158 3.05 41.46 28.27
CA LEU C 158 3.98 40.34 28.39
C LEU C 158 4.73 40.36 29.72
N GLU C 159 4.75 41.51 30.41
CA GLU C 159 5.39 41.58 31.72
C GLU C 159 4.75 40.62 32.73
N ARG C 160 3.48 40.27 32.57
CA ARG C 160 2.79 39.39 33.51
C ARG C 160 2.60 37.98 32.97
N ILE C 161 3.11 37.70 31.79
CA ILE C 161 2.88 36.43 31.12
C ILE C 161 4.06 35.50 31.39
N HIS C 162 3.76 34.28 31.87
CA HIS C 162 4.78 33.32 32.24
C HIS C 162 5.29 32.49 31.08
N GLY C 163 4.57 32.39 29.96
CA GLY C 163 5.08 31.60 28.86
C GLY C 163 4.10 31.51 27.72
N ILE C 164 4.60 30.98 26.61
CA ILE C 164 3.85 30.69 25.40
C ILE C 164 4.02 29.22 25.09
N THR C 165 2.93 28.53 24.75
CA THR C 165 3.00 27.16 24.26
C THR C 165 2.56 27.19 22.81
N GLU C 166 3.50 26.95 21.90
CA GLU C 166 3.29 27.15 20.47
C GLU C 166 3.13 25.81 19.76
N GLU C 167 2.10 25.72 18.94
CA GLU C 167 1.61 24.46 18.37
C GLU C 167 2.37 23.99 17.13
N THR C 168 2.82 24.90 16.25
CA THR C 168 3.09 24.47 14.88
C THR C 168 4.44 24.99 14.37
N THR C 169 4.91 24.33 13.32
CA THR C 169 6.25 24.56 12.81
C THR C 169 6.48 26.03 12.48
N THR C 170 5.54 26.66 11.80
CA THR C 170 5.71 28.06 11.43
C THR C 170 5.81 28.96 12.68
N GLY C 171 4.96 28.71 13.68
CA GLY C 171 5.02 29.51 14.89
C GLY C 171 6.34 29.35 15.63
N VAL C 172 6.86 28.12 15.69
CA VAL C 172 8.13 27.89 16.34
C VAL C 172 9.25 28.62 15.62
N HIS C 173 9.26 28.55 14.29
CA HIS C 173 10.26 29.31 13.54
C HIS C 173 10.23 30.77 13.91
N ARG C 174 9.03 31.37 14.02
CA ARG C 174 8.97 32.79 14.37
C ARG C 174 9.52 33.03 15.77
N LEU C 175 9.21 32.13 16.71
CA LEU C 175 9.75 32.25 18.07
C LEU C 175 11.28 32.20 18.08
N LEU C 176 11.86 31.25 17.33
CA LEU C 176 13.32 31.12 17.33
C LEU C 176 13.98 32.36 16.73
N ASP C 177 13.34 32.98 15.73
CA ASP C 177 13.88 34.22 15.20
C ASP C 177 13.88 35.32 16.26
N MET C 178 12.78 35.45 17.01
CA MET C 178 12.74 36.47 18.06
C MET C 178 13.78 36.20 19.13
N LEU C 179 13.94 34.93 19.51
CA LEU C 179 14.93 34.59 20.54
C LEU C 179 16.34 34.96 20.08
N LYS C 180 16.67 34.64 18.82
CA LYS C 180 17.97 35.00 18.30
C LYS C 180 18.15 36.52 18.27
N ASN C 181 17.07 37.25 17.96
CA ASN C 181 17.12 38.71 17.90
C ASN C 181 17.05 39.37 19.28
N GLY C 182 16.74 38.63 20.33
CA GLY C 182 16.56 39.25 21.62
C GLY C 182 15.24 39.94 21.81
N THR C 183 14.24 39.66 20.97
CA THR C 183 12.94 40.31 21.06
C THR C 183 11.86 39.45 21.71
N LEU C 184 12.13 38.17 21.98
CA LEU C 184 11.16 37.33 22.68
C LEU C 184 11.15 37.71 24.16
N LYS C 185 9.98 38.00 24.71
CA LYS C 185 9.91 38.55 26.06
C LYS C 185 9.57 37.51 27.12
N VAL C 186 9.02 36.37 26.73
CA VAL C 186 8.61 35.31 27.66
C VAL C 186 9.13 33.98 27.11
N PRO C 187 9.40 33.00 27.97
CA PRO C 187 9.80 31.67 27.48
C PRO C 187 8.67 30.97 26.74
N ALA C 188 9.06 30.01 25.91
CA ALA C 188 8.07 29.23 25.16
C ALA C 188 8.39 27.75 25.26
N ILE C 189 7.35 26.92 25.20
CA ILE C 189 7.52 25.50 24.94
C ILE C 189 7.13 25.24 23.50
N ASN C 190 8.05 24.64 22.77
CA ASN C 190 7.83 24.18 21.40
C ASN C 190 7.05 22.88 21.49
N VAL C 191 5.72 22.97 21.35
CA VAL C 191 4.88 21.78 21.42
C VAL C 191 4.98 20.99 20.11
N ASN C 192 5.31 21.65 19.01
CA ASN C 192 5.33 21.02 17.70
C ASN C 192 6.31 19.85 17.68
N ASP C 193 7.45 19.98 18.35
CA ASP C 193 8.52 18.99 18.21
C ASP C 193 8.53 17.94 19.32
N SER C 194 7.46 17.79 20.07
CA SER C 194 7.23 16.48 20.68
C SER C 194 7.02 15.46 19.57
N VAL C 195 7.52 14.24 19.78
CA VAL C 195 7.31 13.22 18.75
C VAL C 195 5.83 12.90 18.64
N THR C 196 5.11 12.88 19.78
CA THR C 196 3.67 12.66 19.74
C THR C 196 2.90 13.85 19.15
N LYS C 197 3.60 14.89 18.69
CA LYS C 197 2.99 15.96 17.92
C LYS C 197 3.52 15.93 16.49
N SER C 198 4.79 16.27 16.28
CA SER C 198 5.35 16.39 14.93
C SER C 198 5.14 15.12 14.10
N LYS C 199 5.43 13.94 14.68
CA LYS C 199 5.40 12.66 13.98
CA LYS C 199 5.37 12.70 13.89
C LYS C 199 4.03 12.00 14.02
N ASN C 200 3.01 12.71 14.45
CA ASN C 200 1.66 12.20 14.61
C ASN C 200 0.71 13.17 13.92
N ASP C 201 0.57 14.36 14.51
CA ASP C 201 -0.22 15.45 13.96
C ASP C 201 0.27 15.86 12.56
N ASN C 202 1.52 16.30 12.44
CA ASN C 202 1.95 16.92 11.19
C ASN C 202 1.91 15.92 10.05
N LYS C 203 2.27 14.67 10.34
CA LYS C 203 2.32 13.63 9.29
C LYS C 203 0.98 12.90 9.18
N TYR C 204 0.61 12.12 10.20
CA TYR C 204 -0.58 11.28 10.02
C TYR C 204 -1.87 12.08 9.96
N GLY C 205 -1.89 13.26 10.60
CA GLY C 205 -3.08 14.09 10.51
C GLY C 205 -3.36 14.54 9.10
N CYS C 206 -2.32 14.99 8.39
CA CYS C 206 -2.54 15.38 7.00
C CYS C 206 -2.86 14.17 6.12
N ARG C 207 -2.33 12.99 6.44
CA ARG C 207 -2.71 11.78 5.72
CA ARG C 207 -2.70 11.79 5.71
C ARG C 207 -4.20 11.55 5.80
N HIS C 208 -4.78 11.71 6.99
CA HIS C 208 -6.22 11.55 7.18
C HIS C 208 -7.00 12.66 6.47
N SER C 209 -6.55 13.93 6.58
CA SER C 209 -7.43 15.06 6.32
C SER C 209 -7.19 15.75 4.98
N LEU C 210 -6.09 15.50 4.27
CA LEU C 210 -5.93 16.13 2.97
C LEU C 210 -6.90 15.55 1.94
N ASN C 211 -6.87 14.22 1.73
CA ASN C 211 -7.80 13.67 0.75
CA ASN C 211 -7.80 13.65 0.77
C ASN C 211 -9.24 13.88 1.21
N ASP C 212 -9.48 13.90 2.52
CA ASP C 212 -10.80 14.24 3.08
C ASP C 212 -11.29 15.60 2.56
N ALA C 213 -10.46 16.64 2.70
CA ALA C 213 -10.88 17.97 2.25
C ALA C 213 -11.01 18.05 0.73
N ILE C 214 -10.15 17.37 -0.02
CA ILE C 214 -10.28 17.46 -1.47
C ILE C 214 -11.59 16.79 -1.92
N LYS C 215 -11.97 15.69 -1.26
CA LYS C 215 -13.23 15.03 -1.62
C LYS C 215 -14.42 15.91 -1.25
N ARG C 216 -14.44 16.47 -0.04
CA ARG C 216 -15.58 17.31 0.31
C ARG C 216 -15.70 18.49 -0.64
N GLY C 217 -14.58 19.09 -1.03
CA GLY C 217 -14.63 20.29 -1.85
C GLY C 217 -15.02 20.04 -3.29
N THR C 218 -14.51 18.97 -3.89
CA THR C 218 -14.66 18.70 -5.32
C THR C 218 -15.40 17.39 -5.64
N ASP C 219 -15.41 16.43 -4.71
CA ASP C 219 -15.83 15.05 -4.98
C ASP C 219 -15.11 14.46 -6.19
N HIS C 220 -13.87 14.90 -6.44
CA HIS C 220 -13.12 14.35 -7.57
C HIS C 220 -12.58 12.97 -7.25
N LEU C 221 -12.71 12.05 -8.23
CA LEU C 221 -11.88 10.85 -8.21
C LEU C 221 -10.41 11.25 -8.16
N LEU C 222 -9.66 10.66 -7.24
CA LEU C 222 -8.23 10.89 -7.23
C LEU C 222 -7.45 9.76 -7.88
N SER C 223 -7.89 8.51 -7.75
CA SER C 223 -7.17 7.37 -8.32
C SER C 223 -6.87 7.61 -9.80
N GLY C 224 -5.62 7.34 -10.20
CA GLY C 224 -5.23 7.40 -11.60
C GLY C 224 -4.81 8.77 -12.08
N LYS C 225 -5.02 9.80 -11.26
CA LYS C 225 -4.69 11.17 -11.64
C LYS C 225 -3.32 11.56 -11.10
N GLN C 226 -2.78 12.63 -11.65
CA GLN C 226 -1.41 13.07 -11.37
C GLN C 226 -1.40 14.20 -10.35
N ALA C 227 -0.63 14.03 -9.27
CA ALA C 227 -0.48 15.05 -8.24
C ALA C 227 0.97 15.50 -8.16
N LEU C 228 1.16 16.77 -7.81
CA LEU C 228 2.48 17.30 -7.47
C LEU C 228 2.40 17.84 -6.05
N VAL C 229 3.19 17.28 -5.15
CA VAL C 229 3.26 17.75 -3.77
C VAL C 229 4.53 18.58 -3.63
N ILE C 230 4.39 19.85 -3.24
CA ILE C 230 5.53 20.72 -3.03
C ILE C 230 5.92 20.61 -1.56
N GLY C 231 7.07 20.01 -1.30
CA GLY C 231 7.53 19.83 0.06
C GLY C 231 7.43 18.36 0.49
N TYR C 232 8.39 17.93 1.31
CA TYR C 232 8.37 16.55 1.84
C TYR C 232 8.92 16.52 3.25
N GLY C 233 8.53 17.51 4.06
CA GLY C 233 8.77 17.47 5.50
C GLY C 233 7.63 16.67 6.11
N ASP C 234 7.27 16.91 7.37
CA ASP C 234 6.27 16.04 7.97
C ASP C 234 4.92 16.19 7.28
N VAL C 235 4.52 17.43 6.97
CA VAL C 235 3.25 17.66 6.28
C VAL C 235 3.30 17.11 4.85
N GLY C 236 4.41 17.33 4.14
CA GLY C 236 4.49 16.80 2.79
C GLY C 236 4.52 15.28 2.75
N LYS C 237 5.15 14.65 3.74
CA LYS C 237 5.14 13.20 3.84
C LYS C 237 3.72 12.68 4.01
N GLY C 238 2.96 13.25 4.96
CA GLY C 238 1.60 12.76 5.19
C GLY C 238 0.68 13.09 4.03
N SER C 239 0.83 14.29 3.46
CA SER C 239 0.06 14.67 2.28
C SER C 239 0.32 13.73 1.10
N SER C 240 1.60 13.44 0.84
CA SER C 240 1.93 12.54 -0.28
C SER C 240 1.27 11.18 -0.09
N GLN C 241 1.30 10.68 1.14
CA GLN C 241 0.66 9.40 1.43
CA GLN C 241 0.65 9.40 1.46
C GLN C 241 -0.85 9.50 1.31
N SER C 242 -1.44 10.62 1.76
CA SER C 242 -2.89 10.81 1.63
C SER C 242 -3.33 10.60 0.18
N LEU C 243 -2.52 11.06 -0.77
CA LEU C 243 -2.89 10.99 -2.18
C LEU C 243 -2.48 9.66 -2.78
N ARG C 244 -1.28 9.17 -2.48
CA ARG C 244 -0.84 7.90 -3.04
C ARG C 244 -1.74 6.75 -2.59
N GLN C 245 -2.20 6.78 -1.33
CA GLN C 245 -3.05 5.69 -0.86
C GLN C 245 -4.39 5.68 -1.58
N GLU C 246 -4.80 6.81 -2.16
CA GLU C 246 -5.98 6.91 -3.00
C GLU C 246 -5.72 6.46 -4.44
N GLY C 247 -4.49 6.10 -4.80
CA GLY C 247 -4.18 5.70 -6.17
C GLY C 247 -3.70 6.84 -7.06
N MET C 248 -3.38 7.99 -6.49
CA MET C 248 -2.80 9.04 -7.34
C MET C 248 -1.37 8.66 -7.73
N ILE C 249 -0.94 9.14 -8.89
CA ILE C 249 0.46 9.11 -9.30
C ILE C 249 1.07 10.40 -8.76
N VAL C 250 1.88 10.30 -7.70
CA VAL C 250 2.33 11.48 -6.95
C VAL C 250 3.78 11.76 -7.30
N LYS C 251 4.07 13.00 -7.65
CA LYS C 251 5.43 13.51 -7.79
C LYS C 251 5.69 14.51 -6.66
N VAL C 252 6.95 14.58 -6.22
CA VAL C 252 7.32 15.34 -5.04
C VAL C 252 8.41 16.33 -5.44
N ALA C 253 8.28 17.56 -4.95
CA ALA C 253 9.31 18.57 -5.13
C ALA C 253 9.92 18.90 -3.78
N GLU C 254 11.22 19.18 -3.75
CA GLU C 254 11.89 19.50 -2.51
C GLU C 254 13.11 20.37 -2.80
N VAL C 255 13.46 21.19 -1.81
CA VAL C 255 14.75 21.86 -1.82
C VAL C 255 15.76 21.13 -0.94
N ASP C 256 15.29 20.26 -0.05
CA ASP C 256 16.15 19.59 0.92
C ASP C 256 16.51 18.21 0.37
N PRO C 257 17.78 17.94 0.06
CA PRO C 257 18.10 16.66 -0.59
C PRO C 257 17.87 15.46 0.31
N ILE C 258 17.97 15.60 1.64
CA ILE C 258 17.66 14.46 2.50
C ILE C 258 16.17 14.13 2.43
N CYS C 259 15.29 15.14 2.54
CA CYS C 259 13.87 14.88 2.34
C CYS C 259 13.58 14.32 0.95
N ALA C 260 14.25 14.84 -0.09
CA ALA C 260 14.10 14.29 -1.43
C ALA C 260 14.52 12.83 -1.49
N MET C 261 15.62 12.49 -0.83
N MET C 261 15.62 12.49 -0.83
CA MET C 261 16.02 11.09 -0.75
CA MET C 261 16.03 11.08 -0.75
C MET C 261 14.90 10.23 -0.16
C MET C 261 14.93 10.22 -0.14
N GLN C 262 14.31 10.69 0.94
CA GLN C 262 13.21 9.91 1.53
C GLN C 262 12.06 9.73 0.54
N ALA C 263 11.71 10.80 -0.20
CA ALA C 263 10.65 10.68 -1.19
C ALA C 263 10.98 9.61 -2.22
N CYS C 264 12.22 9.58 -2.71
CA CYS C 264 12.62 8.55 -3.68
C CYS C 264 12.44 7.16 -3.09
N MET C 265 12.99 6.94 -1.89
CA MET C 265 12.91 5.62 -1.26
C MET C 265 11.47 5.25 -0.95
N ASP C 266 10.61 6.24 -0.70
CA ASP C 266 9.20 5.97 -0.44
C ASP C 266 8.42 5.70 -1.71
N GLY C 267 9.05 5.79 -2.86
CA GLY C 267 8.43 5.36 -4.09
C GLY C 267 7.84 6.47 -4.94
N PHE C 268 8.33 7.69 -4.78
CA PHE C 268 7.85 8.86 -5.51
C PHE C 268 8.94 9.34 -6.46
N GLU C 269 8.53 9.88 -7.59
CA GLU C 269 9.41 10.58 -8.49
C GLU C 269 9.62 12.00 -7.98
N VAL C 270 10.88 12.44 -7.87
CA VAL C 270 11.19 13.77 -7.39
C VAL C 270 11.50 14.68 -8.58
N VAL C 271 10.70 15.74 -8.72
CA VAL C 271 10.74 16.63 -9.86
C VAL C 271 10.76 18.06 -9.34
N SER C 272 11.13 19.00 -10.22
CA SER C 272 11.03 20.41 -9.91
C SER C 272 10.09 21.09 -10.90
N PRO C 273 9.26 22.04 -10.43
CA PRO C 273 8.50 22.87 -11.38
C PRO C 273 9.38 23.62 -12.37
N TYR C 274 10.67 23.82 -12.07
CA TYR C 274 11.56 24.62 -12.90
C TYR C 274 12.62 23.75 -13.57
N LYS C 275 13.01 24.13 -14.77
CA LYS C 275 14.01 23.37 -15.51
C LYS C 275 15.32 23.33 -14.74
N ASN C 276 15.82 22.12 -14.51
CA ASN C 276 17.02 21.91 -13.71
C ASN C 276 16.88 22.47 -12.30
N GLY C 277 15.65 22.72 -11.86
CA GLY C 277 15.41 23.23 -10.53
C GLY C 277 15.71 24.70 -10.33
N ILE C 278 15.99 25.45 -11.39
CA ILE C 278 16.45 26.84 -11.29
C ILE C 278 15.26 27.77 -11.48
N ASN C 279 14.89 28.45 -10.39
CA ASN C 279 13.75 29.37 -10.32
C ASN C 279 14.28 30.79 -10.55
N ASP C 280 14.42 31.17 -11.82
CA ASP C 280 14.92 32.49 -12.18
C ASP C 280 13.80 33.50 -12.46
N GLY C 281 12.55 33.17 -12.14
CA GLY C 281 11.45 34.10 -12.27
C GLY C 281 10.94 34.34 -13.68
N THR C 282 11.46 33.64 -14.68
CA THR C 282 11.00 33.75 -16.05
C THR C 282 10.03 32.62 -16.38
N GLU C 283 9.10 32.89 -17.32
CA GLU C 283 8.22 31.83 -17.76
C GLU C 283 9.01 30.73 -18.46
N ALA C 284 10.13 31.08 -19.09
CA ALA C 284 10.93 30.09 -19.80
C ALA C 284 11.47 29.03 -18.84
N SER C 285 11.64 29.38 -17.57
CA SER C 285 12.17 28.42 -16.61
C SER C 285 11.16 27.37 -16.18
N ILE C 286 9.87 27.58 -16.46
CA ILE C 286 8.85 26.62 -16.04
C ILE C 286 8.93 25.37 -16.90
N ASP C 287 8.91 24.20 -16.26
CA ASP C 287 8.78 22.91 -16.96
C ASP C 287 7.31 22.76 -17.33
N ALA C 288 6.95 23.36 -18.48
CA ALA C 288 5.55 23.39 -18.89
C ALA C 288 5.02 22.00 -19.23
N ALA C 289 5.86 21.13 -19.79
CA ALA C 289 5.42 19.77 -20.07
C ALA C 289 4.99 19.07 -18.79
N LEU C 290 5.79 19.20 -17.74
CA LEU C 290 5.46 18.61 -16.44
C LEU C 290 4.17 19.22 -15.87
N LEU C 291 4.11 20.55 -15.75
CA LEU C 291 2.97 21.17 -15.11
C LEU C 291 1.69 20.97 -15.91
N GLY C 292 1.80 20.84 -17.23
CA GLY C 292 0.66 20.60 -18.09
C GLY C 292 0.04 19.23 -17.91
N LYS C 293 0.66 18.36 -17.11
CA LYS C 293 0.14 17.03 -16.85
C LYS C 293 -0.42 16.88 -15.45
N ILE C 294 -0.29 17.89 -14.61
CA ILE C 294 -0.63 17.75 -13.19
C ILE C 294 -2.10 18.08 -12.97
N ASP C 295 -2.82 17.17 -12.31
CA ASP C 295 -4.22 17.38 -12.01
C ASP C 295 -4.46 18.01 -10.65
N LEU C 296 -3.45 18.00 -9.77
CA LEU C 296 -3.61 18.46 -8.40
C LEU C 296 -2.25 18.88 -7.87
N ILE C 297 -2.16 20.10 -7.36
CA ILE C 297 -0.94 20.56 -6.70
C ILE C 297 -1.27 20.92 -5.27
N VAL C 298 -0.43 20.48 -4.33
CA VAL C 298 -0.62 20.72 -2.91
C VAL C 298 0.68 21.30 -2.37
N THR C 299 0.60 22.45 -1.70
CA THR C 299 1.78 23.07 -1.08
C THR C 299 1.83 22.72 0.40
N THR C 300 3.04 22.36 0.87
CA THR C 300 3.20 21.86 2.23
C THR C 300 4.42 22.46 2.94
N THR C 301 4.91 23.63 2.51
CA THR C 301 6.30 24.01 2.83
C THR C 301 6.47 24.92 4.05
N GLY C 302 5.50 25.78 4.37
CA GLY C 302 5.79 26.87 5.28
C GLY C 302 6.65 27.98 4.68
N ASN C 303 6.88 27.93 3.38
CA ASN C 303 7.68 28.91 2.66
C ASN C 303 6.75 29.82 1.85
N VAL C 304 7.33 30.76 1.11
CA VAL C 304 6.55 31.75 0.37
C VAL C 304 6.64 31.46 -1.12
N ASN C 305 5.50 31.52 -1.80
CA ASN C 305 5.42 31.52 -3.27
C ASN C 305 6.09 30.29 -3.86
N VAL C 306 5.72 29.11 -3.34
CA VAL C 306 6.22 27.84 -3.90
C VAL C 306 5.26 27.27 -4.94
N CYS C 307 4.07 27.84 -5.09
CA CYS C 307 3.24 27.65 -6.29
C CYS C 307 3.02 29.05 -6.87
N ASP C 308 3.89 29.47 -7.80
CA ASP C 308 3.95 30.87 -8.21
C ASP C 308 3.10 31.15 -9.45
N ALA C 309 3.10 32.42 -9.89
CA ALA C 309 2.24 32.82 -10.99
C ALA C 309 2.54 32.03 -12.25
N ASN C 310 3.83 31.83 -12.57
CA ASN C 310 4.16 31.12 -13.81
C ASN C 310 3.77 29.65 -13.74
N MET C 311 3.88 29.03 -12.56
CA MET C 311 3.37 27.67 -12.41
C MET C 311 1.86 27.63 -12.60
N LEU C 312 1.13 28.58 -12.02
CA LEU C 312 -0.33 28.60 -12.17
C LEU C 312 -0.73 28.79 -13.63
N LYS C 313 0.02 29.62 -14.36
CA LYS C 313 -0.25 29.80 -15.79
C LYS C 313 -0.03 28.51 -16.56
N ALA C 314 0.91 27.68 -16.12
CA ALA C 314 1.29 26.49 -16.88
C ALA C 314 0.50 25.24 -16.49
N LEU C 315 -0.24 25.28 -15.38
CA LEU C 315 -0.93 24.09 -14.91
C LEU C 315 -1.97 23.60 -15.92
N LYS C 316 -2.14 22.28 -15.95
CA LYS C 316 -3.17 21.63 -16.75
C LYS C 316 -4.54 22.28 -16.50
N LYS C 317 -5.34 22.44 -17.56
CA LYS C 317 -6.69 22.95 -17.38
C LYS C 317 -7.45 22.12 -16.35
N ARG C 318 -8.20 22.81 -15.49
CA ARG C 318 -9.09 22.18 -14.51
C ARG C 318 -8.33 21.50 -13.37
N ALA C 319 -7.03 21.75 -13.25
CA ALA C 319 -6.29 21.28 -12.09
C ALA C 319 -6.86 21.88 -10.81
N VAL C 320 -6.73 21.12 -9.71
CA VAL C 320 -7.03 21.59 -8.36
C VAL C 320 -5.76 22.12 -7.71
N VAL C 321 -5.89 23.24 -7.00
CA VAL C 321 -4.79 23.94 -6.35
C VAL C 321 -5.16 24.10 -4.88
N CYS C 322 -4.28 23.68 -3.97
CA CYS C 322 -4.59 23.90 -2.57
C CYS C 322 -3.30 23.95 -1.77
N ASN C 323 -3.45 24.38 -0.52
CA ASN C 323 -2.34 24.61 0.39
C ASN C 323 -2.71 24.01 1.74
N ILE C 324 -1.79 23.24 2.31
CA ILE C 324 -1.97 22.68 3.63
C ILE C 324 -0.87 23.12 4.59
N GLY C 325 -0.02 24.07 4.18
CA GLY C 325 0.82 24.79 5.10
C GLY C 325 0.02 25.85 5.86
N HIS C 326 0.69 26.51 6.81
CA HIS C 326 -0.04 27.35 7.75
C HIS C 326 -0.63 28.59 7.09
N PHE C 327 0.12 29.25 6.19
CA PHE C 327 -0.29 30.52 5.62
C PHE C 327 -0.55 30.40 4.13
N ASP C 328 -1.47 31.23 3.62
CA ASP C 328 -1.89 31.15 2.24
C ASP C 328 -0.86 31.68 1.25
N ASN C 329 0.17 32.38 1.71
CA ASN C 329 1.13 32.90 0.74
C ASN C 329 1.99 31.82 0.11
N GLU C 330 1.78 30.54 0.37
CA GLU C 330 2.50 29.51 -0.37
C GLU C 330 2.12 29.52 -1.84
N ILE C 331 0.87 29.86 -2.14
CA ILE C 331 0.37 30.02 -3.51
C ILE C 331 0.26 31.50 -3.81
N ASP C 332 0.57 31.91 -5.04
CA ASP C 332 0.41 33.31 -5.42
C ASP C 332 -1.06 33.57 -5.78
N THR C 333 -1.90 33.56 -4.74
CA THR C 333 -3.32 33.86 -4.96
C THR C 333 -3.53 35.34 -5.30
N ALA C 334 -2.66 36.23 -4.81
CA ALA C 334 -2.80 37.64 -5.15
C ALA C 334 -2.69 37.84 -6.66
N PHE C 335 -1.79 37.09 -7.31
CA PHE C 335 -1.72 37.16 -8.76
C PHE C 335 -3.04 36.75 -9.39
N MET C 336 -3.67 35.71 -8.84
CA MET C 336 -4.92 35.24 -9.41
C MET C 336 -6.06 36.22 -9.13
N ARG C 337 -6.04 36.88 -7.97
CA ARG C 337 -7.07 37.88 -7.70
C ARG C 337 -6.94 39.05 -8.67
N LYS C 338 -5.71 39.42 -9.02
CA LYS C 338 -5.48 40.58 -9.86
C LYS C 338 -5.82 40.34 -11.33
N ASN C 339 -5.66 39.10 -11.81
CA ASN C 339 -5.69 38.84 -13.23
C ASN C 339 -6.83 37.95 -13.72
N TRP C 340 -7.41 37.13 -12.85
CA TRP C 340 -8.35 36.11 -13.29
C TRP C 340 -9.68 36.26 -12.55
N ALA C 341 -10.74 35.76 -13.17
CA ALA C 341 -12.09 35.90 -12.63
C ALA C 341 -12.40 34.70 -11.75
N TRP C 342 -12.88 34.97 -10.52
CA TRP C 342 -13.20 33.91 -9.57
C TRP C 342 -14.69 33.63 -9.62
N GLU C 343 -15.04 32.35 -9.75
CA GLU C 343 -16.42 31.88 -9.75
C GLU C 343 -16.61 30.97 -8.55
N GLU C 344 -17.40 31.39 -7.57
CA GLU C 344 -17.60 30.55 -6.40
C GLU C 344 -18.46 29.35 -6.78
N VAL C 345 -17.94 28.15 -6.54
CA VAL C 345 -18.76 26.96 -6.73
C VAL C 345 -19.68 26.75 -5.54
N LYS C 346 -19.11 26.80 -4.35
CA LYS C 346 -19.76 26.76 -3.06
C LYS C 346 -18.73 27.33 -2.09
N PRO C 347 -19.09 27.55 -0.83
CA PRO C 347 -18.12 28.14 0.11
C PRO C 347 -16.79 27.39 0.10
N GLN C 348 -15.70 28.15 0.05
CA GLN C 348 -14.34 27.64 0.04
C GLN C 348 -14.01 26.83 -1.21
N VAL C 349 -14.73 27.00 -2.31
CA VAL C 349 -14.40 26.33 -3.57
C VAL C 349 -14.64 27.31 -4.71
N HIS C 350 -13.57 27.73 -5.39
CA HIS C 350 -13.67 28.71 -6.46
C HIS C 350 -13.06 28.17 -7.74
N LYS C 351 -13.75 28.38 -8.85
CA LYS C 351 -13.15 28.19 -10.16
C LYS C 351 -12.50 29.51 -10.54
N ILE C 352 -11.24 29.44 -10.96
CA ILE C 352 -10.47 30.61 -11.32
C ILE C 352 -10.27 30.55 -12.82
N HIS C 353 -10.92 31.46 -13.55
CA HIS C 353 -10.94 31.44 -15.00
C HIS C 353 -9.74 32.21 -15.55
N ARG C 354 -8.84 31.51 -16.24
CA ARG C 354 -7.62 32.10 -16.78
C ARG C 354 -7.86 32.82 -18.10
N THR C 355 -9.12 32.98 -18.50
CA THR C 355 -9.50 33.72 -19.71
C THR C 355 -9.52 35.22 -19.52
N GLY C 356 -9.50 35.73 -18.30
CA GLY C 356 -9.54 37.16 -18.09
C GLY C 356 -10.09 37.51 -16.71
N LYS C 357 -10.11 38.82 -16.44
CA LYS C 357 -10.47 39.37 -15.14
C LYS C 357 -11.95 39.67 -15.01
N ASP C 358 -12.56 40.32 -16.01
CA ASP C 358 -13.95 40.76 -15.94
C ASP C 358 -14.85 39.69 -16.51
N GLY C 359 -15.67 39.09 -15.66
CA GLY C 359 -16.62 38.10 -16.13
C GLY C 359 -15.99 36.88 -16.77
N PHE C 360 -16.79 35.85 -16.99
CA PHE C 360 -16.29 34.60 -17.52
C PHE C 360 -17.42 33.93 -18.29
N ASP C 361 -17.03 32.99 -19.15
CA ASP C 361 -18.01 32.12 -19.77
C ASP C 361 -18.32 31.01 -18.77
N ALA C 362 -19.61 30.84 -18.43
CA ALA C 362 -19.98 29.81 -17.46
C ALA C 362 -19.50 28.44 -17.91
N HIS C 363 -19.37 28.24 -19.21
CA HIS C 363 -18.92 26.97 -19.78
C HIS C 363 -17.47 27.02 -20.23
N ASN C 364 -16.70 28.01 -19.76
CA ASN C 364 -15.27 28.07 -20.05
C ASN C 364 -14.59 26.80 -19.52
N ASP C 365 -13.67 26.26 -20.31
CA ASP C 365 -12.95 25.07 -19.89
C ASP C 365 -11.60 25.38 -19.28
N ASP C 366 -11.14 26.63 -19.38
CA ASP C 366 -9.78 26.97 -18.95
C ASP C 366 -9.87 27.63 -17.57
N TYR C 367 -9.98 26.80 -16.54
CA TYR C 367 -10.03 27.26 -15.16
C TYR C 367 -9.25 26.29 -14.27
N LEU C 368 -8.85 26.79 -13.11
CA LEU C 368 -8.33 26.00 -12.02
C LEU C 368 -9.36 25.98 -10.91
N ILE C 369 -9.35 24.94 -10.06
CA ILE C 369 -10.18 24.95 -8.87
C ILE C 369 -9.28 25.19 -7.68
N LEU C 370 -9.51 26.30 -6.97
CA LEU C 370 -8.78 26.67 -5.77
C LEU C 370 -9.62 26.32 -4.55
N LEU C 371 -9.02 25.67 -3.57
CA LEU C 371 -9.71 25.27 -2.35
C LEU C 371 -9.34 26.23 -1.21
N ALA C 372 -10.35 26.64 -0.44
CA ALA C 372 -10.19 27.43 0.77
C ALA C 372 -9.46 28.73 0.53
N GLU C 373 -9.52 29.23 -0.71
CA GLU C 373 -8.85 30.49 -1.08
C GLU C 373 -7.37 30.44 -0.73
N GLY C 374 -6.78 29.23 -0.79
CA GLY C 374 -5.38 29.06 -0.49
C GLY C 374 -5.03 28.88 0.98
N ARG C 375 -6.01 28.96 1.88
CA ARG C 375 -5.77 28.75 3.30
C ARG C 375 -5.72 27.25 3.59
N LEU C 376 -5.17 26.90 4.77
CA LEU C 376 -5.06 25.48 5.16
C LEU C 376 -6.26 24.67 4.71
N VAL C 377 -6.07 23.73 3.77
CA VAL C 377 -7.20 23.15 3.08
C VAL C 377 -7.90 22.11 3.96
N ASN C 378 -7.16 21.36 4.79
CA ASN C 378 -7.80 20.33 5.60
C ASN C 378 -8.80 20.93 6.58
N LEU C 379 -8.44 22.07 7.19
CA LEU C 379 -9.37 22.75 8.09
C LEU C 379 -10.40 23.59 7.34
N GLY C 380 -10.02 24.14 6.18
CA GLY C 380 -10.93 24.99 5.41
C GLY C 380 -12.05 24.23 4.73
N ASN C 381 -11.75 23.05 4.18
CA ASN C 381 -12.74 22.29 3.41
C ASN C 381 -13.19 21.02 4.10
N ALA C 382 -12.61 20.68 5.24
CA ALA C 382 -13.10 19.55 6.01
C ALA C 382 -13.03 19.94 7.49
N THR C 383 -12.54 19.07 8.38
CA THR C 383 -12.53 19.38 9.81
C THR C 383 -11.13 19.25 10.41
N GLY C 384 -10.09 19.32 9.59
CA GLY C 384 -8.75 19.21 10.16
C GLY C 384 -8.50 17.77 10.63
N HIS C 385 -7.52 17.64 11.52
CA HIS C 385 -7.13 16.31 11.96
C HIS C 385 -8.21 15.70 12.85
N PRO C 386 -8.27 14.36 12.92
CA PRO C 386 -9.27 13.71 13.77
C PRO C 386 -8.87 13.77 15.23
N SER C 387 -9.90 13.62 16.08
CA SER C 387 -9.71 13.73 17.54
C SER C 387 -8.59 12.82 18.03
N ARG C 388 -8.53 11.57 17.55
CA ARG C 388 -7.55 10.65 18.16
C ARG C 388 -6.12 11.03 17.81
N ILE C 389 -5.91 11.79 16.74
CA ILE C 389 -4.58 12.33 16.47
C ILE C 389 -4.35 13.60 17.28
N MET C 390 -5.33 14.51 17.30
CA MET C 390 -5.16 15.74 18.08
C MET C 390 -4.99 15.45 19.56
N ASP C 391 -5.43 14.27 20.01
CA ASP C 391 -5.21 13.84 21.39
C ASP C 391 -3.75 14.01 21.79
N GLY C 392 -2.83 13.56 20.94
CA GLY C 392 -1.41 13.70 21.25
C GLY C 392 -0.96 15.15 21.32
N SER C 393 -1.27 15.92 20.28
CA SER C 393 -0.89 17.33 20.25
C SER C 393 -1.37 18.06 21.49
N PHE C 394 -2.62 17.81 21.89
CA PHE C 394 -3.23 18.62 22.92
C PHE C 394 -2.92 18.12 24.33
N ALA C 395 -2.62 16.83 24.51
CA ALA C 395 -2.02 16.42 25.77
C ALA C 395 -0.68 17.11 25.99
N ASN C 396 0.13 17.23 24.93
CA ASN C 396 1.35 18.04 25.04
C ASN C 396 1.03 19.48 25.44
N GLN C 397 0.03 20.09 24.80
CA GLN C 397 -0.30 21.48 25.13
C GLN C 397 -0.62 21.63 26.62
N VAL C 398 -1.42 20.71 27.16
CA VAL C 398 -1.81 20.81 28.57
C VAL C 398 -0.58 20.65 29.45
N LEU C 399 0.28 19.69 29.14
CA LEU C 399 1.49 19.53 29.95
C LEU C 399 2.39 20.75 29.83
N ALA C 400 2.45 21.37 28.63
CA ALA C 400 3.27 22.55 28.44
C ALA C 400 2.73 23.74 29.23
N GLN C 401 1.40 23.91 29.23
CA GLN C 401 0.79 24.97 30.01
C GLN C 401 1.07 24.78 31.50
N ILE C 402 0.93 23.55 31.99
CA ILE C 402 1.22 23.31 33.41
C ILE C 402 2.66 23.66 33.73
N HIS C 403 3.60 23.21 32.89
CA HIS C 403 5.01 23.41 33.22
C HIS C 403 5.36 24.89 33.31
N LEU C 404 4.98 25.66 32.29
CA LEU C 404 5.36 27.07 32.26
C LEU C 404 4.59 27.88 33.29
N PHE C 405 3.32 27.53 33.54
CA PHE C 405 2.58 28.25 34.58
C PHE C 405 3.17 27.99 35.95
N GLU C 406 3.57 26.75 36.24
CA GLU C 406 4.14 26.48 37.54
C GLU C 406 5.53 27.10 37.68
N GLN C 407 6.25 27.29 36.56
CA GLN C 407 7.57 27.91 36.62
C GLN C 407 7.49 29.39 37.00
N LYS C 408 6.40 30.06 36.64
CA LYS C 408 6.13 31.44 37.06
C LYS C 408 7.24 32.40 36.63
N TYR C 409 7.64 32.28 35.35
CA TYR C 409 8.70 33.12 34.81
C TYR C 409 8.52 34.60 35.17
N ALA C 410 7.29 35.12 35.04
CA ALA C 410 7.12 36.57 35.21
C ALA C 410 7.41 37.05 36.62
N ASP C 411 7.46 36.15 37.58
CA ASP C 411 7.71 36.53 38.97
C ASP C 411 9.14 36.27 39.41
N LEU C 412 9.98 35.73 38.52
CA LEU C 412 11.33 35.36 38.92
C LEU C 412 12.26 36.56 38.89
N PRO C 413 13.31 36.54 39.71
CA PRO C 413 14.33 37.59 39.62
C PRO C 413 14.99 37.57 38.25
N ALA C 414 15.62 38.69 37.92
CA ALA C 414 16.15 38.90 36.58
C ALA C 414 17.17 37.83 36.21
N ALA C 415 18.02 37.43 37.15
CA ALA C 415 19.03 36.42 36.82
C ALA C 415 18.37 35.09 36.48
N GLU C 416 17.30 34.74 37.19
CA GLU C 416 16.60 33.51 36.89
C GLU C 416 15.86 33.62 35.57
N LYS C 417 15.26 34.77 35.30
CA LYS C 417 14.62 34.98 34.01
C LYS C 417 15.61 34.70 32.87
N ALA C 418 16.82 35.26 32.98
CA ALA C 418 17.78 35.10 31.88
C ALA C 418 18.14 33.65 31.65
N LYS C 419 18.16 32.83 32.71
CA LYS C 419 18.48 31.41 32.56
C LYS C 419 17.33 30.61 31.95
N ARG C 420 16.10 31.10 32.08
CA ARG C 420 14.94 30.36 31.65
C ARG C 420 14.30 30.93 30.39
N LEU C 421 14.83 32.01 29.83
CA LEU C 421 14.24 32.61 28.63
C LEU C 421 14.72 31.80 27.41
N SER C 422 13.92 30.81 27.03
CA SER C 422 14.29 29.86 25.99
C SER C 422 13.07 29.36 25.25
N VAL C 423 13.31 28.59 24.19
CA VAL C 423 12.26 27.91 23.44
C VAL C 423 12.62 26.44 23.48
N GLU C 424 11.93 25.66 24.32
CA GLU C 424 12.32 24.29 24.61
C GLU C 424 11.16 23.33 24.37
N VAL C 425 11.50 22.06 24.16
CA VAL C 425 10.50 21.01 24.08
C VAL C 425 10.28 20.41 25.46
N LEU C 426 9.18 19.67 25.61
CA LEU C 426 8.93 18.92 26.83
C LEU C 426 9.91 17.75 26.95
N PRO C 427 10.20 17.31 28.17
CA PRO C 427 11.11 16.18 28.37
C PRO C 427 10.57 14.93 27.70
N LYS C 428 11.50 14.07 27.24
CA LYS C 428 11.08 12.86 26.53
C LYS C 428 10.21 11.95 27.39
N LYS C 429 10.43 11.94 28.70
CA LYS C 429 9.59 11.11 29.55
C LYS C 429 8.11 11.45 29.37
N LEU C 430 7.78 12.74 29.26
CA LEU C 430 6.38 13.12 29.06
C LEU C 430 5.88 12.74 27.67
N ASP C 431 6.69 12.96 26.63
CA ASP C 431 6.37 12.50 25.28
C ASP C 431 6.00 11.03 25.30
N GLU C 432 6.81 10.21 25.98
CA GLU C 432 6.51 8.77 26.06
C GLU C 432 5.22 8.52 26.83
N GLU C 433 4.97 9.26 27.90
CA GLU C 433 3.73 9.06 28.65
C GLU C 433 2.50 9.39 27.82
N VAL C 434 2.56 10.43 26.97
CA VAL C 434 1.45 10.72 26.05
C VAL C 434 1.28 9.56 25.07
N ALA C 435 2.39 9.10 24.49
CA ALA C 435 2.34 8.02 23.51
C ALA C 435 1.73 6.77 24.11
N LEU C 436 2.12 6.44 25.34
CA LEU C 436 1.56 5.25 25.99
C LEU C 436 0.04 5.30 26.05
N GLU C 437 -0.51 6.45 26.45
CA GLU C 437 -1.97 6.58 26.49
C GLU C 437 -2.56 6.46 25.09
N MET C 438 -1.89 7.01 24.06
CA MET C 438 -2.43 6.86 22.71
C MET C 438 -2.46 5.40 22.30
N VAL C 439 -1.39 4.67 22.61
CA VAL C 439 -1.29 3.26 22.22
C VAL C 439 -2.39 2.45 22.90
N LYS C 440 -2.57 2.66 24.20
CA LYS C 440 -3.66 2.01 24.92
C LYS C 440 -5.02 2.34 24.29
N GLY C 441 -5.16 3.54 23.75
CA GLY C 441 -6.42 3.91 23.11
C GLY C 441 -6.75 3.05 21.90
N PHE C 442 -5.73 2.56 21.21
CA PHE C 442 -5.91 1.59 20.13
C PHE C 442 -6.09 0.17 20.63
N GLY C 443 -6.01 -0.07 21.93
CA GLY C 443 -5.91 -1.41 22.47
C GLY C 443 -4.54 -2.04 22.32
N GLY C 444 -3.53 -1.26 21.95
CA GLY C 444 -2.20 -1.82 21.87
C GLY C 444 -1.64 -2.12 23.25
N VAL C 445 -0.68 -3.04 23.33
CA VAL C 445 -0.06 -3.42 24.60
C VAL C 445 1.44 -3.23 24.46
N VAL C 446 2.01 -2.34 25.29
CA VAL C 446 3.45 -2.08 25.29
C VAL C 446 4.10 -3.10 26.23
N THR C 447 5.15 -3.77 25.76
CA THR C 447 5.90 -4.74 26.56
C THR C 447 6.81 -4.02 27.54
N GLN C 448 6.96 -4.59 28.73
CA GLN C 448 7.87 -4.09 29.75
C GLN C 448 9.19 -4.82 29.68
N LEU C 449 10.30 -4.06 29.67
CA LEU C 449 11.62 -4.68 29.69
C LEU C 449 11.83 -5.42 30.98
N THR C 450 12.56 -6.54 30.91
CA THR C 450 13.09 -7.12 32.13
C THR C 450 14.24 -6.25 32.67
N PRO C 451 14.56 -6.37 33.95
CA PRO C 451 15.74 -5.67 34.47
C PRO C 451 16.98 -5.94 33.64
N LYS C 452 17.23 -7.22 33.30
CA LYS C 452 18.41 -7.55 32.50
C LYS C 452 18.37 -6.87 31.15
N GLN C 453 17.22 -6.92 30.47
CA GLN C 453 17.14 -6.27 29.18
C GLN C 453 17.35 -4.77 29.29
N ALA C 454 16.76 -4.13 30.31
CA ALA C 454 16.96 -2.70 30.48
C ALA C 454 18.43 -2.38 30.70
N GLU C 455 19.11 -3.17 31.54
CA GLU C 455 20.53 -2.99 31.75
C GLU C 455 21.30 -3.18 30.44
N TYR C 456 20.87 -4.15 29.64
CA TYR C 456 21.60 -4.49 28.41
C TYR C 456 21.62 -3.33 27.43
N ILE C 457 20.51 -2.61 27.29
CA ILE C 457 20.46 -1.47 26.37
C ILE C 457 20.66 -0.14 27.08
N GLY C 458 20.88 -0.15 28.39
CA GLY C 458 21.25 1.06 29.09
C GLY C 458 20.13 2.03 29.34
N VAL C 459 18.93 1.53 29.64
CA VAL C 459 17.80 2.38 29.98
C VAL C 459 17.18 1.90 31.28
N SER C 460 16.35 2.77 31.87
CA SER C 460 15.48 2.38 32.95
CA SER C 460 15.47 2.38 32.95
C SER C 460 14.27 1.64 32.41
N VAL C 461 13.77 0.67 33.19
CA VAL C 461 12.56 -0.06 32.80
C VAL C 461 11.41 0.91 32.56
N GLU C 462 11.40 2.04 33.25
CA GLU C 462 10.36 3.05 33.11
C GLU C 462 10.60 4.03 31.97
N GLY C 463 11.75 3.96 31.30
CA GLY C 463 12.09 4.94 30.30
C GLY C 463 12.78 6.13 30.97
N PRO C 464 13.21 7.11 30.17
CA PRO C 464 13.06 7.15 28.71
C PRO C 464 13.86 6.08 28.01
N PHE C 465 13.39 5.67 26.84
CA PHE C 465 13.94 4.52 26.14
C PHE C 465 14.95 4.89 25.06
N LYS C 466 15.07 6.16 24.71
CA LYS C 466 15.90 6.64 23.63
C LYS C 466 16.65 7.88 24.09
N PRO C 467 17.86 8.12 23.58
CA PRO C 467 18.52 9.41 23.82
C PRO C 467 17.75 10.52 23.13
N ASP C 468 17.99 11.75 23.59
CA ASP C 468 17.34 12.91 23.01
C ASP C 468 17.67 13.09 21.53
N THR C 469 18.83 12.60 21.08
CA THR C 469 19.16 12.68 19.66
C THR C 469 18.31 11.77 18.78
N TYR C 470 17.55 10.83 19.33
CA TYR C 470 16.90 9.84 18.49
C TYR C 470 15.83 10.47 17.60
N ARG C 471 15.77 10.04 16.33
CA ARG C 471 14.88 10.68 15.38
C ARG C 471 13.56 9.93 15.13
N TYR C 472 13.42 8.68 15.59
CA TYR C 472 12.22 7.88 15.32
C TYR C 472 11.94 7.82 13.82
N GLY D 12 -44.35 28.18 -16.72
CA GLY D 12 -44.55 27.93 -15.30
C GLY D 12 -44.47 26.46 -14.95
N PHE D 13 -43.28 25.88 -15.09
CA PHE D 13 -43.09 24.46 -14.82
C PHE D 13 -43.19 24.20 -13.32
N THR D 14 -44.10 23.33 -12.92
CA THR D 14 -44.23 22.96 -11.51
C THR D 14 -44.35 21.45 -11.32
N ASP D 15 -44.05 20.65 -12.35
CA ASP D 15 -44.21 19.19 -12.28
C ASP D 15 -42.95 18.58 -11.66
N TYR D 16 -42.79 18.82 -10.35
CA TYR D 16 -41.61 18.31 -9.65
C TYR D 16 -41.82 18.46 -8.15
N LYS D 17 -40.91 17.87 -7.37
CA LYS D 17 -40.90 18.08 -5.93
C LYS D 17 -39.48 17.91 -5.43
N VAL D 18 -38.90 18.98 -4.89
CA VAL D 18 -37.51 18.97 -4.43
C VAL D 18 -37.44 19.76 -3.13
N ALA D 19 -36.28 19.67 -2.46
CA ALA D 19 -36.16 20.32 -1.16
C ALA D 19 -36.15 21.83 -1.28
N ASP D 20 -35.45 22.36 -2.29
CA ASP D 20 -35.18 23.79 -2.32
C ASP D 20 -34.74 24.13 -3.75
N ILE D 21 -35.68 24.63 -4.55
CA ILE D 21 -35.37 24.97 -5.94
C ILE D 21 -34.30 26.04 -6.04
N THR D 22 -34.08 26.83 -4.99
CA THR D 22 -33.08 27.90 -5.06
C THR D 22 -31.66 27.35 -5.09
N LEU D 23 -31.48 26.06 -4.87
CA LEU D 23 -30.17 25.41 -4.99
C LEU D 23 -29.79 25.13 -6.43
N ALA D 24 -30.62 25.50 -7.41
CA ALA D 24 -30.40 25.04 -8.78
C ALA D 24 -29.11 25.64 -9.36
N ALA D 25 -28.83 26.91 -9.08
CA ALA D 25 -27.62 27.50 -9.64
C ALA D 25 -26.38 26.76 -9.16
N TRP D 26 -26.35 26.41 -7.88
CA TRP D 26 -25.27 25.60 -7.33
C TRP D 26 -25.19 24.25 -8.01
N GLY D 27 -26.35 23.56 -8.12
CA GLY D 27 -26.36 22.29 -8.83
C GLY D 27 -25.83 22.42 -10.25
N ARG D 28 -26.19 23.51 -10.93
CA ARG D 28 -25.75 23.67 -12.32
C ARG D 28 -24.23 23.86 -12.39
N ARG D 29 -23.67 24.63 -11.47
CA ARG D 29 -22.22 24.75 -11.43
C ARG D 29 -21.57 23.39 -11.24
N GLU D 30 -22.14 22.56 -10.37
CA GLU D 30 -21.54 21.25 -10.16
C GLU D 30 -21.79 20.32 -11.35
N LEU D 31 -22.90 20.45 -12.05
CA LEU D 31 -23.08 19.64 -13.25
C LEU D 31 -22.06 19.99 -14.33
N ILE D 32 -21.76 21.28 -14.49
CA ILE D 32 -20.78 21.67 -15.50
C ILE D 32 -19.40 21.10 -15.18
N ILE D 33 -19.03 21.09 -13.89
CA ILE D 33 -17.79 20.41 -13.49
C ILE D 33 -17.88 18.92 -13.82
N ALA D 34 -18.98 18.28 -13.41
CA ALA D 34 -19.12 16.84 -13.60
C ALA D 34 -19.03 16.47 -15.07
N GLU D 35 -19.60 17.30 -15.96
CA GLU D 35 -19.49 16.97 -17.37
C GLU D 35 -18.02 16.81 -17.78
N SER D 36 -17.13 17.64 -17.23
CA SER D 36 -15.73 17.54 -17.59
C SER D 36 -15.07 16.31 -16.98
N GLU D 37 -15.70 15.69 -15.99
CA GLU D 37 -15.20 14.46 -15.39
C GLU D 37 -15.81 13.20 -16.00
N MET D 38 -16.67 13.32 -17.01
CA MET D 38 -17.42 12.16 -17.52
C MET D 38 -17.26 12.07 -19.04
N PRO D 39 -16.04 11.79 -19.51
CA PRO D 39 -15.81 11.81 -20.96
C PRO D 39 -16.54 10.71 -21.73
N ALA D 40 -16.76 9.53 -21.14
CA ALA D 40 -17.44 8.49 -21.90
C ALA D 40 -18.91 8.84 -22.08
N LEU D 41 -19.53 9.32 -21.01
CA LEU D 41 -20.95 9.68 -21.06
C LEU D 41 -21.16 10.92 -21.92
N MET D 42 -20.35 11.96 -21.71
N MET D 42 -20.35 11.96 -21.72
CA MET D 42 -20.41 13.14 -22.56
CA MET D 42 -20.48 13.14 -22.58
C MET D 42 -20.13 12.77 -24.02
C MET D 42 -20.09 12.82 -24.03
N GLY D 43 -19.15 11.90 -24.24
CA GLY D 43 -18.86 11.49 -25.60
C GLY D 43 -20.05 10.87 -26.30
N LEU D 44 -20.80 10.04 -25.58
CA LEU D 44 -22.03 9.47 -26.16
C LEU D 44 -23.06 10.56 -26.42
N ARG D 45 -23.17 11.52 -25.51
CA ARG D 45 -24.12 12.61 -25.68
C ARG D 45 -23.82 13.36 -26.96
N ARG D 46 -22.54 13.70 -27.19
CA ARG D 46 -22.17 14.38 -28.43
C ARG D 46 -22.32 13.47 -29.64
N LYS D 47 -21.98 12.20 -29.48
CA LYS D 47 -22.02 11.26 -30.60
C LYS D 47 -23.44 11.02 -31.12
N TYR D 48 -24.41 10.88 -30.23
CA TYR D 48 -25.74 10.47 -30.65
C TYR D 48 -26.72 11.63 -30.75
N ALA D 49 -26.28 12.85 -30.44
CA ALA D 49 -27.20 13.99 -30.51
C ALA D 49 -27.81 14.15 -31.89
N GLY D 50 -27.01 13.96 -32.95
CA GLY D 50 -27.54 14.13 -34.30
C GLY D 50 -28.62 13.13 -34.63
N GLN D 51 -28.44 11.88 -34.20
CA GLN D 51 -29.36 10.82 -34.59
C GLN D 51 -30.65 10.83 -33.77
N GLN D 52 -30.62 11.37 -32.55
CA GLN D 52 -31.76 11.36 -31.65
C GLN D 52 -32.31 9.94 -31.47
N PRO D 53 -31.47 8.99 -31.04
CA PRO D 53 -31.92 7.59 -30.94
C PRO D 53 -33.02 7.36 -29.91
N LEU D 54 -33.22 8.27 -28.95
CA LEU D 54 -34.26 8.13 -27.94
C LEU D 54 -35.47 9.00 -28.22
N LYS D 55 -35.56 9.61 -29.40
CA LYS D 55 -36.76 10.35 -29.77
C LYS D 55 -37.99 9.44 -29.70
N GLY D 56 -38.96 9.83 -28.87
CA GLY D 56 -40.12 9.01 -28.62
C GLY D 56 -40.00 8.13 -27.40
N ALA D 57 -38.81 8.02 -26.82
CA ALA D 57 -38.64 7.29 -25.58
C ALA D 57 -39.24 8.10 -24.44
N LYS D 58 -39.97 7.40 -23.55
CA LYS D 58 -40.54 8.01 -22.36
C LYS D 58 -40.07 7.15 -21.18
N ILE D 59 -39.05 7.62 -20.46
CA ILE D 59 -38.30 6.80 -19.51
C ILE D 59 -38.73 7.12 -18.09
N LEU D 60 -39.19 6.10 -17.37
CA LEU D 60 -39.32 6.16 -15.91
C LEU D 60 -37.96 5.82 -15.33
N GLY D 61 -37.38 6.75 -14.57
N GLY D 61 -37.38 6.74 -14.56
CA GLY D 61 -36.07 6.53 -13.99
CA GLY D 61 -36.07 6.53 -13.97
C GLY D 61 -36.11 6.54 -12.48
C GLY D 61 -36.15 6.52 -12.46
N CYS D 62 -35.47 5.56 -11.84
CA CYS D 62 -35.42 5.49 -10.38
C CYS D 62 -33.97 5.18 -10.00
N ILE D 63 -33.22 6.22 -9.66
CA ILE D 63 -31.83 6.02 -9.25
C ILE D 63 -31.36 7.27 -8.53
N HIS D 64 -30.52 7.07 -7.52
CA HIS D 64 -29.99 8.12 -6.66
C HIS D 64 -29.89 9.46 -7.38
N MET D 65 -30.60 10.49 -6.89
CA MET D 65 -30.64 11.77 -7.60
C MET D 65 -29.42 12.62 -7.20
N THR D 66 -28.26 12.17 -7.69
CA THR D 66 -26.97 12.82 -7.50
C THR D 66 -26.62 13.72 -8.68
N ILE D 67 -25.55 14.50 -8.51
CA ILE D 67 -25.00 15.26 -9.64
C ILE D 67 -24.69 14.33 -10.80
N GLN D 68 -24.12 13.15 -10.53
CA GLN D 68 -23.78 12.20 -11.59
C GLN D 68 -25.03 11.72 -12.32
N THR D 69 -26.09 11.43 -11.58
CA THR D 69 -27.36 11.07 -12.21
C THR D 69 -27.91 12.24 -13.02
N GLY D 70 -27.65 13.47 -12.59
CA GLY D 70 -28.05 14.62 -13.37
C GLY D 70 -27.46 14.61 -14.76
N VAL D 71 -26.16 14.28 -14.88
CA VAL D 71 -25.53 14.24 -16.20
C VAL D 71 -26.12 13.12 -17.05
N LEU D 72 -26.44 11.99 -16.41
CA LEU D 72 -27.15 10.92 -17.10
C LEU D 72 -28.52 11.39 -17.60
N ILE D 73 -29.31 12.02 -16.72
CA ILE D 73 -30.66 12.46 -17.11
C ILE D 73 -30.57 13.38 -18.32
N GLU D 74 -29.65 14.34 -18.26
CA GLU D 74 -29.59 15.33 -19.33
C GLU D 74 -29.03 14.74 -20.62
N THR D 75 -28.23 13.67 -20.52
CA THR D 75 -27.80 12.96 -21.72
C THR D 75 -28.98 12.27 -22.39
N LEU D 76 -29.79 11.54 -21.61
CA LEU D 76 -30.97 10.89 -22.16
C LEU D 76 -31.88 11.90 -22.85
N VAL D 77 -32.15 13.03 -22.19
CA VAL D 77 -33.00 14.07 -22.76
C VAL D 77 -32.36 14.64 -24.04
N ALA D 78 -31.05 14.86 -24.00
CA ALA D 78 -30.33 15.39 -25.17
C ALA D 78 -30.41 14.45 -26.36
N LEU D 79 -30.57 13.15 -26.12
CA LEU D 79 -30.73 12.16 -27.19
C LEU D 79 -32.18 11.98 -27.59
N GLY D 80 -33.10 12.77 -27.02
CA GLY D 80 -34.49 12.80 -27.49
C GLY D 80 -35.52 12.28 -26.50
N ALA D 81 -35.14 11.72 -25.36
CA ALA D 81 -36.08 11.14 -24.42
C ALA D 81 -36.84 12.21 -23.62
N GLU D 82 -38.05 11.86 -23.22
CA GLU D 82 -38.71 12.44 -22.06
C GLU D 82 -38.50 11.51 -20.87
N VAL D 83 -38.36 12.09 -19.68
CA VAL D 83 -38.15 11.29 -18.47
C VAL D 83 -39.03 11.82 -17.33
N ARG D 84 -39.30 10.93 -16.37
CA ARG D 84 -39.84 11.30 -15.06
C ARG D 84 -39.03 10.55 -14.03
N TRP D 85 -38.50 11.26 -13.03
CA TRP D 85 -37.39 10.73 -12.24
C TRP D 85 -37.69 10.75 -10.75
N SER D 86 -37.14 9.74 -10.05
CA SER D 86 -37.13 9.67 -8.60
C SER D 86 -35.81 9.06 -8.15
N SER D 87 -35.48 9.23 -6.87
CA SER D 87 -34.33 8.53 -6.29
C SER D 87 -34.71 7.09 -5.89
N CYS D 88 -33.71 6.22 -5.82
CA CYS D 88 -33.95 4.86 -5.34
C CYS D 88 -33.51 4.67 -3.89
N ASN D 89 -33.27 5.76 -3.15
CA ASN D 89 -32.98 5.68 -1.72
C ASN D 89 -33.41 6.98 -1.05
N ILE D 90 -33.89 6.87 0.20
CA ILE D 90 -34.41 8.05 0.90
C ILE D 90 -33.31 9.05 1.28
N PHE D 91 -32.03 8.66 1.26
CA PHE D 91 -30.96 9.51 1.74
C PHE D 91 -29.95 9.90 0.67
N SER D 92 -30.10 9.41 -0.56
CA SER D 92 -29.02 9.52 -1.52
C SER D 92 -29.10 10.75 -2.41
N THR D 93 -30.24 11.44 -2.45
CA THR D 93 -30.38 12.64 -3.26
C THR D 93 -29.42 13.73 -2.79
N GLN D 94 -28.80 14.39 -3.76
CA GLN D 94 -28.14 15.68 -3.53
C GLN D 94 -29.15 16.75 -3.92
N ASP D 95 -29.59 17.53 -2.93
CA ASP D 95 -30.70 18.45 -3.21
C ASP D 95 -30.36 19.47 -4.30
N GLN D 96 -29.09 19.87 -4.43
CA GLN D 96 -28.75 20.82 -5.47
C GLN D 96 -28.81 20.18 -6.86
N ALA D 97 -28.56 18.86 -6.94
CA ALA D 97 -28.71 18.15 -8.21
C ALA D 97 -30.18 18.05 -8.60
N ALA D 98 -31.01 17.65 -7.64
CA ALA D 98 -32.46 17.63 -7.88
C ALA D 98 -32.97 19.00 -8.33
N ALA D 99 -32.54 20.06 -7.64
CA ALA D 99 -33.02 21.40 -8.00
C ALA D 99 -32.61 21.78 -9.42
N ALA D 100 -31.37 21.51 -9.82
CA ALA D 100 -30.94 21.85 -11.18
C ALA D 100 -31.77 21.12 -12.22
N ILE D 101 -32.09 19.84 -11.97
CA ILE D 101 -32.88 19.07 -12.92
C ILE D 101 -34.29 19.64 -13.05
N ALA D 102 -34.93 19.92 -11.90
CA ALA D 102 -36.26 20.51 -11.91
C ALA D 102 -36.25 21.89 -12.58
N ALA D 103 -35.23 22.70 -12.30
CA ALA D 103 -35.15 24.02 -12.92
C ALA D 103 -34.90 23.94 -14.41
N ALA D 104 -34.43 22.79 -14.88
CA ALA D 104 -34.29 22.52 -16.32
C ALA D 104 -35.60 22.09 -16.95
N GLY D 105 -36.68 22.03 -16.19
CA GLY D 105 -37.98 21.64 -16.73
C GLY D 105 -38.18 20.15 -16.81
N ILE D 106 -37.45 19.37 -16.03
CA ILE D 106 -37.51 17.92 -16.07
C ILE D 106 -38.22 17.43 -14.82
N PRO D 107 -39.25 16.59 -14.94
CA PRO D 107 -39.94 16.10 -13.74
C PRO D 107 -39.05 15.25 -12.86
N VAL D 108 -38.86 15.68 -11.62
CA VAL D 108 -38.04 14.94 -10.66
C VAL D 108 -38.68 15.09 -9.29
N PHE D 109 -38.77 13.97 -8.57
CA PHE D 109 -39.40 13.94 -7.24
C PHE D 109 -38.39 13.28 -6.33
N ALA D 110 -37.66 14.10 -5.57
CA ALA D 110 -36.50 13.58 -4.83
C ALA D 110 -35.93 14.61 -3.87
N TRP D 111 -35.65 14.20 -2.65
CA TRP D 111 -34.91 15.04 -1.72
C TRP D 111 -34.20 14.13 -0.72
N LYS D 112 -33.15 14.68 -0.13
CA LYS D 112 -32.40 13.94 0.90
C LYS D 112 -33.21 13.90 2.18
N GLY D 113 -33.41 12.69 2.72
CA GLY D 113 -34.13 12.54 3.95
C GLY D 113 -35.63 12.36 3.80
N GLU D 114 -36.07 11.67 2.74
CA GLU D 114 -37.46 11.28 2.60
C GLU D 114 -37.85 10.28 3.69
N THR D 115 -39.13 10.30 4.04
CA THR D 115 -39.68 9.17 4.79
C THR D 115 -39.98 8.03 3.84
N GLU D 116 -40.26 6.86 4.39
CA GLU D 116 -40.64 5.74 3.52
C GLU D 116 -41.89 6.05 2.73
N GLU D 117 -42.86 6.71 3.38
CA GLU D 117 -44.09 7.07 2.68
C GLU D 117 -43.83 8.05 1.54
N GLU D 118 -42.96 9.04 1.78
CA GLU D 118 -42.59 9.96 0.72
C GLU D 118 -41.82 9.28 -0.40
N TYR D 119 -40.96 8.32 -0.05
CA TYR D 119 -40.22 7.56 -1.06
C TYR D 119 -41.17 6.91 -2.06
N GLU D 120 -42.20 6.23 -1.55
CA GLU D 120 -43.15 5.58 -2.45
CA GLU D 120 -43.14 5.58 -2.46
C GLU D 120 -43.95 6.63 -3.24
N TRP D 121 -44.29 7.74 -2.59
CA TRP D 121 -44.98 8.85 -3.25
C TRP D 121 -44.18 9.37 -4.43
N CYS D 122 -42.85 9.53 -4.26
CA CYS D 122 -42.02 10.04 -5.34
C CYS D 122 -42.01 9.09 -6.54
N ILE D 123 -41.92 7.78 -6.30
CA ILE D 123 -41.97 6.85 -7.42
C ILE D 123 -43.33 6.94 -8.11
N GLU D 124 -44.40 6.96 -7.31
CA GLU D 124 -45.74 7.07 -7.89
C GLU D 124 -45.89 8.35 -8.72
N GLN D 125 -45.21 9.43 -8.31
CA GLN D 125 -45.32 10.67 -9.08
C GLN D 125 -44.66 10.55 -10.45
N THR D 126 -43.66 9.67 -10.60
CA THR D 126 -43.09 9.46 -11.93
C THR D 126 -44.01 8.59 -12.78
N ILE D 127 -44.61 7.57 -12.17
CA ILE D 127 -45.51 6.66 -12.88
C ILE D 127 -46.78 7.37 -13.36
N LEU D 128 -47.33 8.27 -12.55
CA LEU D 128 -48.58 8.95 -12.87
C LEU D 128 -48.29 10.36 -13.35
N LYS D 129 -49.06 10.79 -14.34
CA LYS D 129 -49.03 12.16 -14.82
C LYS D 129 -50.47 12.63 -14.91
N ASP D 130 -50.79 13.67 -14.14
CA ASP D 130 -52.16 14.18 -14.08
C ASP D 130 -53.11 13.13 -13.50
N GLY D 131 -52.61 12.28 -12.61
CA GLY D 131 -53.45 11.31 -11.95
C GLY D 131 -53.75 10.06 -12.74
N GLN D 132 -53.11 9.85 -13.87
CA GLN D 132 -53.26 8.66 -14.70
C GLN D 132 -51.89 8.14 -15.09
N PRO D 133 -51.78 6.85 -15.39
CA PRO D 133 -50.49 6.30 -15.83
C PRO D 133 -49.95 7.06 -17.03
N TRP D 134 -48.71 7.53 -16.89
CA TRP D 134 -47.96 8.09 -18.01
C TRP D 134 -47.81 7.04 -19.09
N ASP D 135 -47.68 7.48 -20.33
CA ASP D 135 -47.46 6.55 -21.45
C ASP D 135 -45.96 6.22 -21.56
N ALA D 136 -45.43 5.70 -20.45
CA ALA D 136 -44.04 5.26 -20.39
C ALA D 136 -43.77 4.13 -21.37
N ASN D 137 -42.54 4.06 -21.89
CA ASN D 137 -42.17 2.92 -22.72
C ASN D 137 -40.76 2.43 -22.44
N MET D 138 -40.09 2.96 -21.41
CA MET D 138 -38.78 2.49 -20.98
C MET D 138 -38.64 2.68 -19.49
N VAL D 139 -37.80 1.84 -18.88
CA VAL D 139 -37.53 1.88 -17.44
C VAL D 139 -36.02 1.89 -17.25
N LEU D 140 -35.54 2.79 -16.39
CA LEU D 140 -34.16 2.77 -15.90
C LEU D 140 -34.25 2.66 -14.39
N ASP D 141 -33.64 1.62 -13.82
CA ASP D 141 -33.86 1.29 -12.42
C ASP D 141 -32.54 0.99 -11.74
N ASP D 142 -32.53 1.18 -10.42
CA ASP D 142 -31.35 0.88 -9.61
C ASP D 142 -31.87 0.22 -8.33
N GLY D 143 -31.82 -1.12 -8.28
CA GLY D 143 -32.25 -1.88 -7.13
C GLY D 143 -33.59 -2.59 -7.31
N GLY D 144 -34.35 -2.25 -8.35
CA GLY D 144 -35.56 -2.97 -8.69
C GLY D 144 -36.86 -2.50 -8.07
N ASP D 145 -36.86 -1.42 -7.30
CA ASP D 145 -38.09 -0.98 -6.63
C ASP D 145 -39.11 -0.50 -7.64
N LEU D 146 -38.69 0.31 -8.60
CA LEU D 146 -39.60 0.76 -9.65
C LEU D 146 -40.10 -0.42 -10.49
N THR D 147 -39.18 -1.30 -10.91
CA THR D 147 -39.57 -2.52 -11.62
C THR D 147 -40.65 -3.29 -10.87
N GLU D 148 -40.49 -3.44 -9.55
CA GLU D 148 -41.43 -4.23 -8.77
C GLU D 148 -42.79 -3.55 -8.69
N ILE D 149 -42.80 -2.23 -8.45
CA ILE D 149 -44.06 -1.50 -8.40
C ILE D 149 -44.81 -1.63 -9.72
N LEU D 150 -44.10 -1.48 -10.85
CA LEU D 150 -44.76 -1.64 -12.15
C LEU D 150 -45.35 -3.04 -12.32
N HIS D 151 -44.57 -4.08 -12.01
CA HIS D 151 -45.06 -5.45 -12.19
C HIS D 151 -46.23 -5.77 -11.26
N LYS D 152 -46.20 -5.26 -10.03
CA LYS D 152 -47.20 -5.67 -9.05
C LYS D 152 -48.41 -4.74 -8.99
N LYS D 153 -48.22 -3.43 -9.21
CA LYS D 153 -49.31 -2.47 -9.08
C LYS D 153 -49.80 -1.86 -10.39
N TYR D 154 -48.94 -1.79 -11.42
CA TYR D 154 -49.30 -1.17 -12.68
C TYR D 154 -48.98 -2.10 -13.85
N PRO D 155 -49.41 -3.36 -13.76
CA PRO D 155 -48.99 -4.34 -14.79
C PRO D 155 -49.39 -3.94 -16.21
N GLN D 156 -50.50 -3.23 -16.38
CA GLN D 156 -50.90 -2.86 -17.73
C GLN D 156 -49.88 -1.93 -18.37
N MET D 157 -49.17 -1.15 -17.57
CA MET D 157 -48.16 -0.25 -18.14
C MET D 157 -47.05 -1.02 -18.83
N LEU D 158 -46.73 -2.22 -18.34
CA LEU D 158 -45.64 -2.98 -18.95
C LEU D 158 -45.99 -3.45 -20.35
N GLU D 159 -47.27 -3.45 -20.72
CA GLU D 159 -47.65 -3.77 -22.10
C GLU D 159 -47.04 -2.82 -23.11
N ARG D 160 -46.72 -1.59 -22.71
CA ARG D 160 -46.19 -0.57 -23.62
C ARG D 160 -44.69 -0.35 -23.45
N ILE D 161 -44.07 -1.07 -22.54
CA ILE D 161 -42.68 -0.80 -22.15
C ILE D 161 -41.76 -1.75 -22.91
N HIS D 162 -40.72 -1.18 -23.54
CA HIS D 162 -39.81 -1.96 -24.36
C HIS D 162 -38.70 -2.65 -23.57
N GLY D 163 -38.39 -2.20 -22.35
CA GLY D 163 -37.29 -2.83 -21.63
C GLY D 163 -36.96 -2.07 -20.38
N ILE D 164 -36.12 -2.73 -19.56
CA ILE D 164 -35.60 -2.20 -18.31
C ILE D 164 -34.08 -2.22 -18.39
N THR D 165 -33.44 -1.15 -17.95
CA THR D 165 -31.97 -1.15 -17.85
C THR D 165 -31.65 -1.01 -16.36
N GLU D 166 -31.10 -2.07 -15.77
CA GLU D 166 -30.97 -2.18 -14.33
C GLU D 166 -29.52 -2.00 -13.91
N GLU D 167 -29.31 -1.12 -12.95
CA GLU D 167 -27.99 -0.63 -12.56
C GLU D 167 -27.21 -1.59 -11.67
N THR D 168 -27.86 -2.30 -10.75
CA THR D 168 -27.06 -2.80 -9.62
C THR D 168 -27.29 -4.29 -9.33
N THR D 169 -26.32 -4.88 -8.61
CA THR D 169 -26.32 -6.33 -8.40
C THR D 169 -27.66 -6.80 -7.83
N THR D 170 -28.13 -6.14 -6.77
CA THR D 170 -29.39 -6.56 -6.14
C THR D 170 -30.56 -6.50 -7.13
N GLY D 171 -30.59 -5.49 -7.98
CA GLY D 171 -31.71 -5.38 -8.92
C GLY D 171 -31.63 -6.45 -10.00
N VAL D 172 -30.41 -6.75 -10.46
CA VAL D 172 -30.23 -7.84 -11.40
C VAL D 172 -30.69 -9.16 -10.79
N HIS D 173 -30.34 -9.39 -9.52
CA HIS D 173 -30.80 -10.63 -8.91
C HIS D 173 -32.31 -10.71 -8.94
N ARG D 174 -32.99 -9.60 -8.64
CA ARG D 174 -34.45 -9.61 -8.61
C ARG D 174 -35.02 -9.88 -10.00
N LEU D 175 -34.38 -9.31 -11.04
CA LEU D 175 -34.81 -9.62 -12.41
C LEU D 175 -34.63 -11.10 -12.74
N LEU D 176 -33.49 -11.69 -12.36
CA LEU D 176 -33.28 -13.10 -12.70
C LEU D 176 -34.27 -13.99 -11.95
N ASP D 177 -34.66 -13.62 -10.72
CA ASP D 177 -35.68 -14.40 -10.04
CA ASP D 177 -35.70 -14.38 -10.02
C ASP D 177 -37.01 -14.32 -10.77
N MET D 178 -37.38 -13.13 -11.24
CA MET D 178 -38.62 -12.99 -12.01
C MET D 178 -38.57 -13.81 -13.29
N LEU D 179 -37.44 -13.74 -14.01
CA LEU D 179 -37.28 -14.54 -15.22
C LEU D 179 -37.39 -16.04 -14.91
N LYS D 180 -36.69 -16.50 -13.86
CA LYS D 180 -36.79 -17.90 -13.48
C LYS D 180 -38.23 -18.31 -13.18
N ASN D 181 -39.00 -17.40 -12.60
CA ASN D 181 -40.37 -17.73 -12.19
C ASN D 181 -41.41 -17.39 -13.25
N GLY D 182 -40.99 -16.84 -14.38
CA GLY D 182 -41.95 -16.53 -15.43
C GLY D 182 -42.75 -15.26 -15.21
N THR D 183 -42.31 -14.40 -14.29
CA THR D 183 -43.08 -13.20 -13.96
C THR D 183 -42.51 -11.93 -14.56
N LEU D 184 -41.33 -12.02 -15.21
CA LEU D 184 -40.74 -10.86 -15.87
C LEU D 184 -41.51 -10.58 -17.16
N LYS D 185 -41.99 -9.35 -17.32
CA LYS D 185 -42.89 -9.04 -18.42
C LYS D 185 -42.21 -8.33 -19.59
N VAL D 186 -41.01 -7.80 -19.37
CA VAL D 186 -40.27 -7.10 -20.42
C VAL D 186 -38.80 -7.44 -20.28
N PRO D 187 -38.05 -7.36 -21.38
CA PRO D 187 -36.61 -7.70 -21.32
C PRO D 187 -35.82 -6.64 -20.58
N ALA D 188 -34.62 -7.01 -20.17
CA ALA D 188 -33.78 -6.13 -19.40
C ALA D 188 -32.35 -6.25 -19.90
N ILE D 189 -31.62 -5.15 -19.79
CA ILE D 189 -30.16 -5.20 -19.88
C ILE D 189 -29.60 -5.06 -18.48
N ASN D 190 -28.74 -6.01 -18.13
CA ASN D 190 -28.00 -6.02 -16.89
C ASN D 190 -26.81 -5.08 -17.10
N VAL D 191 -27.00 -3.82 -16.70
CA VAL D 191 -25.93 -2.82 -16.80
C VAL D 191 -24.83 -3.13 -15.80
N ASN D 192 -25.20 -3.75 -14.67
CA ASN D 192 -24.24 -4.00 -13.59
C ASN D 192 -23.02 -4.75 -14.08
N ASP D 193 -23.20 -5.74 -14.96
CA ASP D 193 -22.14 -6.67 -15.30
C ASP D 193 -21.40 -6.31 -16.58
N SER D 194 -21.51 -5.07 -17.05
CA SER D 194 -20.42 -4.59 -17.88
C SER D 194 -19.17 -4.51 -17.01
N VAL D 195 -17.99 -4.77 -17.60
CA VAL D 195 -16.79 -4.68 -16.77
C VAL D 195 -16.56 -3.24 -16.33
N THR D 196 -16.85 -2.28 -17.23
CA THR D 196 -16.72 -0.85 -16.91
C THR D 196 -17.80 -0.35 -15.96
N LYS D 197 -18.64 -1.27 -15.46
CA LYS D 197 -19.53 -0.98 -14.33
C LYS D 197 -19.10 -1.81 -13.13
N SER D 198 -19.33 -3.13 -13.16
CA SER D 198 -19.10 -3.99 -12.00
C SER D 198 -17.69 -3.84 -11.44
N LYS D 199 -16.67 -3.86 -12.30
CA LYS D 199 -15.29 -3.83 -11.82
C LYS D 199 -14.71 -2.42 -11.83
N ASN D 200 -15.57 -1.41 -11.83
CA ASN D 200 -15.21 0.00 -11.76
C ASN D 200 -16.03 0.65 -10.64
N ASP D 201 -17.31 0.86 -10.90
CA ASP D 201 -18.29 1.34 -9.93
C ASP D 201 -18.29 0.51 -8.65
N ASN D 202 -18.61 -0.78 -8.78
CA ASN D 202 -18.90 -1.55 -7.56
C ASN D 202 -17.68 -1.60 -6.66
N LYS D 203 -16.50 -1.75 -7.25
CA LYS D 203 -15.24 -1.88 -6.51
C LYS D 203 -14.59 -0.52 -6.23
N TYR D 204 -14.07 0.13 -7.27
CA TYR D 204 -13.36 1.39 -7.04
C TYR D 204 -14.26 2.50 -6.53
N GLY D 205 -15.56 2.48 -6.88
CA GLY D 205 -16.44 3.51 -6.34
C GLY D 205 -16.53 3.45 -4.83
N CYS D 206 -16.67 2.23 -4.29
CA CYS D 206 -16.71 2.06 -2.85
C CYS D 206 -15.36 2.34 -2.23
N ARG D 207 -14.27 2.01 -2.93
CA ARG D 207 -12.95 2.38 -2.43
C ARG D 207 -12.87 3.89 -2.19
N HIS D 208 -13.40 4.69 -3.12
CA HIS D 208 -13.37 6.14 -2.96
C HIS D 208 -14.33 6.61 -1.86
N SER D 209 -15.55 6.04 -1.83
CA SER D 209 -16.61 6.71 -1.10
C SER D 209 -16.94 6.11 0.25
N LEU D 210 -16.47 4.90 0.56
CA LEU D 210 -16.74 4.36 1.91
C LEU D 210 -15.99 5.16 2.97
N ASN D 211 -14.65 5.26 2.90
CA ASN D 211 -13.98 6.03 3.94
CA ASN D 211 -13.95 6.03 3.91
C ASN D 211 -14.39 7.49 3.89
N ASP D 212 -14.76 8.00 2.71
CA ASP D 212 -15.28 9.36 2.59
C ASP D 212 -16.48 9.55 3.51
N ALA D 213 -17.46 8.66 3.41
CA ALA D 213 -18.69 8.77 4.21
C ALA D 213 -18.44 8.57 5.69
N ILE D 214 -17.56 7.63 6.08
CA ILE D 214 -17.27 7.45 7.49
C ILE D 214 -16.62 8.71 8.05
N LYS D 215 -15.71 9.33 7.29
CA LYS D 215 -15.09 10.55 7.78
C LYS D 215 -16.10 11.67 7.93
N ARG D 216 -16.97 11.85 6.93
CA ARG D 216 -17.93 12.94 7.03
C ARG D 216 -18.89 12.73 8.20
N GLY D 217 -19.28 11.48 8.45
CA GLY D 217 -20.24 11.20 9.50
C GLY D 217 -19.69 11.29 10.91
N THR D 218 -18.45 10.81 11.09
CA THR D 218 -17.86 10.66 12.42
C THR D 218 -16.57 11.44 12.62
N ASP D 219 -15.85 11.79 11.54
CA ASP D 219 -14.51 12.35 11.62
C ASP D 219 -13.60 11.47 12.48
N HIS D 220 -13.89 10.16 12.55
CA HIS D 220 -13.03 9.23 13.28
C HIS D 220 -11.73 8.97 12.54
N LEU D 221 -10.64 8.97 13.29
CA LEU D 221 -9.42 8.37 12.76
C LEU D 221 -9.69 6.91 12.45
N LEU D 222 -9.24 6.47 11.27
CA LEU D 222 -9.36 5.06 10.92
C LEU D 222 -8.06 4.30 11.11
N SER D 223 -6.92 4.96 10.90
CA SER D 223 -5.63 4.27 11.00
C SER D 223 -5.49 3.60 12.36
N GLY D 224 -5.03 2.36 12.34
CA GLY D 224 -4.71 1.65 13.57
C GLY D 224 -5.89 1.00 14.26
N LYS D 225 -7.11 1.25 13.77
CA LYS D 225 -8.31 0.68 14.37
C LYS D 225 -8.69 -0.60 13.65
N GLN D 226 -9.60 -1.38 14.26
CA GLN D 226 -9.97 -2.70 13.77
C GLN D 226 -11.29 -2.64 13.02
N ALA D 227 -11.30 -3.14 11.80
CA ALA D 227 -12.51 -3.21 10.99
C ALA D 227 -12.85 -4.66 10.67
N LEU D 228 -14.14 -4.92 10.53
CA LEU D 228 -14.65 -6.19 10.01
C LEU D 228 -15.53 -5.86 8.81
N VAL D 229 -15.15 -6.34 7.63
CA VAL D 229 -15.97 -6.15 6.43
C VAL D 229 -16.69 -7.46 6.18
N ILE D 230 -18.02 -7.42 6.08
CA ILE D 230 -18.82 -8.61 5.84
C ILE D 230 -19.02 -8.70 4.33
N GLY D 231 -18.39 -9.67 3.68
CA GLY D 231 -18.51 -9.80 2.24
C GLY D 231 -17.21 -9.37 1.53
N TYR D 232 -16.90 -10.08 0.44
CA TYR D 232 -15.71 -9.76 -0.36
C TYR D 232 -16.00 -10.00 -1.85
N GLY D 233 -17.22 -9.59 -2.30
CA GLY D 233 -17.56 -9.43 -3.71
C GLY D 233 -16.94 -8.14 -4.20
N ASP D 234 -17.51 -7.55 -5.27
CA ASP D 234 -16.91 -6.31 -5.76
C ASP D 234 -16.99 -5.19 -4.74
N VAL D 235 -18.15 -5.03 -4.08
CA VAL D 235 -18.30 -3.99 -3.06
C VAL D 235 -17.41 -4.28 -1.85
N GLY D 236 -17.38 -5.54 -1.41
CA GLY D 236 -16.51 -5.89 -0.27
C GLY D 236 -15.04 -5.69 -0.59
N LYS D 237 -14.63 -6.01 -1.82
CA LYS D 237 -13.22 -5.79 -2.20
C LYS D 237 -12.90 -4.30 -2.12
N GLY D 238 -13.74 -3.47 -2.74
CA GLY D 238 -13.49 -2.04 -2.75
C GLY D 238 -13.56 -1.44 -1.36
N SER D 239 -14.52 -1.90 -0.54
CA SER D 239 -14.68 -1.39 0.82
C SER D 239 -13.47 -1.76 1.68
N SER D 240 -13.04 -3.01 1.63
CA SER D 240 -11.85 -3.43 2.37
C SER D 240 -10.65 -2.58 2.01
N GLN D 241 -10.47 -2.29 0.71
CA GLN D 241 -9.36 -1.44 0.30
C GLN D 241 -9.54 -0.02 0.82
N SER D 242 -10.77 0.51 0.80
CA SER D 242 -11.04 1.84 1.32
C SER D 242 -10.51 1.99 2.74
N LEU D 243 -10.69 0.95 3.56
CA LEU D 243 -10.29 0.97 4.96
C LEU D 243 -8.81 0.62 5.12
N ARG D 244 -8.32 -0.38 4.39
CA ARG D 244 -6.92 -0.77 4.51
C ARG D 244 -5.97 0.34 4.06
N GLN D 245 -6.34 1.09 3.03
CA GLN D 245 -5.44 2.14 2.54
C GLN D 245 -5.34 3.29 3.53
N GLU D 246 -6.34 3.43 4.41
CA GLU D 246 -6.31 4.40 5.52
C GLU D 246 -5.53 3.90 6.72
N GLY D 247 -5.10 2.64 6.72
CA GLY D 247 -4.37 2.08 7.84
C GLY D 247 -5.20 1.27 8.81
N MET D 248 -6.44 0.94 8.47
CA MET D 248 -7.20 0.05 9.33
C MET D 248 -6.60 -1.36 9.29
N ILE D 249 -6.75 -2.08 10.40
CA ILE D 249 -6.50 -3.53 10.41
C ILE D 249 -7.84 -4.16 10.06
N VAL D 250 -7.94 -4.70 8.84
CA VAL D 250 -9.21 -5.14 8.27
C VAL D 250 -9.27 -6.65 8.30
N LYS D 251 -10.35 -7.18 8.88
CA LYS D 251 -10.71 -8.59 8.79
C LYS D 251 -11.92 -8.71 7.88
N VAL D 252 -11.98 -9.82 7.16
CA VAL D 252 -13.01 -10.03 6.13
C VAL D 252 -13.79 -11.29 6.47
N ALA D 253 -15.12 -11.21 6.34
CA ALA D 253 -15.95 -12.40 6.44
C ALA D 253 -16.56 -12.73 5.08
N GLU D 254 -16.73 -14.01 4.80
CA GLU D 254 -17.31 -14.45 3.53
C GLU D 254 -17.94 -15.80 3.72
N VAL D 255 -19.00 -16.05 2.93
CA VAL D 255 -19.57 -17.38 2.74
C VAL D 255 -19.02 -18.07 1.49
N ASP D 256 -18.44 -17.32 0.56
CA ASP D 256 -17.94 -17.86 -0.69
C ASP D 256 -16.45 -18.14 -0.53
N PRO D 257 -16.00 -19.40 -0.56
CA PRO D 257 -14.57 -19.67 -0.32
C PRO D 257 -13.65 -19.11 -1.38
N ILE D 258 -14.13 -18.95 -2.62
CA ILE D 258 -13.28 -18.33 -3.65
C ILE D 258 -13.03 -16.87 -3.31
N CYS D 259 -14.10 -16.13 -2.98
CA CYS D 259 -13.92 -14.75 -2.52
C CYS D 259 -13.06 -14.69 -1.26
N ALA D 260 -13.24 -15.65 -0.34
CA ALA D 260 -12.39 -15.69 0.86
C ALA D 260 -10.93 -15.91 0.48
N MET D 261 -10.67 -16.80 -0.48
N MET D 261 -10.67 -16.80 -0.49
CA MET D 261 -9.29 -17.03 -0.93
CA MET D 261 -9.29 -17.03 -0.93
C MET D 261 -8.68 -15.73 -1.42
C MET D 261 -8.67 -15.74 -1.43
N GLN D 262 -9.43 -14.96 -2.20
CA GLN D 262 -8.94 -13.66 -2.66
C GLN D 262 -8.60 -12.74 -1.49
N ALA D 263 -9.47 -12.69 -0.47
CA ALA D 263 -9.20 -11.85 0.69
C ALA D 263 -7.88 -12.23 1.35
N CYS D 264 -7.62 -13.54 1.51
CA CYS D 264 -6.36 -13.97 2.11
C CYS D 264 -5.17 -13.50 1.28
N MET D 265 -5.21 -13.77 -0.03
CA MET D 265 -4.11 -13.39 -0.92
C MET D 265 -3.92 -11.90 -0.97
N ASP D 266 -4.99 -11.14 -0.80
CA ASP D 266 -4.94 -9.68 -0.75
C ASP D 266 -4.44 -9.17 0.59
N GLY D 267 -4.17 -10.06 1.53
CA GLY D 267 -3.50 -9.66 2.75
C GLY D 267 -4.43 -9.41 3.92
N PHE D 268 -5.62 -9.97 3.90
CA PHE D 268 -6.59 -9.83 4.98
C PHE D 268 -6.73 -11.15 5.74
N GLU D 269 -6.99 -11.04 7.04
CA GLU D 269 -7.34 -12.21 7.84
C GLU D 269 -8.84 -12.48 7.64
N VAL D 270 -9.21 -13.73 7.30
CA VAL D 270 -10.60 -14.07 7.06
C VAL D 270 -11.16 -14.73 8.33
N VAL D 271 -12.23 -14.14 8.87
CA VAL D 271 -12.80 -14.59 10.14
C VAL D 271 -14.31 -14.67 9.99
N SER D 272 -14.95 -15.36 10.94
CA SER D 272 -16.40 -15.37 10.99
C SER D 272 -16.92 -14.74 12.29
N PRO D 273 -18.02 -13.98 12.24
CA PRO D 273 -18.66 -13.57 13.51
C PRO D 273 -19.06 -14.75 14.38
N TYR D 274 -19.14 -15.95 13.81
CA TYR D 274 -19.66 -17.11 14.51
C TYR D 274 -18.56 -18.14 14.72
N LYS D 275 -18.61 -18.79 15.87
CA LYS D 275 -17.65 -19.84 16.17
C LYS D 275 -17.73 -20.93 15.11
N ASN D 276 -16.59 -21.23 14.51
CA ASN D 276 -16.47 -22.21 13.42
C ASN D 276 -17.33 -21.84 12.23
N GLY D 277 -17.77 -20.58 12.16
CA GLY D 277 -18.57 -20.11 11.05
C GLY D 277 -20.03 -20.54 11.10
N ILE D 278 -20.47 -21.13 12.20
CA ILE D 278 -21.80 -21.73 12.27
C ILE D 278 -22.70 -20.85 13.14
N ASN D 279 -23.71 -20.24 12.53
CA ASN D 279 -24.68 -19.42 13.25
C ASN D 279 -25.84 -20.29 13.69
N ASP D 280 -25.91 -20.61 14.98
CA ASP D 280 -27.01 -21.39 15.52
C ASP D 280 -28.11 -20.51 16.09
N GLY D 281 -28.08 -19.20 15.78
CA GLY D 281 -29.09 -18.27 16.24
C GLY D 281 -28.99 -17.83 17.68
N THR D 282 -28.07 -18.39 18.46
CA THR D 282 -27.96 -18.09 19.88
C THR D 282 -26.72 -17.23 20.14
N GLU D 283 -26.70 -16.58 21.31
CA GLU D 283 -25.52 -15.79 21.66
C GLU D 283 -24.30 -16.69 21.85
N ALA D 284 -24.51 -17.96 22.20
CA ALA D 284 -23.39 -18.87 22.41
C ALA D 284 -22.56 -19.07 21.15
N SER D 285 -23.13 -18.87 19.97
CA SER D 285 -22.37 -19.08 18.74
C SER D 285 -21.57 -17.85 18.32
N ILE D 286 -21.74 -16.71 18.98
CA ILE D 286 -21.04 -15.48 18.60
C ILE D 286 -19.60 -15.55 19.08
N ASP D 287 -18.65 -15.21 18.21
CA ASP D 287 -17.26 -15.06 18.67
C ASP D 287 -17.18 -13.71 19.39
N ALA D 288 -17.49 -13.74 20.69
CA ALA D 288 -17.56 -12.49 21.45
C ALA D 288 -16.18 -11.85 21.59
N ALA D 289 -15.12 -12.66 21.71
CA ALA D 289 -13.78 -12.09 21.79
C ALA D 289 -13.45 -11.30 20.53
N LEU D 290 -13.79 -11.85 19.37
CA LEU D 290 -13.54 -11.14 18.12
C LEU D 290 -14.35 -9.87 18.04
N LEU D 291 -15.67 -9.96 18.18
CA LEU D 291 -16.50 -8.79 18.00
C LEU D 291 -16.22 -7.73 19.06
N GLY D 292 -15.75 -8.15 20.24
CA GLY D 292 -15.42 -7.18 21.28
C GLY D 292 -14.20 -6.32 20.98
N LYS D 293 -13.47 -6.63 19.92
CA LYS D 293 -12.30 -5.88 19.50
C LYS D 293 -12.53 -5.07 18.23
N ILE D 294 -13.73 -5.07 17.70
CA ILE D 294 -13.98 -4.47 16.38
C ILE D 294 -14.48 -3.06 16.56
N ASP D 295 -13.84 -2.10 15.88
CA ASP D 295 -14.22 -0.69 15.98
C ASP D 295 -15.17 -0.25 14.89
N LEU D 296 -15.26 -1.02 13.80
CA LEU D 296 -16.03 -0.64 12.62
C LEU D 296 -16.47 -1.90 11.92
N ILE D 297 -17.77 -2.02 11.66
CA ILE D 297 -18.30 -3.13 10.87
C ILE D 297 -19.03 -2.55 9.68
N VAL D 298 -18.77 -3.11 8.49
CA VAL D 298 -19.36 -2.65 7.25
C VAL D 298 -19.93 -3.86 6.54
N THR D 299 -21.21 -3.82 6.18
CA THR D 299 -21.83 -4.91 5.45
C THR D 299 -21.87 -4.58 3.95
N THR D 300 -21.53 -5.57 3.13
CA THR D 300 -21.38 -5.36 1.69
C THR D 300 -22.05 -6.45 0.85
N THR D 301 -23.04 -7.16 1.38
CA THR D 301 -23.38 -8.48 0.85
C THR D 301 -24.55 -8.51 -0.14
N GLY D 302 -25.50 -7.59 -0.04
CA GLY D 302 -26.77 -7.81 -0.70
C GLY D 302 -27.62 -8.91 -0.07
N ASN D 303 -27.22 -9.43 1.10
CA ASN D 303 -27.94 -10.48 1.80
C ASN D 303 -28.66 -9.88 3.01
N VAL D 304 -29.32 -10.74 3.80
CA VAL D 304 -30.17 -10.30 4.89
C VAL D 304 -29.54 -10.68 6.21
N ASN D 305 -29.57 -9.75 7.15
CA ASN D 305 -29.22 -10.02 8.54
C ASN D 305 -27.82 -10.60 8.71
N VAL D 306 -26.85 -10.00 8.02
CA VAL D 306 -25.46 -10.42 8.12
C VAL D 306 -24.72 -9.67 9.21
N CYS D 307 -25.31 -8.63 9.77
CA CYS D 307 -24.87 -8.02 11.04
C CYS D 307 -26.10 -8.11 11.93
N ASP D 308 -26.23 -9.22 12.65
CA ASP D 308 -27.48 -9.54 13.31
C ASP D 308 -27.51 -9.03 14.76
N ALA D 309 -28.63 -9.30 15.44
CA ALA D 309 -28.83 -8.77 16.79
C ALA D 309 -27.76 -9.26 17.76
N ASN D 310 -27.43 -10.55 17.71
CA ASN D 310 -26.41 -11.05 18.64
C ASN D 310 -25.04 -10.47 18.35
N MET D 311 -24.74 -10.19 17.08
CA MET D 311 -23.50 -9.50 16.76
C MET D 311 -23.51 -8.08 17.31
N LEU D 312 -24.63 -7.37 17.11
CA LEU D 312 -24.74 -6.01 17.61
C LEU D 312 -24.59 -5.95 19.12
N LYS D 313 -25.12 -6.98 19.82
CA LYS D 313 -24.99 -7.01 21.28
C LYS D 313 -23.53 -7.20 21.69
N ALA D 314 -22.75 -7.91 20.89
CA ALA D 314 -21.40 -8.27 21.26
C ALA D 314 -20.35 -7.27 20.81
N LEU D 315 -20.69 -6.34 19.92
CA LEU D 315 -19.68 -5.41 19.41
C LEU D 315 -19.07 -4.57 20.52
N LYS D 316 -17.80 -4.23 20.32
CA LYS D 316 -17.07 -3.29 21.18
C LYS D 316 -17.87 -2.01 21.39
N LYS D 317 -17.87 -1.51 22.63
CA LYS D 317 -18.52 -0.23 22.91
C LYS D 317 -17.98 0.84 21.96
N ARG D 318 -18.91 1.66 21.43
CA ARG D 318 -18.63 2.81 20.57
C ARG D 318 -18.21 2.42 19.15
N ALA D 319 -18.34 1.15 18.78
CA ALA D 319 -18.10 0.74 17.40
C ALA D 319 -19.05 1.46 16.45
N VAL D 320 -18.56 1.71 15.23
CA VAL D 320 -19.37 2.26 14.14
C VAL D 320 -19.94 1.12 13.33
N VAL D 321 -21.22 1.22 12.97
CA VAL D 321 -21.93 0.22 12.18
C VAL D 321 -22.51 0.88 10.93
N CYS D 322 -22.23 0.30 9.77
CA CYS D 322 -22.79 0.86 8.54
C CYS D 322 -22.93 -0.23 7.49
N ASN D 323 -23.69 0.12 6.46
CA ASN D 323 -24.03 -0.80 5.38
C ASN D 323 -23.81 -0.07 4.08
N ILE D 324 -23.12 -0.73 3.15
CA ILE D 324 -22.91 -0.17 1.82
C ILE D 324 -23.51 -1.08 0.75
N GLY D 325 -24.23 -2.13 1.15
CA GLY D 325 -25.08 -2.87 0.23
C GLY D 325 -26.35 -2.09 -0.07
N HIS D 326 -27.13 -2.57 -1.03
CA HIS D 326 -28.25 -1.76 -1.52
C HIS D 326 -29.34 -1.49 -0.47
N PHE D 327 -29.68 -2.47 0.38
CA PHE D 327 -30.81 -2.34 1.29
C PHE D 327 -30.35 -2.41 2.74
N ASP D 328 -31.11 -1.76 3.64
CA ASP D 328 -30.75 -1.65 5.06
C ASP D 328 -30.96 -2.93 5.86
N ASN D 329 -31.67 -3.93 5.34
CA ASN D 329 -31.86 -5.14 6.11
C ASN D 329 -30.59 -5.99 6.25
N GLU D 330 -29.44 -5.56 5.71
CA GLU D 330 -28.20 -6.27 6.01
C GLU D 330 -27.88 -6.21 7.49
N ILE D 331 -28.30 -5.13 8.16
CA ILE D 331 -28.12 -4.92 9.60
C ILE D 331 -29.49 -5.02 10.24
N ASP D 332 -29.58 -5.70 11.38
CA ASP D 332 -30.86 -5.82 12.09
C ASP D 332 -31.13 -4.51 12.86
N THR D 333 -31.48 -3.47 12.09
CA THR D 333 -31.86 -2.21 12.71
C THR D 333 -33.23 -2.32 13.39
N ALA D 334 -34.10 -3.20 12.88
CA ALA D 334 -35.39 -3.42 13.56
C ALA D 334 -35.17 -3.79 15.02
N PHE D 335 -34.22 -4.69 15.29
CA PHE D 335 -33.92 -5.05 16.67
C PHE D 335 -33.49 -3.83 17.47
N MET D 336 -32.64 -2.98 16.88
CA MET D 336 -32.17 -1.81 17.60
C MET D 336 -33.31 -0.81 17.87
N ARG D 337 -34.22 -0.63 16.90
CA ARG D 337 -35.34 0.27 17.16
C ARG D 337 -36.23 -0.25 18.27
N LYS D 338 -36.37 -1.57 18.38
CA LYS D 338 -37.25 -2.15 19.38
C LYS D 338 -36.65 -2.09 20.79
N ASN D 339 -35.33 -2.23 20.92
CA ASN D 339 -34.72 -2.47 22.22
C ASN D 339 -33.85 -1.34 22.75
N TRP D 340 -33.32 -0.49 21.89
CA TRP D 340 -32.29 0.47 22.28
C TRP D 340 -32.73 1.88 21.93
N ALA D 341 -32.14 2.86 22.63
CA ALA D 341 -32.54 4.26 22.52
C ALA D 341 -31.64 4.96 21.51
N TRP D 342 -32.25 5.69 20.58
CA TRP D 342 -31.54 6.36 19.50
C TRP D 342 -31.35 7.84 19.85
N GLU D 343 -30.10 8.29 19.82
CA GLU D 343 -29.76 9.69 20.02
C GLU D 343 -29.21 10.22 18.70
N GLU D 344 -29.92 11.15 18.07
CA GLU D 344 -29.38 11.71 16.83
C GLU D 344 -28.19 12.62 17.17
N VAL D 345 -27.03 12.34 16.56
CA VAL D 345 -25.91 13.28 16.64
C VAL D 345 -26.10 14.41 15.65
N LYS D 346 -26.36 14.07 14.41
CA LYS D 346 -26.67 14.99 13.32
C LYS D 346 -27.34 14.14 12.26
N PRO D 347 -27.85 14.73 11.18
CA PRO D 347 -28.56 13.93 10.20
C PRO D 347 -27.71 12.75 9.74
N GLN D 348 -28.36 11.58 9.68
CA GLN D 348 -27.76 10.31 9.24
C GLN D 348 -26.63 9.86 10.16
N VAL D 349 -26.61 10.30 11.42
CA VAL D 349 -25.65 9.81 12.40
C VAL D 349 -26.37 9.65 13.74
N HIS D 350 -26.51 8.41 14.21
CA HIS D 350 -27.25 8.13 15.45
C HIS D 350 -26.37 7.34 16.40
N LYS D 351 -26.40 7.72 17.67
CA LYS D 351 -25.87 6.89 18.74
C LYS D 351 -26.98 5.98 19.22
N ILE D 352 -26.70 4.68 19.28
CA ILE D 352 -27.68 3.68 19.70
C ILE D 352 -27.24 3.19 21.07
N HIS D 353 -27.99 3.56 22.10
CA HIS D 353 -27.59 3.30 23.49
C HIS D 353 -28.10 1.94 23.92
N ARG D 354 -27.19 1.01 24.17
CA ARG D 354 -27.54 -0.37 24.49
C ARG D 354 -27.98 -0.55 25.94
N THR D 355 -28.14 0.55 26.66
CA THR D 355 -28.58 0.50 28.05
C THR D 355 -30.08 0.28 28.19
N GLY D 356 -30.85 0.40 27.13
CA GLY D 356 -32.28 0.20 27.25
C GLY D 356 -33.04 1.07 26.28
N LYS D 357 -34.35 0.85 26.24
CA LYS D 357 -35.25 1.44 25.25
C LYS D 357 -35.73 2.83 25.64
N ASP D 358 -36.02 3.04 26.92
CA ASP D 358 -36.71 4.25 27.38
C ASP D 358 -35.65 5.25 27.87
N GLY D 359 -35.23 6.13 26.97
CA GLY D 359 -34.30 7.17 27.32
C GLY D 359 -32.87 6.69 27.47
N PHE D 360 -31.95 7.63 27.65
CA PHE D 360 -30.53 7.31 27.74
C PHE D 360 -29.84 8.40 28.55
N ASP D 361 -28.69 8.04 29.10
CA ASP D 361 -27.82 9.02 29.73
C ASP D 361 -26.94 9.66 28.66
N ALA D 362 -26.95 10.99 28.60
CA ALA D 362 -26.18 11.71 27.58
C ALA D 362 -24.69 11.36 27.64
N HIS D 363 -24.19 10.90 28.79
CA HIS D 363 -22.79 10.53 28.97
C HIS D 363 -22.59 9.01 29.07
N ASN D 364 -23.60 8.24 28.68
CA ASN D 364 -23.46 6.80 28.58
C ASN D 364 -22.31 6.44 27.63
N ASP D 365 -21.50 5.46 28.03
CA ASP D 365 -20.41 4.99 27.18
C ASP D 365 -20.77 3.76 26.36
N ASP D 366 -21.91 3.12 26.63
CA ASP D 366 -22.25 1.87 25.96
C ASP D 366 -23.25 2.17 24.84
N TYR D 367 -22.70 2.64 23.72
CA TYR D 367 -23.49 2.90 22.52
C TYR D 367 -22.71 2.43 21.31
N LEU D 368 -23.43 2.24 20.19
CA LEU D 368 -22.87 2.08 18.86
C LEU D 368 -23.21 3.32 18.04
N ILE D 369 -22.40 3.65 17.05
CA ILE D 369 -22.75 4.73 16.12
C ILE D 369 -23.23 4.09 14.83
N LEU D 370 -24.50 4.36 14.47
CA LEU D 370 -25.09 3.87 13.23
C LEU D 370 -25.09 5.01 12.21
N LEU D 371 -24.61 4.72 11.00
CA LEU D 371 -24.59 5.73 9.94
C LEU D 371 -25.74 5.48 8.97
N ALA D 372 -26.42 6.56 8.57
CA ALA D 372 -27.49 6.55 7.55
C ALA D 372 -28.63 5.60 7.90
N GLU D 373 -28.81 5.35 9.20
CA GLU D 373 -29.87 4.44 9.67
C GLU D 373 -29.79 3.09 8.98
N GLY D 374 -28.56 2.67 8.62
CA GLY D 374 -28.33 1.40 7.97
C GLY D 374 -28.51 1.41 6.47
N ARG D 375 -28.88 2.55 5.88
CA ARG D 375 -29.02 2.66 4.43
C ARG D 375 -27.64 2.92 3.81
N LEU D 376 -27.55 2.75 2.48
CA LEU D 376 -26.27 2.85 1.77
C LEU D 376 -25.45 4.05 2.27
N VAL D 377 -24.31 3.75 2.89
CA VAL D 377 -23.63 4.78 3.68
C VAL D 377 -22.86 5.74 2.79
N ASN D 378 -22.33 5.27 1.66
CA ASN D 378 -21.55 6.18 0.83
C ASN D 378 -22.42 7.28 0.25
N LEU D 379 -23.66 6.96 -0.10
CA LEU D 379 -24.59 7.95 -0.60
C LEU D 379 -25.30 8.68 0.54
N GLY D 380 -25.49 8.02 1.68
CA GLY D 380 -26.24 8.63 2.77
C GLY D 380 -25.43 9.66 3.53
N ASN D 381 -24.16 9.36 3.81
CA ASN D 381 -23.32 10.25 4.58
C ASN D 381 -22.31 11.00 3.74
N ALA D 382 -22.18 10.68 2.45
CA ALA D 382 -21.31 11.46 1.57
C ALA D 382 -22.04 11.68 0.24
N THR D 383 -21.37 11.54 -0.91
CA THR D 383 -22.03 11.81 -2.19
C THR D 383 -21.93 10.62 -3.14
N GLY D 384 -21.76 9.42 -2.60
CA GLY D 384 -21.60 8.23 -3.43
C GLY D 384 -20.33 8.29 -4.25
N HIS D 385 -20.36 7.56 -5.38
CA HIS D 385 -19.16 7.46 -6.21
C HIS D 385 -18.88 8.79 -6.89
N PRO D 386 -17.63 9.03 -7.27
CA PRO D 386 -17.27 10.27 -7.98
C PRO D 386 -17.65 10.19 -9.46
N SER D 387 -17.76 11.38 -10.07
CA SER D 387 -18.20 11.49 -11.46
C SER D 387 -17.37 10.61 -12.39
N ARG D 388 -16.04 10.62 -12.24
CA ARG D 388 -15.21 9.93 -13.22
C ARG D 388 -15.36 8.40 -13.13
N ILE D 389 -15.85 7.88 -12.00
CA ILE D 389 -16.26 6.48 -11.93
C ILE D 389 -17.65 6.26 -12.49
N MET D 390 -18.62 7.10 -12.09
CA MET D 390 -19.99 6.91 -12.56
C MET D 390 -20.09 7.11 -14.07
N ASP D 391 -19.09 7.77 -14.66
CA ASP D 391 -19.00 7.89 -16.11
C ASP D 391 -19.13 6.53 -16.80
N GLY D 392 -18.45 5.51 -16.29
CA GLY D 392 -18.53 4.21 -16.93
C GLY D 392 -19.92 3.60 -16.80
N SER D 393 -20.44 3.56 -15.56
CA SER D 393 -21.77 3.01 -15.33
C SER D 393 -22.80 3.70 -16.22
N PHE D 394 -22.74 5.02 -16.31
CA PHE D 394 -23.83 5.72 -16.96
C PHE D 394 -23.67 5.79 -18.48
N ALA D 395 -22.44 5.70 -19.00
CA ALA D 395 -22.30 5.40 -20.42
C ALA D 395 -22.98 4.08 -20.77
N ASN D 396 -22.76 3.04 -19.93
CA ASN D 396 -23.45 1.77 -20.17
C ASN D 396 -24.97 1.95 -20.13
N GLN D 397 -25.48 2.74 -19.18
CA GLN D 397 -26.92 2.98 -19.10
C GLN D 397 -27.44 3.56 -20.41
N VAL D 398 -26.77 4.57 -20.94
CA VAL D 398 -27.24 5.19 -22.18
C VAL D 398 -27.24 4.17 -23.31
N LEU D 399 -26.15 3.41 -23.45
CA LEU D 399 -26.12 2.42 -24.52
C LEU D 399 -27.22 1.39 -24.34
N ALA D 400 -27.49 1.01 -23.11
CA ALA D 400 -28.53 0.01 -22.86
C ALA D 400 -29.90 0.54 -23.21
N GLN D 401 -30.18 1.81 -22.84
CA GLN D 401 -31.48 2.40 -23.19
C GLN D 401 -31.64 2.46 -24.71
N ILE D 402 -30.58 2.88 -25.41
CA ILE D 402 -30.66 2.93 -26.86
C ILE D 402 -30.97 1.55 -27.43
N HIS D 403 -30.27 0.52 -26.96
CA HIS D 403 -30.44 -0.80 -27.54
C HIS D 403 -31.84 -1.33 -27.33
N LEU D 404 -32.37 -1.21 -26.10
CA LEU D 404 -33.70 -1.79 -25.86
C LEU D 404 -34.79 -0.95 -26.51
N PHE D 405 -34.63 0.38 -26.50
CA PHE D 405 -35.64 1.21 -27.15
C PHE D 405 -35.72 0.90 -28.65
N GLU D 406 -34.56 0.71 -29.28
CA GLU D 406 -34.56 0.45 -30.73
C GLU D 406 -35.09 -0.94 -31.05
N GLN D 407 -34.95 -1.89 -30.13
CA GLN D 407 -35.45 -3.24 -30.36
C GLN D 407 -36.98 -3.29 -30.37
N LYS D 408 -37.63 -2.36 -29.66
CA LYS D 408 -39.09 -2.21 -29.71
C LYS D 408 -39.84 -3.48 -29.29
N TYR D 409 -39.42 -4.08 -28.17
CA TYR D 409 -40.03 -5.34 -27.73
C TYR D 409 -41.55 -5.26 -27.66
N ALA D 410 -42.07 -4.14 -27.16
CA ALA D 410 -43.51 -4.03 -26.96
C ALA D 410 -44.28 -4.19 -28.27
N ASP D 411 -43.65 -3.96 -29.40
CA ASP D 411 -44.34 -4.00 -30.69
C ASP D 411 -44.20 -5.35 -31.40
N LEU D 412 -43.39 -6.27 -30.87
CA LEU D 412 -43.04 -7.51 -31.57
C LEU D 412 -44.15 -8.54 -31.39
N PRO D 413 -44.34 -9.42 -32.38
CA PRO D 413 -45.31 -10.51 -32.20
C PRO D 413 -44.84 -11.48 -31.11
N ALA D 414 -45.82 -12.21 -30.57
CA ALA D 414 -45.59 -12.98 -29.34
C ALA D 414 -44.40 -13.92 -29.47
N ALA D 415 -44.29 -14.64 -30.59
CA ALA D 415 -43.18 -15.58 -30.75
C ALA D 415 -41.83 -14.86 -30.75
N GLU D 416 -41.79 -13.65 -31.32
CA GLU D 416 -40.53 -12.91 -31.32
C GLU D 416 -40.23 -12.34 -29.94
N LYS D 417 -41.27 -11.91 -29.21
CA LYS D 417 -41.06 -11.53 -27.82
C LYS D 417 -40.42 -12.66 -27.04
N ALA D 418 -40.92 -13.88 -27.24
CA ALA D 418 -40.43 -15.02 -26.49
C ALA D 418 -38.92 -15.19 -26.69
N LYS D 419 -38.45 -14.99 -27.92
CA LYS D 419 -37.02 -15.14 -28.17
C LYS D 419 -36.21 -14.07 -27.45
N ARG D 420 -36.82 -12.92 -27.19
CA ARG D 420 -36.08 -11.76 -26.68
C ARG D 420 -36.37 -11.44 -25.22
N LEU D 421 -37.21 -12.23 -24.54
CA LEU D 421 -37.49 -11.99 -23.12
C LEU D 421 -36.32 -12.56 -22.32
N SER D 422 -35.37 -11.70 -22.00
CA SER D 422 -34.11 -12.14 -21.44
C SER D 422 -33.54 -11.02 -20.58
N VAL D 423 -32.55 -11.37 -19.77
CA VAL D 423 -31.75 -10.41 -19.01
C VAL D 423 -30.31 -10.56 -19.51
N GLU D 424 -29.83 -9.58 -20.28
CA GLU D 424 -28.57 -9.73 -21.01
C GLU D 424 -27.65 -8.56 -20.71
N VAL D 425 -26.35 -8.75 -20.97
CA VAL D 425 -25.39 -7.68 -20.85
C VAL D 425 -25.12 -7.08 -22.22
N LEU D 426 -24.52 -5.88 -22.23
CA LEU D 426 -24.08 -5.28 -23.47
C LEU D 426 -22.92 -6.07 -24.08
N PRO D 427 -22.77 -6.00 -25.39
CA PRO D 427 -21.64 -6.68 -26.06
C PRO D 427 -20.30 -6.14 -25.57
N LYS D 428 -19.30 -7.02 -25.57
CA LYS D 428 -17.99 -6.63 -25.06
C LYS D 428 -17.38 -5.50 -25.87
N LYS D 429 -17.65 -5.44 -27.19
CA LYS D 429 -17.10 -4.34 -27.96
C LYS D 429 -17.51 -2.99 -27.37
N LEU D 430 -18.75 -2.86 -26.88
CA LEU D 430 -19.18 -1.58 -26.35
C LEU D 430 -18.52 -1.30 -25.00
N ASP D 431 -18.40 -2.35 -24.17
CA ASP D 431 -17.68 -2.27 -22.90
C ASP D 431 -16.27 -1.73 -23.12
N GLU D 432 -15.57 -2.27 -24.13
CA GLU D 432 -14.24 -1.79 -24.48
C GLU D 432 -14.24 -0.34 -24.92
N GLU D 433 -15.23 0.07 -25.71
CA GLU D 433 -15.27 1.45 -26.19
C GLU D 433 -15.54 2.43 -25.05
N VAL D 434 -16.37 2.05 -24.09
CA VAL D 434 -16.53 2.86 -22.87
C VAL D 434 -15.20 2.96 -22.14
N ALA D 435 -14.54 1.81 -21.95
CA ALA D 435 -13.27 1.79 -21.22
C ALA D 435 -12.22 2.65 -21.91
N LEU D 436 -12.18 2.62 -23.24
CA LEU D 436 -11.19 3.41 -23.94
C LEU D 436 -11.37 4.89 -23.66
N GLU D 437 -12.62 5.37 -23.66
CA GLU D 437 -12.87 6.77 -23.36
C GLU D 437 -12.50 7.09 -21.92
N MET D 438 -12.74 6.16 -20.99
CA MET D 438 -12.32 6.40 -19.60
C MET D 438 -10.80 6.53 -19.52
N VAL D 439 -10.07 5.62 -20.17
CA VAL D 439 -8.60 5.66 -20.14
C VAL D 439 -8.08 6.97 -20.68
N LYS D 440 -8.63 7.43 -21.81
CA LYS D 440 -8.19 8.70 -22.37
C LYS D 440 -8.48 9.85 -21.42
N GLY D 441 -9.55 9.75 -20.61
CA GLY D 441 -9.82 10.77 -19.62
C GLY D 441 -8.71 10.94 -18.60
N PHE D 442 -7.98 9.87 -18.34
CA PHE D 442 -6.79 9.90 -17.49
C PHE D 442 -5.55 10.36 -18.25
N GLY D 443 -5.66 10.58 -19.55
CA GLY D 443 -4.45 10.78 -20.33
C GLY D 443 -3.71 9.50 -20.65
N GLY D 444 -4.31 8.33 -20.42
CA GLY D 444 -3.64 7.09 -20.75
C GLY D 444 -3.60 6.86 -22.24
N VAL D 445 -2.56 6.15 -22.69
CA VAL D 445 -2.36 5.88 -24.11
C VAL D 445 -2.38 4.37 -24.31
N VAL D 446 -3.40 3.89 -25.03
CA VAL D 446 -3.52 2.47 -25.35
C VAL D 446 -2.69 2.17 -26.59
N THR D 447 -1.96 1.07 -26.55
CA THR D 447 -1.14 0.63 -27.68
C THR D 447 -2.03 -0.08 -28.70
N GLN D 448 -1.72 0.12 -29.99
CA GLN D 448 -2.42 -0.54 -31.08
C GLN D 448 -1.62 -1.77 -31.51
N LEU D 449 -2.30 -2.92 -31.59
CA LEU D 449 -1.66 -4.13 -32.09
C LEU D 449 -1.20 -3.95 -33.53
N THR D 450 -0.04 -4.53 -33.87
CA THR D 450 0.31 -4.66 -35.28
C THR D 450 -0.53 -5.76 -35.90
N PRO D 451 -0.72 -5.75 -37.21
CA PRO D 451 -1.42 -6.87 -37.85
C PRO D 451 -0.80 -8.22 -37.51
N LYS D 452 0.52 -8.32 -37.43
CA LYS D 452 1.12 -9.61 -37.07
C LYS D 452 0.78 -10.00 -35.65
N GLN D 453 0.77 -9.04 -34.73
CA GLN D 453 0.45 -9.37 -33.34
C GLN D 453 -1.02 -9.74 -33.18
N ALA D 454 -1.91 -9.01 -33.84
CA ALA D 454 -3.32 -9.36 -33.83
C ALA D 454 -3.54 -10.78 -34.38
N GLU D 455 -2.85 -11.12 -35.46
CA GLU D 455 -2.94 -12.49 -35.98
C GLU D 455 -2.40 -13.50 -34.97
N TYR D 456 -1.31 -13.14 -34.28
CA TYR D 456 -0.65 -14.07 -33.36
C TYR D 456 -1.57 -14.49 -32.20
N ILE D 457 -2.30 -13.54 -31.61
CA ILE D 457 -3.22 -13.86 -30.52
C ILE D 457 -4.65 -14.03 -31.00
N GLY D 458 -4.91 -13.90 -32.29
CA GLY D 458 -6.23 -14.22 -32.83
C GLY D 458 -7.33 -13.22 -32.52
N VAL D 459 -7.05 -11.93 -32.61
CA VAL D 459 -8.03 -10.88 -32.39
C VAL D 459 -7.94 -9.90 -33.54
N SER D 460 -9.01 -9.14 -33.72
CA SER D 460 -8.96 -7.96 -34.57
C SER D 460 -8.16 -6.86 -33.90
N VAL D 461 -7.47 -6.07 -34.73
CA VAL D 461 -6.76 -4.90 -34.22
C VAL D 461 -7.71 -4.00 -33.47
N GLU D 462 -9.00 -4.02 -33.82
CA GLU D 462 -10.00 -3.19 -33.18
C GLU D 462 -10.64 -3.85 -31.97
N GLY D 463 -10.32 -5.10 -31.68
CA GLY D 463 -11.00 -5.82 -30.62
C GLY D 463 -12.29 -6.41 -31.15
N PRO D 464 -13.04 -7.13 -30.30
CA PRO D 464 -12.78 -7.34 -28.88
C PRO D 464 -11.49 -8.13 -28.65
N PHE D 465 -10.85 -7.87 -27.51
CA PHE D 465 -9.53 -8.41 -27.23
C PHE D 465 -9.57 -9.67 -26.37
N LYS D 466 -10.71 -9.99 -25.80
CA LYS D 466 -10.87 -11.12 -24.90
C LYS D 466 -12.13 -11.89 -25.25
N PRO D 467 -12.14 -13.20 -25.01
CA PRO D 467 -13.39 -13.95 -25.15
C PRO D 467 -14.37 -13.54 -24.07
N ASP D 468 -15.66 -13.87 -24.29
CA ASP D 468 -16.68 -13.47 -23.33
C ASP D 468 -16.48 -14.10 -21.96
N THR D 469 -15.78 -15.22 -21.90
CA THR D 469 -15.51 -15.89 -20.63
C THR D 469 -14.45 -15.18 -19.78
N TYR D 470 -13.70 -14.23 -20.31
CA TYR D 470 -12.59 -13.66 -19.57
C TYR D 470 -13.08 -12.86 -18.35
N ARG D 471 -12.38 -12.99 -17.21
CA ARG D 471 -12.88 -12.42 -15.97
C ARG D 471 -12.20 -11.12 -15.55
N TYR D 472 -11.10 -10.72 -16.21
CA TYR D 472 -10.34 -9.50 -15.85
C TYR D 472 -9.92 -9.52 -14.39
PA NAD E . -3.98 -12.52 -20.14
O1A NAD E . -4.82 -12.37 -18.95
O2A NAD E . -4.69 -12.79 -21.46
O5B NAD E . -3.11 -11.16 -20.27
C5B NAD E . -2.20 -10.85 -21.34
C4B NAD E . -2.44 -9.39 -21.60
O4B NAD E . -1.49 -8.90 -22.56
C3B NAD E . -3.83 -9.07 -22.19
O3B NAD E . -4.62 -8.31 -21.30
C2B NAD E . -3.53 -8.34 -23.50
O2B NAD E . -4.44 -7.28 -23.74
C1B NAD E . -2.11 -7.84 -23.24
N9A NAD E . -1.35 -7.57 -24.45
C8A NAD E . -1.30 -8.33 -25.58
N7A NAD E . -0.53 -7.84 -26.53
C5A NAD E . -0.05 -6.66 -25.97
C6A NAD E . 0.82 -5.68 -26.46
N6A NAD E . 1.37 -5.71 -27.68
N1A NAD E . 1.13 -4.63 -25.64
C2A NAD E . 0.57 -4.59 -24.43
N3A NAD E . -0.28 -5.46 -23.87
C4A NAD E . -0.55 -6.48 -24.69
O3 NAD E . -2.94 -13.71 -19.92
PN NAD E . -2.19 -14.06 -18.56
O1N NAD E . -2.98 -15.08 -17.84
O2N NAD E . -1.83 -12.79 -17.89
O5D NAD E . -0.88 -14.74 -19.13
C5D NAD E . 0.14 -13.96 -19.80
C4D NAD E . 1.29 -14.89 -20.15
O4D NAD E . 1.98 -15.31 -18.95
C3D NAD E . 0.89 -16.17 -20.87
O3D NAD E . 1.98 -16.53 -21.73
C2D NAD E . 0.79 -17.18 -19.72
O2D NAD E . 0.89 -18.50 -20.24
C1D NAD E . 2.00 -16.72 -18.89
N1N NAD E . 2.00 -17.12 -17.46
C2N NAD E . 3.19 -17.10 -16.81
C3N NAD E . 3.24 -17.42 -15.47
C7N NAD E . 4.54 -17.46 -14.71
O7N NAD E . 4.60 -18.10 -13.67
N7N NAD E . 5.62 -16.95 -15.29
C4N NAD E . 2.06 -17.70 -14.80
C5N NAD E . 0.85 -17.70 -15.48
C6N NAD E . 0.85 -17.42 -16.83
N9 ADE F . 4.49 -22.15 -12.71
C8 ADE F . 4.80 -21.02 -11.98
N7 ADE F . 5.46 -21.30 -10.86
C5 ADE F . 5.57 -22.69 -10.86
C6 ADE F . 6.14 -23.60 -9.95
N6 ADE F . 6.75 -23.22 -8.79
N1 ADE F . 6.06 -24.92 -10.26
C2 ADE F . 5.45 -25.28 -11.40
N3 ADE F . 4.88 -24.51 -12.32
C4 ADE F . 4.96 -23.22 -11.99
K K G . 8.80 -22.09 -5.53
P PO4 H . 20.34 5.25 -24.35
O1 PO4 H . 21.40 6.30 -24.52
O2 PO4 H . 20.75 4.31 -23.24
O3 PO4 H . 19.04 5.93 -24.02
O4 PO4 H . 20.13 4.52 -25.66
P PO4 I . 7.00 -37.68 1.78
O1 PO4 I . 8.18 -38.49 2.30
O2 PO4 I . 5.97 -38.59 1.16
O3 PO4 I . 7.57 -36.65 0.82
O4 PO4 I . 6.35 -36.99 2.98
P PO4 J . 1.62 -21.64 -14.43
O1 PO4 J . 2.17 -20.42 -13.72
O2 PO4 J . 0.64 -21.22 -15.51
O3 PO4 J . 0.97 -22.50 -13.34
O4 PO4 J . 2.77 -22.40 -15.02
C4 R8V K . -20.96 -11.25 -16.57
C5 R8V K . -21.98 -11.30 -17.53
C6 R8V K . -23.30 -11.52 -17.15
C7 R8V K . -23.63 -11.69 -15.79
C8 R8V K . -24.96 -11.95 -15.05
O R8V K . -26.05 -12.05 -15.53
N R8V K . -24.67 -12.06 -13.64
C R8V K . -25.64 -12.28 -12.57
C2 R8V K . -22.59 -11.65 -14.83
C1 R8V K . -23.23 -11.86 -13.44
O1 R8V K . -22.62 -12.98 -12.83
C3 R8V K . -21.25 -11.42 -15.22
C4 R8V L . -22.39 -25.47 4.24
C5 R8V L . -22.27 -26.83 3.95
C6 R8V L . -21.28 -27.28 3.07
C7 R8V L . -20.40 -26.36 2.47
C8 R8V L . -19.23 -26.54 1.47
O R8V L . -18.87 -27.58 1.03
N R8V L . -18.66 -25.23 1.18
C R8V L . -17.55 -24.95 0.28
C2 R8V L . -20.52 -25.01 2.75
C1 R8V L . -19.44 -24.26 1.94
O1 R8V L . -18.64 -23.54 2.84
C3 R8V L . -21.52 -24.56 3.64
C4 R8V M . -18.33 -13.39 -18.27
C5 R8V M . -19.34 -13.97 -19.07
C6 R8V M . -19.46 -15.36 -19.12
C7 R8V M . -18.58 -16.17 -18.37
C8 R8V M . -18.49 -17.69 -18.23
O R8V M . -19.18 -18.49 -18.77
N R8V M . -17.41 -17.99 -17.32
C R8V M . -16.97 -19.32 -16.93
C2 R8V M . -17.60 -15.59 -17.59
C1 R8V M . -16.81 -16.73 -16.92
O1 R8V M . -16.93 -16.44 -15.55
C3 R8V M . -17.46 -14.19 -17.54
H1 R8V M . -18.23 -12.31 -18.24
H2 R8V M . -20.00 -13.35 -19.63
H3 R8V M . -20.23 -15.81 -19.73
H4 R8V M . -17.82 -19.88 -16.54
H5 R8V M . -16.57 -19.84 -17.79
H6 R8V M . -16.20 -19.24 -16.17
H7 R8V M . -15.76 -16.77 -17.20
H8 R8V M . -16.20 -16.80 -15.10
H9 R8V M . -16.70 -13.73 -16.91
PA NAD N . 16.69 1.21 17.18
O1A NAD N . 16.25 2.28 16.28
O2A NAD N . 17.24 1.66 18.55
O5B NAD N . 15.42 0.25 17.43
C5B NAD N . 15.41 -0.97 18.19
C4B NAD N . 14.05 -0.96 18.84
O4B NAD N . 13.87 -2.17 19.61
C3B NAD N . 13.78 0.21 19.80
O3B NAD N . 12.73 1.05 19.33
C2B NAD N . 13.43 -0.47 21.14
O2B NAD N . 12.41 0.21 21.85
C1B NAD N . 12.99 -1.86 20.66
N9A NAD N . 13.08 -2.92 21.65
C8A NAD N . 14.10 -3.12 22.55
N7A NAD N . 13.89 -4.14 23.36
C5A NAD N . 12.66 -4.63 22.97
C6A NAD N . 11.86 -5.67 23.44
N6A NAD N . 12.23 -6.49 24.44
N1A NAD N . 10.67 -5.89 22.85
C2A NAD N . 10.31 -5.10 21.83
N3A NAD N . 10.97 -4.08 21.29
C4A NAD N . 12.14 -3.89 21.91
O3 NAD N . 17.80 0.34 16.45
PN NAD N . 17.90 -0.02 14.90
O1N NAD N . 16.53 -0.41 14.45
O2N NAD N . 18.61 1.05 14.17
O5D NAD N . 18.79 -1.33 14.93
C5D NAD N . 18.28 -2.52 15.56
C4D NAD N . 19.34 -3.58 15.43
O4D NAD N . 19.51 -3.91 14.03
C3D NAD N . 20.74 -3.19 15.93
O3D NAD N . 21.36 -4.39 16.36
C2D NAD N . 21.41 -2.69 14.64
O2D NAD N . 22.83 -2.75 14.73
C1D NAD N . 20.85 -3.73 13.67
N1N NAD N . 20.90 -3.36 12.24
C2N NAD N . 20.81 -4.36 11.35
C3N NAD N . 20.79 -4.09 9.99
C7N NAD N . 20.73 -5.21 9.00
O7N NAD N . 21.06 -5.00 7.82
N7N NAD N . 20.48 -6.45 9.46
C4N NAD N . 20.85 -2.76 9.58
C5N NAD N . 20.95 -1.74 10.52
C6N NAD N . 20.98 -2.06 11.85
N9 ADE O . 24.82 -4.15 5.99
C8 ADE O . 23.58 -4.45 5.45
N7 ADE O . 23.62 -4.82 4.19
C5 ADE O . 24.98 -4.75 3.87
C6 ADE O . 25.68 -5.01 2.68
N6 ADE O . 25.11 -5.39 1.53
N1 ADE O . 27.03 -4.83 2.71
C2 ADE O . 27.61 -4.44 3.86
N3 ADE O . 27.05 -4.16 5.04
C4 ADE O . 25.72 -4.34 4.98
K K P . 23.40 -6.84 -1.80
P PO4 Q . 36.66 -1.42 -11.71
O1 PO4 Q . 37.57 -0.43 -11.01
O2 PO4 Q . 35.64 -0.69 -12.57
O3 PO4 Q . 35.98 -2.29 -10.67
O4 PO4 Q . 37.41 -2.38 -12.59
P PO4 R . 2.10 -25.50 19.10
O1 PO4 R . 3.06 -25.43 20.28
O2 PO4 R . 2.85 -25.38 17.79
O3 PO4 R . 1.13 -24.35 19.27
O4 PO4 R . 1.36 -26.82 19.12
P PO4 S . 24.53 -1.96 8.52
O1 PO4 S . 25.41 -3.17 8.69
O2 PO4 S . 23.20 -2.40 7.95
O3 PO4 S . 25.10 -1.06 7.40
O4 PO4 S . 24.31 -1.24 9.83
P PO4 T . 19.72 26.25 9.99
O1 PO4 T . 21.13 25.92 10.43
O2 PO4 T . 19.65 27.71 9.57
O3 PO4 T . 18.76 25.93 11.11
O4 PO4 T . 19.36 25.39 8.81
C4 R8V U . 13.30 18.05 17.96
C5 R8V U . 13.52 18.80 19.13
C6 R8V U . 13.56 20.19 19.06
C7 R8V U . 13.38 20.86 17.83
C8 R8V U . 13.38 22.35 17.44
O R8V U . 13.54 23.28 18.18
N R8V U . 13.16 22.45 16.03
C R8V U . 13.08 23.69 15.28
C2 R8V U . 13.17 20.11 16.68
C1 R8V U . 13.02 21.11 15.51
O1 R8V U . 14.04 20.83 14.60
C3 R8V U . 13.12 18.70 16.75
C4 R8V V . 15.88 15.67 18.75
C5 R8V V . 16.62 16.35 19.73
C6 R8V V . 17.97 16.65 19.50
C7 R8V V . 18.59 16.26 18.30
C8 R8V V . 20.02 16.44 17.77
O R8V V . 20.91 16.97 18.34
N R8V V . 20.09 15.84 16.46
C R8V V . 21.27 15.79 15.61
C2 R8V V . 17.84 15.58 17.35
C1 R8V V . 18.77 15.31 16.14
O1 R8V V . 18.87 13.94 16.00
C3 R8V V . 16.48 15.29 17.56
H1 R8V V . 14.84 15.44 18.93
H2 R8V V . 16.15 16.65 20.65
H3 R8V V . 18.54 17.16 20.26
H4 R8V V . 21.73 16.77 15.57
H5 R8V V . 21.97 15.08 16.01
H6 R8V V . 20.98 15.50 14.61
H7 R8V V . 18.36 15.77 15.25
H8 R8V V . 18.90 13.71 15.07
H9 R8V V . 15.91 14.76 16.81
PA NAD W . 8.91 20.91 7.73
O1A NAD W . 9.11 19.57 8.34
O2A NAD W . 10.05 21.94 8.01
O5B NAD W . 8.71 20.72 6.15
C5B NAD W . 8.62 21.76 5.17
C4B NAD W . 9.42 21.26 3.99
O4B NAD W . 9.26 22.15 2.86
C3B NAD W . 10.94 21.15 4.23
O3B NAD W . 11.36 19.79 4.12
C2B NAD W . 11.55 22.08 3.18
O2B NAD W . 12.78 21.63 2.64
C1B NAD W . 10.45 22.11 2.12
N9A NAD W . 10.51 23.26 1.23
C8A NAD W . 10.75 24.57 1.58
N7A NAD W . 10.75 25.40 0.56
C5A NAD W . 10.50 24.59 -0.52
C6A NAD W . 10.36 24.87 -1.91
N6A NAD W . 10.52 26.08 -2.43
N1A NAD W . 10.07 23.83 -2.73
C2A NAD W . 9.94 22.60 -2.21
N3A NAD W . 10.07 22.22 -0.93
C4A NAD W . 10.34 23.27 -0.13
O3 NAD W . 7.56 21.59 8.23
PN NAD W . 6.18 20.83 8.51
O1N NAD W . 6.07 19.81 7.44
O2N NAD W . 6.16 20.39 9.93
O5D NAD W . 5.14 22.01 8.32
C5D NAD W . 4.93 22.59 7.01
C4D NAD W . 3.89 23.68 7.14
O4D NAD W . 2.60 23.09 7.44
C3D NAD W . 4.14 24.70 8.26
O3D NAD W . 3.59 25.95 7.86
C2D NAD W . 3.33 24.12 9.42
O2D NAD W . 3.00 25.11 10.39
C1D NAD W . 2.10 23.62 8.65
N1N NAD W . 1.30 22.57 9.33
C2N NAD W . 0.04 22.43 8.88
C3N NAD W . -0.77 21.45 9.42
C7N NAD W . -2.18 21.29 8.98
O7N NAD W . -2.97 20.70 9.71
N7N NAD W . -2.58 21.95 7.88
C4N NAD W . -0.24 20.60 10.40
C5N NAD W . 1.06 20.79 10.84
C6N NAD W . 1.83 21.79 10.29
N9 ADE X . -4.70 21.41 13.49
C8 ADE X . -4.98 20.44 12.54
N7 ADE X . -6.16 19.85 12.72
C5 ADE X . -6.67 20.48 13.84
C6 ADE X . -7.88 20.33 14.55
N6 ADE X . -8.82 19.43 14.22
N1 ADE X . -8.09 21.13 15.63
C2 ADE X . -7.14 22.02 15.96
N3 ADE X . -5.96 22.24 15.38
C4 ADE X . -5.78 21.45 14.32
K K Y . -11.66 16.82 13.04
P PO4 Z . -18.96 16.58 28.75
O1 PO4 Z . -18.12 17.17 29.86
O2 PO4 Z . -18.59 17.26 27.44
O3 PO4 Z . -20.44 16.81 28.96
O4 PO4 Z . -18.71 15.10 28.74
P PO4 AA . -1.40 21.81 13.94
O1 PO4 AA . 0.03 22.25 13.79
O2 PO4 AA . -1.78 20.79 12.89
O3 PO4 AA . -2.28 23.02 13.81
O4 PO4 AA . -1.69 21.10 15.27
P PO4 BA . -8.37 22.78 -35.03
O1 PO4 BA . -7.71 21.84 -34.03
O2 PO4 BA . -7.34 23.68 -35.66
O3 PO4 BA . -9.43 23.60 -34.33
O4 PO4 BA . -9.00 21.98 -36.12
P PO4 CA . 18.77 7.01 27.56
O1 PO4 CA . 19.43 6.11 28.56
O2 PO4 CA . 19.64 7.17 26.34
O3 PO4 CA . 18.53 8.37 28.20
O4 PO4 CA . 17.43 6.43 27.17
P PO4 DA . -2.87 24.85 -20.11
O1 PO4 DA . -1.83 23.76 -19.97
O2 PO4 DA . -2.22 26.15 -19.63
O3 PO4 DA . -4.08 24.52 -19.29
O4 PO4 DA . -3.27 25.00 -21.55
C4 R8V EA . 21.00 11.64 15.56
C5 R8V EA . 22.24 12.22 15.86
C6 R8V EA . 23.08 11.63 16.80
C7 R8V EA . 22.70 10.45 17.46
C8 R8V EA . 23.40 9.57 18.53
O R8V EA . 24.48 9.76 19.02
N R8V EA . 22.52 8.46 18.84
C R8V EA . 22.78 7.38 19.80
C2 R8V EA . 21.48 9.87 17.16
C1 R8V EA . 21.33 8.60 18.01
O1 R8V EA . 20.17 8.77 18.79
C3 R8V EA . 20.62 10.47 16.20
PA NAD FA . -21.35 -9.61 -5.09
O1A NAD FA . -22.28 -10.75 -5.32
O2A NAD FA . -20.18 -9.50 -6.05
O5B NAD FA . -20.79 -9.70 -3.56
C5B NAD FA . -21.63 -9.99 -2.41
C4B NAD FA . -20.81 -10.93 -1.59
O4B NAD FA . -21.41 -11.13 -0.30
C3B NAD FA . -20.63 -12.34 -2.20
O3B NAD FA . -19.27 -12.59 -2.53
C2B NAD FA . -21.20 -13.28 -1.14
O2B NAD FA . -20.47 -14.50 -1.06
C1B NAD FA . -21.07 -12.44 0.12
N9A NAD FA . -21.96 -12.82 1.21
C8A NAD FA . -23.28 -13.17 1.12
N7A NAD FA . -23.83 -13.49 2.26
C5A NAD FA . -22.79 -13.33 3.18
C6A NAD FA . -22.72 -13.54 4.56
N6A NAD FA . -23.76 -13.92 5.30
N1A NAD FA . -21.53 -13.34 5.16
C2A NAD FA . -20.49 -12.93 4.41
N3A NAD FA . -20.45 -12.69 3.10
C4A NAD FA . -21.63 -12.92 2.54
O3 NAD FA . -22.21 -8.27 -5.06
PN NAD FA . -21.68 -6.77 -5.15
O1N NAD FA . -21.64 -6.35 -6.58
O2N NAD FA . -20.45 -6.67 -4.33
O5D NAD FA . -22.85 -5.96 -4.43
C5D NAD FA . -23.11 -6.07 -3.01
C4D NAD FA . -24.27 -5.17 -2.66
O4D NAD FA . -23.87 -3.79 -2.79
C3D NAD FA . -25.49 -5.33 -3.57
O3D NAD FA . -26.63 -5.03 -2.77
C2D NAD FA . -25.26 -4.25 -4.62
O2D NAD FA . -26.49 -3.86 -5.22
C1D NAD FA . -24.72 -3.14 -3.71
N1N NAD FA . -23.95 -2.06 -4.39
C2N NAD FA . -23.82 -0.90 -3.71
C3N NAD FA . -23.05 0.12 -4.24
C7N NAD FA . -22.88 1.43 -3.51
O7N NAD FA . -22.51 2.43 -4.14
N7N NAD FA . -23.29 1.50 -2.25
C4N NAD FA . -22.40 -0.09 -5.45
C5N NAD FA . -22.56 -1.29 -6.13
C6N NAD FA . -23.36 -2.27 -5.58
N9 ADE GA . -24.33 4.78 -7.12
C8 ADE GA . -23.18 4.96 -6.39
N7 ADE GA . -22.73 6.21 -6.39
C5 ADE GA . -23.64 6.88 -7.18
C6 ADE GA . -23.73 8.22 -7.60
N6 ADE GA . -22.84 9.16 -7.25
N1 ADE GA . -24.77 8.57 -8.40
C2 ADE GA . -25.65 7.62 -8.77
N3 ADE GA . -25.67 6.33 -8.43
C4 ADE GA . -24.63 6.01 -7.64
S DMS HA . -34.78 -17.51 -24.64
O DMS HA . -35.04 -16.09 -24.22
C1 DMS HA . -36.31 -18.48 -24.46
C2 DMS HA . -33.71 -18.33 -23.43
K K IA . -20.29 12.00 -5.98
P PO4 JA . -19.29 -4.75 24.97
O1 PO4 JA . -19.14 -4.49 26.44
O2 PO4 JA . -19.09 -3.47 24.22
O3 PO4 JA . -20.68 -5.29 24.71
O4 PO4 JA . -18.29 -5.78 24.51
P PO4 KA . -24.54 22.41 -19.20
O1 PO4 KA . -23.07 22.48 -19.56
O2 PO4 KA . -25.01 23.82 -18.97
O3 PO4 KA . -24.73 21.64 -17.91
O4 PO4 KA . -25.39 21.78 -20.29
P PO4 LA . -24.58 1.68 -8.30
O1 PO4 LA . -23.38 1.94 -7.42
O2 PO4 LA . -24.88 0.20 -8.42
O3 PO4 LA . -24.17 2.28 -9.65
O4 PO4 LA . -25.78 2.39 -7.71
P PO4 MA . -11.81 -12.78 -29.08
O1 PO4 MA . -10.68 -12.13 -28.34
O2 PO4 MA . -11.41 -13.02 -30.52
O3 PO4 MA . -12.16 -14.10 -28.45
O4 PO4 MA . -13.02 -11.90 -29.05
C4 R8V NA . -13.49 -18.72 -17.48
C5 R8V NA . -13.93 -19.96 -17.97
C6 R8V NA . -13.45 -20.46 -19.18
C7 R8V NA . -12.50 -19.72 -19.93
C8 R8V NA . -11.78 -19.98 -21.27
O R8V NA . -11.92 -20.95 -21.97
N R8V NA . -10.91 -18.86 -21.53
C R8V NA . -10.04 -18.71 -22.69
C2 R8V NA . -12.06 -18.49 -19.43
C1 R8V NA . -11.02 -17.92 -20.43
O1 R8V NA . -11.46 -16.66 -20.89
C3 R8V NA . -12.54 -17.99 -18.20
#